data_7ZU6
# 
_entry.id   7ZU6 
# 
_audit_conform.dict_name       mmcif_pdbx.dic 
_audit_conform.dict_version    5.397 
_audit_conform.dict_location   http://mmcif.pdb.org/dictionaries/ascii/mmcif_pdbx.dic 
# 
loop_
_database_2.database_id 
_database_2.database_code 
_database_2.pdbx_database_accession 
_database_2.pdbx_DOI 
PDB   7ZU6         pdb_00007zu6 10.2210/pdb7zu6/pdb 
WWPDB D_1292122982 ?            ?                   
# 
loop_
_pdbx_audit_revision_history.ordinal 
_pdbx_audit_revision_history.data_content_type 
_pdbx_audit_revision_history.major_revision 
_pdbx_audit_revision_history.minor_revision 
_pdbx_audit_revision_history.revision_date 
1 'Structure model' 1 0 2023-05-24 
2 'Structure model' 1 1 2023-11-01 
3 'Structure model' 1 2 2023-12-13 
4 'Structure model' 1 3 2024-02-07 
5 'Structure model' 1 4 2024-10-23 
# 
_pdbx_audit_revision_details.ordinal             1 
_pdbx_audit_revision_details.revision_ordinal    1 
_pdbx_audit_revision_details.data_content_type   'Structure model' 
_pdbx_audit_revision_details.provider            repository 
_pdbx_audit_revision_details.type                'Initial release' 
_pdbx_audit_revision_details.description         ? 
_pdbx_audit_revision_details.details             ? 
# 
loop_
_pdbx_audit_revision_group.ordinal 
_pdbx_audit_revision_group.revision_ordinal 
_pdbx_audit_revision_group.data_content_type 
_pdbx_audit_revision_group.group 
1 2 'Structure model' 'Data collection'        
2 2 'Structure model' 'Database references'    
3 3 'Structure model' 'Database references'    
4 4 'Structure model' 'Refinement description' 
5 5 'Structure model' 'Structure summary'      
# 
loop_
_pdbx_audit_revision_category.ordinal 
_pdbx_audit_revision_category.revision_ordinal 
_pdbx_audit_revision_category.data_content_type 
_pdbx_audit_revision_category.category 
1 2 'Structure model' chem_comp_atom                
2 2 'Structure model' chem_comp_bond                
3 2 'Structure model' citation                      
4 2 'Structure model' citation_author               
5 3 'Structure model' citation                      
6 4 'Structure model' pdbx_initial_refinement_model 
7 5 'Structure model' pdbx_entry_details            
8 5 'Structure model' pdbx_modification_feature     
# 
loop_
_pdbx_audit_revision_item.ordinal 
_pdbx_audit_revision_item.revision_ordinal 
_pdbx_audit_revision_item.data_content_type 
_pdbx_audit_revision_item.item 
1  2 'Structure model' '_citation.country'                            
2  2 'Structure model' '_citation.journal_abbrev'                     
3  2 'Structure model' '_citation.journal_id_ASTM'                    
4  2 'Structure model' '_citation.journal_id_CSD'                     
5  2 'Structure model' '_citation.journal_id_ISSN'                    
6  2 'Structure model' '_citation.page_first'                         
7  2 'Structure model' '_citation.page_last'                          
8  2 'Structure model' '_citation.pdbx_database_id_DOI'               
9  2 'Structure model' '_citation.pdbx_database_id_PubMed'            
10 2 'Structure model' '_citation.title'                              
11 2 'Structure model' '_citation.year'                               
12 2 'Structure model' '_citation_author.identifier_ORCID'            
13 3 'Structure model' '_citation.journal_volume'                     
14 5 'Structure model' '_pdbx_entry_details.has_protein_modification' 
# 
_pdbx_database_status.status_code                     REL 
_pdbx_database_status.status_code_sf                  REL 
_pdbx_database_status.status_code_mr                  ? 
_pdbx_database_status.entry_id                        7ZU6 
_pdbx_database_status.recvd_initial_deposition_date   2022-05-11 
_pdbx_database_status.SG_entry                        N 
_pdbx_database_status.deposit_site                    PDBE 
_pdbx_database_status.process_site                    PDBE 
_pdbx_database_status.status_code_cs                  ? 
_pdbx_database_status.status_code_nmr_data            ? 
_pdbx_database_status.methods_development_category    ? 
_pdbx_database_status.pdb_format_compatible           N 
# 
loop_
_pdbx_contact_author.id 
_pdbx_contact_author.email 
_pdbx_contact_author.name_first 
_pdbx_contact_author.name_last 
_pdbx_contact_author.name_mi 
_pdbx_contact_author.role 
_pdbx_contact_author.identifier_ORCID 
4 gabriellatito@icloud.com   Tito      Gabriella ? 'principal investigator/group leader' 0000-0001-5682-3100 
5 antonello.merlino@unina.it Antonello Merlino   ? 'principal investigator/group leader' 0000-0002-1045-7720 
6 giarita.ferraro@unina.it   Giarita   Ferraro   ? 'principal investigator/group leader' 0000-0001-9385-2429 
# 
loop_
_audit_author.name 
_audit_author.pdbx_ordinal 
_audit_author.identifier_ORCID 
'Tito, G.'    1 ? 
'Merlino, A.' 2 ? 
'Ferraro, G.' 3 ? 
# 
_citation.abstract                  ? 
_citation.abstract_id_CAS           ? 
_citation.book_id_ISBN              ? 
_citation.book_publisher            ? 
_citation.book_publisher_city       ? 
_citation.book_title                ? 
_citation.coordinate_linkage        ? 
_citation.country                   GE 
_citation.database_id_Medline       ? 
_citation.details                   ? 
_citation.id                        primary 
_citation.journal_abbrev            Angew.Chem.Int.Ed.Engl. 
_citation.journal_id_ASTM           ACIEAY 
_citation.journal_id_CSD            0179 
_citation.journal_id_ISSN           1521-3773 
_citation.journal_full              ? 
_citation.journal_issue             ? 
_citation.journal_volume            62 
_citation.language                  ? 
_citation.page_first                e202310655 
_citation.page_last                 e202310655 
_citation.title                     
;Stabilization and Binding of [V 4 O 12 ] 4- and Unprecedented [V 20 O 54 (NO 3 )] n- to Lysozyme upon Loss of Ligands and Oxidation of the Potential Drug V IV O(acetylacetonato) 2.
;
_citation.year                      2023 
_citation.database_id_CSD           ? 
_citation.pdbx_database_id_DOI      10.1002/anie.202310655 
_citation.pdbx_database_id_PubMed   37768728 
_citation.pdbx_database_id_patent   ? 
_citation.unpublished_flag          ? 
# 
loop_
_citation_author.citation_id 
_citation_author.name 
_citation_author.ordinal 
_citation_author.identifier_ORCID 
primary 'Ferraro, G.'   1 ?                   
primary 'Tito, G.'      2 ?                   
primary 'Sciortino, G.' 3 ?                   
primary 'Garribba, E.'  4 0000-0002-7229-5966 
primary 'Merlino, A.'   5 0000-0002-1045-7720 
# 
loop_
_entity.id 
_entity.type 
_entity.src_method 
_entity.pdbx_description 
_entity.formula_weight 
_entity.pdbx_number_of_molecules 
_entity.pdbx_ec 
_entity.pdbx_mutation 
_entity.pdbx_fragment 
_entity.details 
1 polymer     nat Lysozyme                                              14331.160 1   3.2.1.17 ? ? ? 
2 non-polymer syn 'SODIUM ION'                                          22.990    1   ?        ? ? ? 
3 non-polymer syn '4-(2-HYDROXYETHYL)-1-PIPERAZINE ETHANESULFONIC ACID' 238.305   1   ?        ? ? ? 
4 non-polymer syn CYCLO-TETRAMETAVANADATE                               395.759   1   ?        ? ? ? 
5 non-polymer syn 'bis(oxidanyl)vanadium'                               84.956    1   ?        ? ? ? 
6 water       nat water                                                 18.015    178 ?        ? ? ? 
# 
_entity_poly.entity_id                      1 
_entity_poly.type                           'polypeptide(L)' 
_entity_poly.nstd_linkage                   no 
_entity_poly.nstd_monomer                   no 
_entity_poly.pdbx_seq_one_letter_code       
;KVFGRCELAAAMKRHGLDNYRGYSLGNWVCAAKFESNFNTQATNRNTDGSTDYGILQINSRWWCNDGRTPGSRNLCNIPC
SALLSSDITASVNCAKKIVSDGNGMNAWVAWRNRCKGTDVQAWIRGCRL
;
_entity_poly.pdbx_seq_one_letter_code_can   
;KVFGRCELAAAMKRHGLDNYRGYSLGNWVCAAKFESNFNTQATNRNTDGSTDYGILQINSRWWCNDGRTPGSRNLCNIPC
SALLSSDITASVNCAKKIVSDGNGMNAWVAWRNRCKGTDVQAWIRGCRL
;
_entity_poly.pdbx_strand_id                 AAA 
_entity_poly.pdbx_target_identifier         ? 
# 
loop_
_pdbx_entity_nonpoly.entity_id 
_pdbx_entity_nonpoly.name 
_pdbx_entity_nonpoly.comp_id 
2 'SODIUM ION'                                          NA  
3 '4-(2-HYDROXYETHYL)-1-PIPERAZINE ETHANESULFONIC ACID' EPE 
4 CYCLO-TETRAMETAVANADATE                               V4O 
5 'bis(oxidanyl)vanadium'                               VVB 
6 water                                                 HOH 
# 
loop_
_entity_poly_seq.entity_id 
_entity_poly_seq.num 
_entity_poly_seq.mon_id 
_entity_poly_seq.hetero 
1 1   LYS n 
1 2   VAL n 
1 3   PHE n 
1 4   GLY n 
1 5   ARG n 
1 6   CYS n 
1 7   GLU n 
1 8   LEU n 
1 9   ALA n 
1 10  ALA n 
1 11  ALA n 
1 12  MET n 
1 13  LYS n 
1 14  ARG n 
1 15  HIS n 
1 16  GLY n 
1 17  LEU n 
1 18  ASP n 
1 19  ASN n 
1 20  TYR n 
1 21  ARG n 
1 22  GLY n 
1 23  TYR n 
1 24  SER n 
1 25  LEU n 
1 26  GLY n 
1 27  ASN n 
1 28  TRP n 
1 29  VAL n 
1 30  CYS n 
1 31  ALA n 
1 32  ALA n 
1 33  LYS n 
1 34  PHE n 
1 35  GLU n 
1 36  SER n 
1 37  ASN n 
1 38  PHE n 
1 39  ASN n 
1 40  THR n 
1 41  GLN n 
1 42  ALA n 
1 43  THR n 
1 44  ASN n 
1 45  ARG n 
1 46  ASN n 
1 47  THR n 
1 48  ASP n 
1 49  GLY n 
1 50  SER n 
1 51  THR n 
1 52  ASP n 
1 53  TYR n 
1 54  GLY n 
1 55  ILE n 
1 56  LEU n 
1 57  GLN n 
1 58  ILE n 
1 59  ASN n 
1 60  SER n 
1 61  ARG n 
1 62  TRP n 
1 63  TRP n 
1 64  CYS n 
1 65  ASN n 
1 66  ASP n 
1 67  GLY n 
1 68  ARG n 
1 69  THR n 
1 70  PRO n 
1 71  GLY n 
1 72  SER n 
1 73  ARG n 
1 74  ASN n 
1 75  LEU n 
1 76  CYS n 
1 77  ASN n 
1 78  ILE n 
1 79  PRO n 
1 80  CYS n 
1 81  SER n 
1 82  ALA n 
1 83  LEU n 
1 84  LEU n 
1 85  SER n 
1 86  SER n 
1 87  ASP n 
1 88  ILE n 
1 89  THR n 
1 90  ALA n 
1 91  SER n 
1 92  VAL n 
1 93  ASN n 
1 94  CYS n 
1 95  ALA n 
1 96  LYS n 
1 97  LYS n 
1 98  ILE n 
1 99  VAL n 
1 100 SER n 
1 101 ASP n 
1 102 GLY n 
1 103 ASN n 
1 104 GLY n 
1 105 MET n 
1 106 ASN n 
1 107 ALA n 
1 108 TRP n 
1 109 VAL n 
1 110 ALA n 
1 111 TRP n 
1 112 ARG n 
1 113 ASN n 
1 114 ARG n 
1 115 CYS n 
1 116 LYS n 
1 117 GLY n 
1 118 THR n 
1 119 ASP n 
1 120 VAL n 
1 121 GLN n 
1 122 ALA n 
1 123 TRP n 
1 124 ILE n 
1 125 ARG n 
1 126 GLY n 
1 127 CYS n 
1 128 ARG n 
1 129 LEU n 
# 
_entity_src_nat.entity_id                  1 
_entity_src_nat.pdbx_src_id                1 
_entity_src_nat.pdbx_alt_source_flag       sample 
_entity_src_nat.pdbx_beg_seq_num           1 
_entity_src_nat.pdbx_end_seq_num           129 
_entity_src_nat.common_name                chicken 
_entity_src_nat.pdbx_organism_scientific   'Gallus gallus' 
_entity_src_nat.pdbx_ncbi_taxonomy_id      9031 
_entity_src_nat.genus                      ? 
_entity_src_nat.species                    ? 
_entity_src_nat.strain                     ? 
_entity_src_nat.tissue                     ? 
_entity_src_nat.tissue_fraction            ? 
_entity_src_nat.pdbx_secretion             ? 
_entity_src_nat.pdbx_fragment              ? 
_entity_src_nat.pdbx_variant               ? 
_entity_src_nat.pdbx_cell_line             ? 
_entity_src_nat.pdbx_atcc                  ? 
_entity_src_nat.pdbx_cellular_location     ? 
_entity_src_nat.pdbx_organ                 ? 
_entity_src_nat.pdbx_organelle             ? 
_entity_src_nat.pdbx_cell                  ? 
_entity_src_nat.pdbx_plasmid_name          ? 
_entity_src_nat.pdbx_plasmid_details       ? 
_entity_src_nat.details                    ? 
# 
loop_
_chem_comp.id 
_chem_comp.type 
_chem_comp.mon_nstd_flag 
_chem_comp.name 
_chem_comp.pdbx_synonyms 
_chem_comp.formula 
_chem_comp.formula_weight 
ALA 'L-peptide linking' y ALANINE                                               ?     'C3 H7 N O2'     89.093  
ARG 'L-peptide linking' y ARGININE                                              ?     'C6 H15 N4 O2 1' 175.209 
ASN 'L-peptide linking' y ASPARAGINE                                            ?     'C4 H8 N2 O3'    132.118 
ASP 'L-peptide linking' y 'ASPARTIC ACID'                                       ?     'C4 H7 N O4'     133.103 
CYS 'L-peptide linking' y CYSTEINE                                              ?     'C3 H7 N O2 S'   121.158 
EPE non-polymer         . '4-(2-HYDROXYETHYL)-1-PIPERAZINE ETHANESULFONIC ACID' HEPES 'C8 H18 N2 O4 S' 238.305 
GLN 'L-peptide linking' y GLUTAMINE                                             ?     'C5 H10 N2 O3'   146.144 
GLU 'L-peptide linking' y 'GLUTAMIC ACID'                                       ?     'C5 H9 N O4'     147.129 
GLY 'peptide linking'   y GLYCINE                                               ?     'C2 H5 N O2'     75.067  
HIS 'L-peptide linking' y HISTIDINE                                             ?     'C6 H10 N3 O2 1' 156.162 
HOH non-polymer         . WATER                                                 ?     'H2 O'           18.015  
ILE 'L-peptide linking' y ISOLEUCINE                                            ?     'C6 H13 N O2'    131.173 
LEU 'L-peptide linking' y LEUCINE                                               ?     'C6 H13 N O2'    131.173 
LYS 'L-peptide linking' y LYSINE                                                ?     'C6 H15 N2 O2 1' 147.195 
MET 'L-peptide linking' y METHIONINE                                            ?     'C5 H11 N O2 S'  149.211 
NA  non-polymer         . 'SODIUM ION'                                          ?     'Na 1'           22.990  
PHE 'L-peptide linking' y PHENYLALANINE                                         ?     'C9 H11 N O2'    165.189 
PRO 'L-peptide linking' y PROLINE                                               ?     'C5 H9 N O2'     115.130 
SER 'L-peptide linking' y SERINE                                                ?     'C3 H7 N O3'     105.093 
THR 'L-peptide linking' y THREONINE                                             ?     'C4 H9 N O3'     119.119 
TRP 'L-peptide linking' y TRYPTOPHAN                                            ?     'C11 H12 N2 O2'  204.225 
TYR 'L-peptide linking' y TYROSINE                                              ?     'C9 H11 N O3'    181.189 
V4O non-polymer         . CYCLO-TETRAMETAVANADATE                               ?     'O12 V4 -4'      395.759 
VAL 'L-peptide linking' y VALINE                                                ?     'C5 H11 N O2'    117.146 
VVB non-polymer         . 'bis(oxidanyl)vanadium'                               ?     'H2 O2 V'        84.956  
# 
loop_
_pdbx_poly_seq_scheme.asym_id 
_pdbx_poly_seq_scheme.entity_id 
_pdbx_poly_seq_scheme.seq_id 
_pdbx_poly_seq_scheme.mon_id 
_pdbx_poly_seq_scheme.ndb_seq_num 
_pdbx_poly_seq_scheme.pdb_seq_num 
_pdbx_poly_seq_scheme.auth_seq_num 
_pdbx_poly_seq_scheme.pdb_mon_id 
_pdbx_poly_seq_scheme.auth_mon_id 
_pdbx_poly_seq_scheme.pdb_strand_id 
_pdbx_poly_seq_scheme.pdb_ins_code 
_pdbx_poly_seq_scheme.hetero 
A 1 1   LYS 1   1   1   LYS LYS AAA . n 
A 1 2   VAL 2   2   2   VAL VAL AAA . n 
A 1 3   PHE 3   3   3   PHE PHE AAA . n 
A 1 4   GLY 4   4   4   GLY GLY AAA . n 
A 1 5   ARG 5   5   5   ARG ARG AAA . n 
A 1 6   CYS 6   6   6   CYS CYS AAA . n 
A 1 7   GLU 7   7   7   GLU GLU AAA . n 
A 1 8   LEU 8   8   8   LEU LEU AAA . n 
A 1 9   ALA 9   9   9   ALA ALA AAA . n 
A 1 10  ALA 10  10  10  ALA ALA AAA . n 
A 1 11  ALA 11  11  11  ALA ALA AAA . n 
A 1 12  MET 12  12  12  MET MET AAA . n 
A 1 13  LYS 13  13  13  LYS LYS AAA . n 
A 1 14  ARG 14  14  14  ARG ARG AAA . n 
A 1 15  HIS 15  15  15  HIS HIS AAA . n 
A 1 16  GLY 16  16  16  GLY GLY AAA . n 
A 1 17  LEU 17  17  17  LEU LEU AAA . n 
A 1 18  ASP 18  18  18  ASP ASP AAA . n 
A 1 19  ASN 19  19  19  ASN ASN AAA . n 
A 1 20  TYR 20  20  20  TYR TYR AAA . n 
A 1 21  ARG 21  21  21  ARG ARG AAA . n 
A 1 22  GLY 22  22  22  GLY GLY AAA . n 
A 1 23  TYR 23  23  23  TYR TYR AAA . n 
A 1 24  SER 24  24  24  SER SER AAA . n 
A 1 25  LEU 25  25  25  LEU LEU AAA . n 
A 1 26  GLY 26  26  26  GLY GLY AAA . n 
A 1 27  ASN 27  27  27  ASN ASN AAA . n 
A 1 28  TRP 28  28  28  TRP TRP AAA . n 
A 1 29  VAL 29  29  29  VAL VAL AAA . n 
A 1 30  CYS 30  30  30  CYS CYS AAA . n 
A 1 31  ALA 31  31  31  ALA ALA AAA . n 
A 1 32  ALA 32  32  32  ALA ALA AAA . n 
A 1 33  LYS 33  33  33  LYS LYS AAA . n 
A 1 34  PHE 34  34  34  PHE PHE AAA . n 
A 1 35  GLU 35  35  35  GLU GLU AAA . n 
A 1 36  SER 36  36  36  SER SER AAA . n 
A 1 37  ASN 37  37  37  ASN ASN AAA . n 
A 1 38  PHE 38  38  38  PHE PHE AAA . n 
A 1 39  ASN 39  39  39  ASN ASN AAA . n 
A 1 40  THR 40  40  40  THR THR AAA . n 
A 1 41  GLN 41  41  41  GLN GLN AAA . n 
A 1 42  ALA 42  42  42  ALA ALA AAA . n 
A 1 43  THR 43  43  43  THR THR AAA . n 
A 1 44  ASN 44  44  44  ASN ASN AAA . n 
A 1 45  ARG 45  45  45  ARG ARG AAA . n 
A 1 46  ASN 46  46  46  ASN ASN AAA . n 
A 1 47  THR 47  47  47  THR THR AAA . n 
A 1 48  ASP 48  48  48  ASP ASP AAA . n 
A 1 49  GLY 49  49  49  GLY GLY AAA . n 
A 1 50  SER 50  50  50  SER SER AAA . n 
A 1 51  THR 51  51  51  THR THR AAA . n 
A 1 52  ASP 52  52  52  ASP ASP AAA . n 
A 1 53  TYR 53  53  53  TYR TYR AAA . n 
A 1 54  GLY 54  54  54  GLY GLY AAA . n 
A 1 55  ILE 55  55  55  ILE ILE AAA . n 
A 1 56  LEU 56  56  56  LEU LEU AAA . n 
A 1 57  GLN 57  57  57  GLN GLN AAA . n 
A 1 58  ILE 58  58  58  ILE ILE AAA . n 
A 1 59  ASN 59  59  59  ASN ASN AAA . n 
A 1 60  SER 60  60  60  SER SER AAA . n 
A 1 61  ARG 61  61  61  ARG ARG AAA . n 
A 1 62  TRP 62  62  62  TRP TRP AAA . n 
A 1 63  TRP 63  63  63  TRP TRP AAA . n 
A 1 64  CYS 64  64  64  CYS CYS AAA . n 
A 1 65  ASN 65  65  65  ASN ASN AAA . n 
A 1 66  ASP 66  66  66  ASP ASP AAA . n 
A 1 67  GLY 67  67  67  GLY GLY AAA . n 
A 1 68  ARG 68  68  68  ARG ARG AAA . n 
A 1 69  THR 69  69  69  THR THR AAA . n 
A 1 70  PRO 70  70  70  PRO PRO AAA . n 
A 1 71  GLY 71  71  71  GLY GLY AAA . n 
A 1 72  SER 72  72  72  SER SER AAA . n 
A 1 73  ARG 73  73  73  ARG ARG AAA . n 
A 1 74  ASN 74  74  74  ASN ASN AAA . n 
A 1 75  LEU 75  75  75  LEU LEU AAA . n 
A 1 76  CYS 76  76  76  CYS CYS AAA . n 
A 1 77  ASN 77  77  77  ASN ASN AAA . n 
A 1 78  ILE 78  78  78  ILE ILE AAA . n 
A 1 79  PRO 79  79  79  PRO PRO AAA . n 
A 1 80  CYS 80  80  80  CYS CYS AAA . n 
A 1 81  SER 81  81  81  SER SER AAA . n 
A 1 82  ALA 82  82  82  ALA ALA AAA . n 
A 1 83  LEU 83  83  83  LEU LEU AAA . n 
A 1 84  LEU 84  84  84  LEU LEU AAA . n 
A 1 85  SER 85  85  85  SER SER AAA . n 
A 1 86  SER 86  86  86  SER SER AAA . n 
A 1 87  ASP 87  87  87  ASP ASP AAA . n 
A 1 88  ILE 88  88  88  ILE ILE AAA . n 
A 1 89  THR 89  89  89  THR THR AAA . n 
A 1 90  ALA 90  90  90  ALA ALA AAA . n 
A 1 91  SER 91  91  91  SER SER AAA . n 
A 1 92  VAL 92  92  92  VAL VAL AAA . n 
A 1 93  ASN 93  93  93  ASN ASN AAA . n 
A 1 94  CYS 94  94  94  CYS CYS AAA . n 
A 1 95  ALA 95  95  95  ALA ALA AAA . n 
A 1 96  LYS 96  96  96  LYS LYS AAA . n 
A 1 97  LYS 97  97  97  LYS LYS AAA . n 
A 1 98  ILE 98  98  98  ILE ILE AAA . n 
A 1 99  VAL 99  99  99  VAL VAL AAA . n 
A 1 100 SER 100 100 100 SER SER AAA . n 
A 1 101 ASP 101 101 101 ASP ASP AAA . n 
A 1 102 GLY 102 102 102 GLY GLY AAA . n 
A 1 103 ASN 103 103 103 ASN ASN AAA . n 
A 1 104 GLY 104 104 104 GLY GLY AAA . n 
A 1 105 MET 105 105 105 MET MET AAA . n 
A 1 106 ASN 106 106 106 ASN ASN AAA . n 
A 1 107 ALA 107 107 107 ALA ALA AAA . n 
A 1 108 TRP 108 108 108 TRP TRP AAA . n 
A 1 109 VAL 109 109 109 VAL VAL AAA . n 
A 1 110 ALA 110 110 110 ALA ALA AAA . n 
A 1 111 TRP 111 111 111 TRP TRP AAA . n 
A 1 112 ARG 112 112 112 ARG ARG AAA . n 
A 1 113 ASN 113 113 113 ASN ASN AAA . n 
A 1 114 ARG 114 114 114 ARG ARG AAA . n 
A 1 115 CYS 115 115 115 CYS CYS AAA . n 
A 1 116 LYS 116 116 116 LYS LYS AAA . n 
A 1 117 GLY 117 117 117 GLY GLY AAA . n 
A 1 118 THR 118 118 118 THR THR AAA . n 
A 1 119 ASP 119 119 119 ASP ASP AAA . n 
A 1 120 VAL 120 120 120 VAL VAL AAA . n 
A 1 121 GLN 121 121 121 GLN GLN AAA . n 
A 1 122 ALA 122 122 122 ALA ALA AAA . n 
A 1 123 TRP 123 123 123 TRP TRP AAA . n 
A 1 124 ILE 124 124 124 ILE ILE AAA . n 
A 1 125 ARG 125 125 125 ARG ARG AAA . n 
A 1 126 GLY 126 126 126 GLY GLY AAA . n 
A 1 127 CYS 127 127 127 CYS CYS AAA . n 
A 1 128 ARG 128 128 128 ARG ARG AAA . n 
A 1 129 LEU 129 129 129 LEU LEU AAA . n 
# 
loop_
_pdbx_entity_instance_feature.ordinal 
_pdbx_entity_instance_feature.comp_id 
_pdbx_entity_instance_feature.asym_id 
_pdbx_entity_instance_feature.seq_num 
_pdbx_entity_instance_feature.auth_comp_id 
_pdbx_entity_instance_feature.auth_asym_id 
_pdbx_entity_instance_feature.auth_seq_num 
_pdbx_entity_instance_feature.feature_type 
_pdbx_entity_instance_feature.details 
1 VVB ? ? VVB ? ? 'SUBJECT OF INVESTIGATION' ? 
2 V4O ? ? V4O ? ? 'SUBJECT OF INVESTIGATION' ? 
# 
loop_
_pdbx_nonpoly_scheme.asym_id 
_pdbx_nonpoly_scheme.entity_id 
_pdbx_nonpoly_scheme.mon_id 
_pdbx_nonpoly_scheme.ndb_seq_num 
_pdbx_nonpoly_scheme.pdb_seq_num 
_pdbx_nonpoly_scheme.auth_seq_num 
_pdbx_nonpoly_scheme.pdb_mon_id 
_pdbx_nonpoly_scheme.auth_mon_id 
_pdbx_nonpoly_scheme.pdb_strand_id 
_pdbx_nonpoly_scheme.pdb_ins_code 
B 2 NA  1   201 131 NA  NA  AAA . 
C 3 EPE 1   202 133 EPE EPE AAA . 
D 4 V4O 1   203 1   V4O V4O AAA . 
E 5 VVB 1   204 2   VVB VVB AAA . 
F 6 HOH 1   301 72  HOH HOH AAA . 
F 6 HOH 2   302 43  HOH HOH AAA . 
F 6 HOH 3   303 45  HOH HOH AAA . 
F 6 HOH 4   304 119 HOH HOH AAA . 
F 6 HOH 5   305 1   HOH HOH AAA . 
F 6 HOH 6   306 4   HOH HOH AAA . 
F 6 HOH 7   307 117 HOH HOH AAA . 
F 6 HOH 8   308 122 HOH HOH AAA . 
F 6 HOH 9   309 51  HOH HOH AAA . 
F 6 HOH 10  310 30  HOH HOH AAA . 
F 6 HOH 11  311 168 HOH HOH AAA . 
F 6 HOH 12  312 105 HOH HOH AAA . 
F 6 HOH 13  313 116 HOH HOH AAA . 
F 6 HOH 14  314 183 HOH HOH AAA . 
F 6 HOH 15  315 24  HOH HOH AAA . 
F 6 HOH 16  316 87  HOH HOH AAA . 
F 6 HOH 17  317 32  HOH HOH AAA . 
F 6 HOH 18  318 169 HOH HOH AAA . 
F 6 HOH 19  319 152 HOH HOH AAA . 
F 6 HOH 20  320 141 HOH HOH AAA . 
F 6 HOH 21  321 56  HOH HOH AAA . 
F 6 HOH 22  322 186 HOH HOH AAA . 
F 6 HOH 23  323 61  HOH HOH AAA . 
F 6 HOH 24  324 6   HOH HOH AAA . 
F 6 HOH 25  325 161 HOH HOH AAA . 
F 6 HOH 26  326 138 HOH HOH AAA . 
F 6 HOH 27  327 86  HOH HOH AAA . 
F 6 HOH 28  328 157 HOH HOH AAA . 
F 6 HOH 29  329 109 HOH HOH AAA . 
F 6 HOH 30  330 50  HOH HOH AAA . 
F 6 HOH 31  331 89  HOH HOH AAA . 
F 6 HOH 32  332 55  HOH HOH AAA . 
F 6 HOH 33  333 190 HOH HOH AAA . 
F 6 HOH 34  334 158 HOH HOH AAA . 
F 6 HOH 35  335 64  HOH HOH AAA . 
F 6 HOH 36  336 129 HOH HOH AAA . 
F 6 HOH 37  337 47  HOH HOH AAA . 
F 6 HOH 38  338 57  HOH HOH AAA . 
F 6 HOH 39  339 13  HOH HOH AAA . 
F 6 HOH 40  340 71  HOH HOH AAA . 
F 6 HOH 41  341 17  HOH HOH AAA . 
F 6 HOH 42  342 15  HOH HOH AAA . 
F 6 HOH 43  343 94  HOH HOH AAA . 
F 6 HOH 44  344 185 HOH HOH AAA . 
F 6 HOH 45  345 106 HOH HOH AAA . 
F 6 HOH 46  346 191 HOH HOH AAA . 
F 6 HOH 47  347 143 HOH HOH AAA . 
F 6 HOH 48  348 85  HOH HOH AAA . 
F 6 HOH 49  349 97  HOH HOH AAA . 
F 6 HOH 50  350 76  HOH HOH AAA . 
F 6 HOH 51  351 22  HOH HOH AAA . 
F 6 HOH 52  352 65  HOH HOH AAA . 
F 6 HOH 53  353 58  HOH HOH AAA . 
F 6 HOH 54  354 38  HOH HOH AAA . 
F 6 HOH 55  355 41  HOH HOH AAA . 
F 6 HOH 56  356 2   HOH HOH AAA . 
F 6 HOH 57  357 178 HOH HOH AAA . 
F 6 HOH 58  358 59  HOH HOH AAA . 
F 6 HOH 59  359 92  HOH HOH AAA . 
F 6 HOH 60  360 164 HOH HOH AAA . 
F 6 HOH 61  361 167 HOH HOH AAA . 
F 6 HOH 62  362 189 HOH HOH AAA . 
F 6 HOH 63  363 7   HOH HOH AAA . 
F 6 HOH 64  364 18  HOH HOH AAA . 
F 6 HOH 65  365 52  HOH HOH AAA . 
F 6 HOH 66  366 91  HOH HOH AAA . 
F 6 HOH 67  367 23  HOH HOH AAA . 
F 6 HOH 68  368 63  HOH HOH AAA . 
F 6 HOH 69  369 11  HOH HOH AAA . 
F 6 HOH 70  370 28  HOH HOH AAA . 
F 6 HOH 71  371 26  HOH HOH AAA . 
F 6 HOH 72  372 16  HOH HOH AAA . 
F 6 HOH 73  373 9   HOH HOH AAA . 
F 6 HOH 74  374 74  HOH HOH AAA . 
F 6 HOH 75  375 100 HOH HOH AAA . 
F 6 HOH 76  376 27  HOH HOH AAA . 
F 6 HOH 77  377 114 HOH HOH AAA . 
F 6 HOH 78  378 192 HOH HOH AAA . 
F 6 HOH 79  379 104 HOH HOH AAA . 
F 6 HOH 80  380 10  HOH HOH AAA . 
F 6 HOH 81  381 60  HOH HOH AAA . 
F 6 HOH 82  382 95  HOH HOH AAA . 
F 6 HOH 83  383 165 HOH HOH AAA . 
F 6 HOH 84  384 79  HOH HOH AAA . 
F 6 HOH 85  385 36  HOH HOH AAA . 
F 6 HOH 86  386 25  HOH HOH AAA . 
F 6 HOH 87  387 39  HOH HOH AAA . 
F 6 HOH 88  388 31  HOH HOH AAA . 
F 6 HOH 89  389 149 HOH HOH AAA . 
F 6 HOH 90  390 159 HOH HOH AAA . 
F 6 HOH 91  391 108 HOH HOH AAA . 
F 6 HOH 92  392 120 HOH HOH AAA . 
F 6 HOH 93  393 35  HOH HOH AAA . 
F 6 HOH 94  394 44  HOH HOH AAA . 
F 6 HOH 95  395 110 HOH HOH AAA . 
F 6 HOH 96  396 83  HOH HOH AAA . 
F 6 HOH 97  397 49  HOH HOH AAA . 
F 6 HOH 98  398 102 HOH HOH AAA . 
F 6 HOH 99  399 93  HOH HOH AAA . 
F 6 HOH 100 400 166 HOH HOH AAA . 
F 6 HOH 101 401 78  HOH HOH AAA . 
F 6 HOH 102 402 29  HOH HOH AAA . 
F 6 HOH 103 403 20  HOH HOH AAA . 
F 6 HOH 104 404 148 HOH HOH AAA . 
F 6 HOH 105 405 155 HOH HOH AAA . 
F 6 HOH 106 406 80  HOH HOH AAA . 
F 6 HOH 107 407 37  HOH HOH AAA . 
F 6 HOH 108 408 113 HOH HOH AAA . 
F 6 HOH 109 409 48  HOH HOH AAA . 
F 6 HOH 110 410 42  HOH HOH AAA . 
F 6 HOH 111 411 140 HOH HOH AAA . 
F 6 HOH 112 412 21  HOH HOH AAA . 
F 6 HOH 113 413 112 HOH HOH AAA . 
F 6 HOH 114 414 118 HOH HOH AAA . 
F 6 HOH 115 415 126 HOH HOH AAA . 
F 6 HOH 116 416 107 HOH HOH AAA . 
F 6 HOH 117 417 90  HOH HOH AAA . 
F 6 HOH 118 418 184 HOH HOH AAA . 
F 6 HOH 119 419 187 HOH HOH AAA . 
F 6 HOH 120 420 73  HOH HOH AAA . 
F 6 HOH 121 421 81  HOH HOH AAA . 
F 6 HOH 122 422 173 HOH HOH AAA . 
F 6 HOH 123 423 54  HOH HOH AAA . 
F 6 HOH 124 424 124 HOH HOH AAA . 
F 6 HOH 125 425 154 HOH HOH AAA . 
F 6 HOH 126 426 174 HOH HOH AAA . 
F 6 HOH 127 427 136 HOH HOH AAA . 
F 6 HOH 128 428 156 HOH HOH AAA . 
F 6 HOH 129 429 134 HOH HOH AAA . 
F 6 HOH 130 430 67  HOH HOH AAA . 
F 6 HOH 131 431 180 HOH HOH AAA . 
F 6 HOH 132 432 12  HOH HOH AAA . 
F 6 HOH 133 433 171 HOH HOH AAA . 
F 6 HOH 134 434 132 HOH HOH AAA . 
F 6 HOH 135 435 196 HOH HOH AAA . 
F 6 HOH 136 436 195 HOH HOH AAA . 
F 6 HOH 137 437 137 HOH HOH AAA . 
F 6 HOH 138 438 14  HOH HOH AAA . 
F 6 HOH 139 439 163 HOH HOH AAA . 
F 6 HOH 140 440 8   HOH HOH AAA . 
F 6 HOH 141 441 125 HOH HOH AAA . 
F 6 HOH 142 442 5   HOH HOH AAA . 
F 6 HOH 143 443 194 HOH HOH AAA . 
F 6 HOH 144 444 62  HOH HOH AAA . 
F 6 HOH 145 445 197 HOH HOH AAA . 
F 6 HOH 146 446 130 HOH HOH AAA . 
F 6 HOH 147 447 135 HOH HOH AAA . 
F 6 HOH 148 448 147 HOH HOH AAA . 
F 6 HOH 149 449 103 HOH HOH AAA . 
F 6 HOH 150 450 46  HOH HOH AAA . 
F 6 HOH 151 451 181 HOH HOH AAA . 
F 6 HOH 152 452 170 HOH HOH AAA . 
F 6 HOH 153 453 193 HOH HOH AAA . 
F 6 HOH 154 454 66  HOH HOH AAA . 
F 6 HOH 155 455 128 HOH HOH AAA . 
F 6 HOH 156 456 188 HOH HOH AAA . 
F 6 HOH 157 457 139 HOH HOH AAA . 
F 6 HOH 158 458 172 HOH HOH AAA . 
F 6 HOH 159 459 3   HOH HOH AAA . 
F 6 HOH 160 460 160 HOH HOH AAA . 
F 6 HOH 161 461 69  HOH HOH AAA . 
F 6 HOH 162 462 121 HOH HOH AAA . 
F 6 HOH 163 463 99  HOH HOH AAA . 
F 6 HOH 164 464 127 HOH HOH AAA . 
F 6 HOH 165 465 162 HOH HOH AAA . 
F 6 HOH 166 466 68  HOH HOH AAA . 
F 6 HOH 167 467 182 HOH HOH AAA . 
F 6 HOH 168 468 77  HOH HOH AAA . 
F 6 HOH 169 469 115 HOH HOH AAA . 
F 6 HOH 170 470 75  HOH HOH AAA . 
F 6 HOH 171 471 133 HOH HOH AAA . 
F 6 HOH 172 472 96  HOH HOH AAA . 
F 6 HOH 173 473 101 HOH HOH AAA . 
F 6 HOH 174 474 70  HOH HOH AAA . 
F 6 HOH 175 475 123 HOH HOH AAA . 
F 6 HOH 176 476 131 HOH HOH AAA . 
F 6 HOH 177 477 84  HOH HOH AAA . 
F 6 HOH 178 478 111 HOH HOH AAA . 
# 
loop_
_software.citation_id 
_software.classification 
_software.compiler_name 
_software.compiler_version 
_software.contact_author 
_software.contact_author_email 
_software.date 
_software.description 
_software.dependencies 
_software.hardware 
_software.language 
_software.location 
_software.mods 
_software.name 
_software.os 
_software.os_version 
_software.type 
_software.version 
_software.pdbx_ordinal 
? refinement       ? ? ? ? ? ? ? ? ? ? ? REFMAC   ? ? ? 5.8.0267 1 
? 'data reduction' ? ? ? ? ? ? ? ? ? ? ? autoPROC ? ? ? .        2 
? 'data scaling'   ? ? ? ? ? ? ? ? ? ? ? autoPROC ? ? ? .        3 
? phasing          ? ? ? ? ? ? ? ? ? ? ? PHASER   ? ? ? .        4 
# 
_cell.angle_alpha                  90.000 
_cell.angle_alpha_esd              ? 
_cell.angle_beta                   90.000 
_cell.angle_beta_esd               ? 
_cell.angle_gamma                  90.000 
_cell.angle_gamma_esd              ? 
_cell.entry_id                     7ZU6 
_cell.details                      ? 
_cell.formula_units_Z              ? 
_cell.length_a                     77.050 
_cell.length_a_esd                 ? 
_cell.length_b                     77.050 
_cell.length_b_esd                 ? 
_cell.length_c                     37.840 
_cell.length_c_esd                 ? 
_cell.volume                       ? 
_cell.volume_esd                   ? 
_cell.Z_PDB                        8 
_cell.reciprocal_angle_alpha       ? 
_cell.reciprocal_angle_beta        ? 
_cell.reciprocal_angle_gamma       ? 
_cell.reciprocal_angle_alpha_esd   ? 
_cell.reciprocal_angle_beta_esd    ? 
_cell.reciprocal_angle_gamma_esd   ? 
_cell.reciprocal_length_a          ? 
_cell.reciprocal_length_b          ? 
_cell.reciprocal_length_c          ? 
_cell.reciprocal_length_a_esd      ? 
_cell.reciprocal_length_b_esd      ? 
_cell.reciprocal_length_c_esd      ? 
_cell.pdbx_unique_axis             ? 
_cell.pdbx_esd_method              ? 
# 
_symmetry.entry_id                         7ZU6 
_symmetry.cell_setting                     ? 
_symmetry.Int_Tables_number                96 
_symmetry.space_group_name_Hall            ? 
_symmetry.space_group_name_H-M             'P 43 21 2' 
_symmetry.pdbx_full_space_group_name_H-M   ? 
# 
_exptl.absorpt_coefficient_mu     ? 
_exptl.absorpt_correction_T_max   ? 
_exptl.absorpt_correction_T_min   ? 
_exptl.absorpt_correction_type    ? 
_exptl.absorpt_process_details    ? 
_exptl.entry_id                   7ZU6 
_exptl.crystals_number            1 
_exptl.details                    ? 
_exptl.method                     'X-RAY DIFFRACTION' 
_exptl.method_details             ? 
# 
_exptl_crystal.colour                       ? 
_exptl_crystal.density_diffrn               ? 
_exptl_crystal.density_Matthews             1.96 
_exptl_crystal.density_method               ? 
_exptl_crystal.density_percent_sol          37.23 
_exptl_crystal.description                  ? 
_exptl_crystal.F_000                        ? 
_exptl_crystal.id                           1 
_exptl_crystal.preparation                  ? 
_exptl_crystal.size_max                     ? 
_exptl_crystal.size_mid                     ? 
_exptl_crystal.size_min                     ? 
_exptl_crystal.size_rad                     ? 
_exptl_crystal.colour_lustre                ? 
_exptl_crystal.colour_modifier              ? 
_exptl_crystal.colour_primary               ? 
_exptl_crystal.density_meas                 ? 
_exptl_crystal.density_meas_esd             ? 
_exptl_crystal.density_meas_gt              ? 
_exptl_crystal.density_meas_lt              ? 
_exptl_crystal.density_meas_temp            ? 
_exptl_crystal.density_meas_temp_esd        ? 
_exptl_crystal.density_meas_temp_gt         ? 
_exptl_crystal.density_meas_temp_lt         ? 
_exptl_crystal.pdbx_crystal_image_url       ? 
_exptl_crystal.pdbx_crystal_image_format    ? 
_exptl_crystal.pdbx_mosaicity               ? 
_exptl_crystal.pdbx_mosaicity_esd           ? 
_exptl_crystal.pdbx_mosaic_method           ? 
_exptl_crystal.pdbx_mosaic_block_size       ? 
_exptl_crystal.pdbx_mosaic_block_size_esd   ? 
# 
_exptl_crystal_grow.apparatus       ? 
_exptl_crystal_grow.atmosphere      ? 
_exptl_crystal_grow.crystal_id      1 
_exptl_crystal_grow.details         ? 
_exptl_crystal_grow.method          'VAPOR DIFFUSION, HANGING DROP' 
_exptl_crystal_grow.method_ref      ? 
_exptl_crystal_grow.pH              7.5 
_exptl_crystal_grow.pressure        ? 
_exptl_crystal_grow.pressure_esd    ? 
_exptl_crystal_grow.seeding         ? 
_exptl_crystal_grow.seeding_ref     ? 
_exptl_crystal_grow.temp            293 
_exptl_crystal_grow.temp_details    ? 
_exptl_crystal_grow.temp_esd        ? 
_exptl_crystal_grow.time            ? 
_exptl_crystal_grow.pdbx_details    
;2.0 M sodium formate
0.1 M hepes buffer pH 7.5
;
_exptl_crystal_grow.pdbx_pH_range   ? 
# 
_diffrn.ambient_environment              ? 
_diffrn.ambient_temp                     100 
_diffrn.ambient_temp_details             ? 
_diffrn.ambient_temp_esd                 ? 
_diffrn.crystal_id                       1 
_diffrn.crystal_support                  ? 
_diffrn.crystal_treatment                ? 
_diffrn.details                          ? 
_diffrn.id                               1 
_diffrn.ambient_pressure                 ? 
_diffrn.ambient_pressure_esd             ? 
_diffrn.ambient_pressure_gt              ? 
_diffrn.ambient_pressure_lt              ? 
_diffrn.ambient_temp_gt                  ? 
_diffrn.ambient_temp_lt                  ? 
_diffrn.pdbx_serial_crystal_experiment   N 
# 
_diffrn_detector.details                      ? 
_diffrn_detector.detector                     PIXEL 
_diffrn_detector.diffrn_id                    1 
_diffrn_detector.type                         'DECTRIS PILATUS 6M' 
_diffrn_detector.area_resol_mean              ? 
_diffrn_detector.dtime                        ? 
_diffrn_detector.pdbx_frames_total            ? 
_diffrn_detector.pdbx_collection_time_total   ? 
_diffrn_detector.pdbx_collection_date         2022-03-04 
_diffrn_detector.pdbx_frequency               ? 
# 
_diffrn_radiation.collimation                      ? 
_diffrn_radiation.diffrn_id                        1 
_diffrn_radiation.filter_edge                      ? 
_diffrn_radiation.inhomogeneity                    ? 
_diffrn_radiation.monochromator                    ? 
_diffrn_radiation.polarisn_norm                    ? 
_diffrn_radiation.polarisn_ratio                   ? 
_diffrn_radiation.probe                            ? 
_diffrn_radiation.type                             ? 
_diffrn_radiation.xray_symbol                      ? 
_diffrn_radiation.wavelength_id                    1 
_diffrn_radiation.pdbx_monochromatic_or_laue_m_l   M 
_diffrn_radiation.pdbx_wavelength_list             ? 
_diffrn_radiation.pdbx_wavelength                  ? 
_diffrn_radiation.pdbx_diffrn_protocol             'SINGLE WAVELENGTH' 
_diffrn_radiation.pdbx_analyzer                    ? 
_diffrn_radiation.pdbx_scattering_type             x-ray 
# 
_diffrn_radiation_wavelength.id           1 
_diffrn_radiation_wavelength.wavelength   0.96 
_diffrn_radiation_wavelength.wt           1.0 
# 
_diffrn_source.current                     ? 
_diffrn_source.details                     ? 
_diffrn_source.diffrn_id                   1 
_diffrn_source.power                       ? 
_diffrn_source.size                        ? 
_diffrn_source.source                      SYNCHROTRON 
_diffrn_source.target                      ? 
_diffrn_source.type                        'ELETTRA BEAMLINE 11.2C' 
_diffrn_source.voltage                     ? 
_diffrn_source.take-off_angle              ? 
_diffrn_source.pdbx_wavelength_list        0.96 
_diffrn_source.pdbx_wavelength             ? 
_diffrn_source.pdbx_synchrotron_beamline   11.2C 
_diffrn_source.pdbx_synchrotron_site       ELETTRA 
# 
_reflns.B_iso_Wilson_estimate                          ? 
_reflns.entry_id                                       7ZU6 
_reflns.data_reduction_details                         ? 
_reflns.data_reduction_method                          ? 
_reflns.d_resolution_high                              1.18 
_reflns.d_resolution_low                               38.52 
_reflns.details                                        ? 
_reflns.limit_h_max                                    ? 
_reflns.limit_h_min                                    ? 
_reflns.limit_k_max                                    ? 
_reflns.limit_k_min                                    ? 
_reflns.limit_l_max                                    ? 
_reflns.limit_l_min                                    ? 
_reflns.number_all                                     ? 
_reflns.number_obs                                     37733 
_reflns.observed_criterion                             ? 
_reflns.observed_criterion_F_max                       ? 
_reflns.observed_criterion_F_min                       ? 
_reflns.observed_criterion_I_max                       ? 
_reflns.observed_criterion_I_min                       ? 
_reflns.observed_criterion_sigma_F                     ? 
_reflns.observed_criterion_sigma_I                     ? 
_reflns.percent_possible_obs                           99.9 
_reflns.R_free_details                                 ? 
_reflns.Rmerge_F_all                                   ? 
_reflns.Rmerge_F_obs                                   ? 
_reflns.Friedel_coverage                               ? 
_reflns.number_gt                                      ? 
_reflns.threshold_expression                           ? 
_reflns.pdbx_redundancy                                18.0 
_reflns.pdbx_Rmerge_I_obs                              0.055 
_reflns.pdbx_Rmerge_I_all                              ? 
_reflns.pdbx_Rsym_value                                ? 
_reflns.pdbx_netI_over_av_sigmaI                       ? 
_reflns.pdbx_netI_over_sigmaI                          24.1 
_reflns.pdbx_res_netI_over_av_sigmaI_2                 ? 
_reflns.pdbx_res_netI_over_sigmaI_2                    ? 
_reflns.pdbx_chi_squared                               ? 
_reflns.pdbx_scaling_rejects                           ? 
_reflns.pdbx_d_res_high_opt                            ? 
_reflns.pdbx_d_res_low_opt                             ? 
_reflns.pdbx_d_res_opt_method                          ? 
_reflns.phase_calculation_details                      ? 
_reflns.pdbx_Rrim_I_all                                ? 
_reflns.pdbx_Rpim_I_all                                ? 
_reflns.pdbx_d_opt                                     ? 
_reflns.pdbx_number_measured_all                       ? 
_reflns.pdbx_diffrn_id                                 1 
_reflns.pdbx_ordinal                                   1 
_reflns.pdbx_CC_half                                   0.999 
_reflns.pdbx_CC_star                                   ? 
_reflns.pdbx_R_split                                   ? 
_reflns.pdbx_aniso_diffraction_limit_axis_1_ortho[1]   ? 
_reflns.pdbx_aniso_diffraction_limit_axis_1_ortho[2]   ? 
_reflns.pdbx_aniso_diffraction_limit_axis_1_ortho[3]   ? 
_reflns.pdbx_aniso_diffraction_limit_axis_2_ortho[1]   ? 
_reflns.pdbx_aniso_diffraction_limit_axis_2_ortho[2]   ? 
_reflns.pdbx_aniso_diffraction_limit_axis_2_ortho[3]   ? 
_reflns.pdbx_aniso_diffraction_limit_axis_3_ortho[1]   ? 
_reflns.pdbx_aniso_diffraction_limit_axis_3_ortho[2]   ? 
_reflns.pdbx_aniso_diffraction_limit_axis_3_ortho[3]   ? 
_reflns.pdbx_aniso_diffraction_limit_1                 ? 
_reflns.pdbx_aniso_diffraction_limit_2                 ? 
_reflns.pdbx_aniso_diffraction_limit_3                 ? 
_reflns.pdbx_aniso_B_tensor_eigenvector_1_ortho[1]     ? 
_reflns.pdbx_aniso_B_tensor_eigenvector_1_ortho[2]     ? 
_reflns.pdbx_aniso_B_tensor_eigenvector_1_ortho[3]     ? 
_reflns.pdbx_aniso_B_tensor_eigenvector_2_ortho[1]     ? 
_reflns.pdbx_aniso_B_tensor_eigenvector_2_ortho[2]     ? 
_reflns.pdbx_aniso_B_tensor_eigenvector_2_ortho[3]     ? 
_reflns.pdbx_aniso_B_tensor_eigenvector_3_ortho[1]     ? 
_reflns.pdbx_aniso_B_tensor_eigenvector_3_ortho[2]     ? 
_reflns.pdbx_aniso_B_tensor_eigenvector_3_ortho[3]     ? 
_reflns.pdbx_aniso_B_tensor_eigenvalue_1               ? 
_reflns.pdbx_aniso_B_tensor_eigenvalue_2               ? 
_reflns.pdbx_aniso_B_tensor_eigenvalue_3               ? 
_reflns.pdbx_orthogonalization_convention              ? 
_reflns.pdbx_percent_possible_ellipsoidal              ? 
_reflns.pdbx_percent_possible_spherical                ? 
_reflns.pdbx_percent_possible_ellipsoidal_anomalous    ? 
_reflns.pdbx_percent_possible_spherical_anomalous      ? 
_reflns.pdbx_redundancy_anomalous                      ? 
_reflns.pdbx_CC_half_anomalous                         ? 
_reflns.pdbx_absDiff_over_sigma_anomalous              ? 
_reflns.pdbx_percent_possible_anomalous                ? 
_reflns.pdbx_observed_signal_threshold                 ? 
_reflns.pdbx_signal_type                               ? 
_reflns.pdbx_signal_details                            ? 
_reflns.pdbx_signal_software_id                        ? 
_reflns.pdbx_CC_split_method                           ? 
# 
_reflns_shell.d_res_high                                    1.18 
_reflns_shell.d_res_low                                     1.20 
_reflns_shell.meanI_over_sigI_all                           ? 
_reflns_shell.meanI_over_sigI_obs                           2.3 
_reflns_shell.number_measured_all                           ? 
_reflns_shell.number_measured_obs                           ? 
_reflns_shell.number_possible                               ? 
_reflns_shell.number_unique_all                             ? 
_reflns_shell.number_unique_obs                             1844 
_reflns_shell.percent_possible_all                          100 
_reflns_shell.percent_possible_obs                          ? 
_reflns_shell.Rmerge_F_all                                  ? 
_reflns_shell.Rmerge_F_obs                                  ? 
_reflns_shell.Rmerge_I_all                                  ? 
_reflns_shell.Rmerge_I_obs                                  0.872 
_reflns_shell.meanI_over_sigI_gt                            ? 
_reflns_shell.meanI_over_uI_all                             ? 
_reflns_shell.meanI_over_uI_gt                              ? 
_reflns_shell.number_measured_gt                            ? 
_reflns_shell.number_unique_gt                              ? 
_reflns_shell.percent_possible_gt                           ? 
_reflns_shell.Rmerge_F_gt                                   ? 
_reflns_shell.Rmerge_I_gt                                   ? 
_reflns_shell.pdbx_redundancy                               8.8 
_reflns_shell.pdbx_Rsym_value                               ? 
_reflns_shell.pdbx_chi_squared                              ? 
_reflns_shell.pdbx_netI_over_sigmaI_all                     ? 
_reflns_shell.pdbx_netI_over_sigmaI_obs                     ? 
_reflns_shell.pdbx_Rrim_I_all                               ? 
_reflns_shell.pdbx_Rpim_I_all                               ? 
_reflns_shell.pdbx_rejects                                  ? 
_reflns_shell.pdbx_ordinal                                  1 
_reflns_shell.pdbx_diffrn_id                                1 
_reflns_shell.pdbx_CC_half                                  0.847 
_reflns_shell.pdbx_CC_star                                  ? 
_reflns_shell.pdbx_R_split                                  ? 
_reflns_shell.pdbx_percent_possible_ellipsoidal             ? 
_reflns_shell.pdbx_percent_possible_spherical               ? 
_reflns_shell.pdbx_percent_possible_ellipsoidal_anomalous   ? 
_reflns_shell.pdbx_percent_possible_spherical_anomalous     ? 
_reflns_shell.pdbx_redundancy_anomalous                     ? 
_reflns_shell.pdbx_CC_half_anomalous                        ? 
_reflns_shell.pdbx_absDiff_over_sigma_anomalous             ? 
_reflns_shell.pdbx_percent_possible_anomalous               ? 
# 
_refine.aniso_B[1][1]                            -0.004 
_refine.aniso_B[1][2]                            0.000 
_refine.aniso_B[1][3]                            0.000 
_refine.aniso_B[2][2]                            -0.004 
_refine.aniso_B[2][3]                            0.000 
_refine.aniso_B[3][3]                            0.009 
_refine.B_iso_max                                ? 
_refine.B_iso_mean                               18.152 
_refine.B_iso_min                                ? 
_refine.correlation_coeff_Fo_to_Fc               0.975 
_refine.correlation_coeff_Fo_to_Fc_free          0.964 
_refine.details                                  'Hydrogens have been added in their riding positions' 
_refine.diff_density_max                         ? 
_refine.diff_density_max_esd                     ? 
_refine.diff_density_min                         ? 
_refine.diff_density_min_esd                     ? 
_refine.diff_density_rms                         ? 
_refine.diff_density_rms_esd                     ? 
_refine.entry_id                                 7ZU6 
_refine.pdbx_refine_id                           'X-RAY DIFFRACTION' 
_refine.ls_abs_structure_details                 ? 
_refine.ls_abs_structure_Flack                   ? 
_refine.ls_abs_structure_Flack_esd               ? 
_refine.ls_abs_structure_Rogers                  ? 
_refine.ls_abs_structure_Rogers_esd              ? 
_refine.ls_d_res_high                            1.183 
_refine.ls_d_res_low                             38.52 
_refine.ls_extinction_coef                       ? 
_refine.ls_extinction_coef_esd                   ? 
_refine.ls_extinction_expression                 ? 
_refine.ls_extinction_method                     ? 
_refine.ls_goodness_of_fit_all                   ? 
_refine.ls_goodness_of_fit_all_esd               ? 
_refine.ls_goodness_of_fit_obs                   ? 
_refine.ls_goodness_of_fit_obs_esd               ? 
_refine.ls_hydrogen_treatment                    ? 
_refine.ls_matrix_type                           ? 
_refine.ls_number_constraints                    ? 
_refine.ls_number_parameters                     ? 
_refine.ls_number_reflns_all                     ? 
_refine.ls_number_reflns_obs                     36335 
_refine.ls_number_reflns_R_free                  1755 
_refine.ls_number_reflns_R_work                  34580 
_refine.ls_number_restraints                     ? 
_refine.ls_percent_reflns_obs                    96.285 
_refine.ls_percent_reflns_R_free                 4.830 
_refine.ls_R_factor_all                          0.172 
_refine.ls_R_factor_obs                          ? 
_refine.ls_R_factor_R_free                       0.1961 
_refine.ls_R_factor_R_free_error                 ? 
_refine.ls_R_factor_R_free_error_details         ? 
_refine.ls_R_factor_R_work                       0.1707 
_refine.ls_R_Fsqd_factor_obs                     ? 
_refine.ls_R_I_factor_obs                        ? 
_refine.ls_redundancy_reflns_all                 ? 
_refine.ls_redundancy_reflns_obs                 ? 
_refine.ls_restrained_S_all                      ? 
_refine.ls_restrained_S_obs                      ? 
_refine.ls_shift_over_esd_max                    ? 
_refine.ls_shift_over_esd_mean                   ? 
_refine.ls_structure_factor_coef                 ? 
_refine.ls_weighting_details                     ? 
_refine.ls_weighting_scheme                      ? 
_refine.ls_wR_factor_all                         ? 
_refine.ls_wR_factor_obs                         ? 
_refine.ls_wR_factor_R_free                      ? 
_refine.ls_wR_factor_R_work                      ? 
_refine.occupancy_max                            ? 
_refine.occupancy_min                            ? 
_refine.solvent_model_details                    'MASK BULK SOLVENT' 
_refine.solvent_model_param_bsol                 ? 
_refine.solvent_model_param_ksol                 ? 
_refine.pdbx_R_complete                          ? 
_refine.ls_R_factor_gt                           ? 
_refine.ls_goodness_of_fit_gt                    ? 
_refine.ls_goodness_of_fit_ref                   ? 
_refine.ls_shift_over_su_max                     ? 
_refine.ls_shift_over_su_max_lt                  ? 
_refine.ls_shift_over_su_mean                    ? 
_refine.ls_shift_over_su_mean_lt                 ? 
_refine.pdbx_ls_sigma_I                          ? 
_refine.pdbx_ls_sigma_F                          ? 
_refine.pdbx_ls_sigma_Fsqd                       ? 
_refine.pdbx_data_cutoff_high_absF               ? 
_refine.pdbx_data_cutoff_high_rms_absF           ? 
_refine.pdbx_data_cutoff_low_absF                ? 
_refine.pdbx_isotropic_thermal_model             ? 
_refine.pdbx_ls_cross_valid_method               'FREE R-VALUE' 
_refine.pdbx_method_to_determine_struct          'MOLECULAR REPLACEMENT' 
_refine.pdbx_starting_model                      193l 
_refine.pdbx_stereochemistry_target_values       ? 
_refine.pdbx_R_Free_selection_details            ? 
_refine.pdbx_stereochem_target_val_spec_case     ? 
_refine.pdbx_overall_ESU_R                       0.044 
_refine.pdbx_overall_ESU_R_Free                  0.046 
_refine.pdbx_solvent_vdw_probe_radii             1.200 
_refine.pdbx_solvent_ion_probe_radii             0.800 
_refine.pdbx_solvent_shrinkage_radii             0.800 
_refine.pdbx_real_space_R                        ? 
_refine.pdbx_density_correlation                 ? 
_refine.pdbx_pd_number_of_powder_patterns        ? 
_refine.pdbx_pd_number_of_points                 ? 
_refine.pdbx_pd_meas_number_of_points            ? 
_refine.pdbx_pd_proc_ls_prof_R_factor            ? 
_refine.pdbx_pd_proc_ls_prof_wR_factor           ? 
_refine.pdbx_pd_Marquardt_correlation_coeff      ? 
_refine.pdbx_pd_Fsqrd_R_factor                   ? 
_refine.pdbx_pd_ls_matrix_band_width             ? 
_refine.pdbx_overall_phase_error                 ? 
_refine.pdbx_overall_SU_R_free_Cruickshank_DPI   ? 
_refine.pdbx_overall_SU_R_free_Blow_DPI          ? 
_refine.pdbx_overall_SU_R_Blow_DPI               ? 
_refine.pdbx_TLS_residual_ADP_flag               ? 
_refine.pdbx_diffrn_id                           1 
_refine.overall_SU_B                             0.730 
_refine.overall_SU_ML                            0.033 
_refine.overall_SU_R_Cruickshank_DPI             ? 
_refine.overall_SU_R_free                        ? 
_refine.overall_FOM_free_R_set                   ? 
_refine.overall_FOM_work_R_set                   ? 
_refine.pdbx_average_fsc_overall                 ? 
_refine.pdbx_average_fsc_work                    ? 
_refine.pdbx_average_fsc_free                    ? 
# 
_refine_hist.pdbx_refine_id                   'X-RAY DIFFRACTION' 
_refine_hist.cycle_id                         LAST 
_refine_hist.pdbx_number_atoms_protein        1001 
_refine_hist.pdbx_number_atoms_nucleic_acid   0 
_refine_hist.pdbx_number_atoms_ligand         35 
_refine_hist.number_atoms_solvent             178 
_refine_hist.number_atoms_total               1214 
_refine_hist.d_res_high                       1.183 
_refine_hist.d_res_low                        38.52 
# 
loop_
_refine_ls_restr.pdbx_refine_id 
_refine_ls_restr.criterion 
_refine_ls_restr.dev_ideal 
_refine_ls_restr.dev_ideal_target 
_refine_ls_restr.number 
_refine_ls_restr.rejects 
_refine_ls_restr.type 
_refine_ls_restr.weight 
_refine_ls_restr.pdbx_restraint_function 
'X-RAY DIFFRACTION' ? 0.019  0.013  1148 ? r_bond_refined_d               ? ? 
'X-RAY DIFFRACTION' ? 0.001  0.014  1041 ? r_bond_other_d                 ? ? 
'X-RAY DIFFRACTION' ? 2.095  1.664  1568 ? r_angle_refined_deg            ? ? 
'X-RAY DIFFRACTION' ? 1.644  1.597  2384 ? r_angle_other_deg              ? ? 
'X-RAY DIFFRACTION' ? 6.473  5.000  146  ? r_dihedral_angle_1_deg         ? ? 
'X-RAY DIFFRACTION' ? 32.526 20.441 68   ? r_dihedral_angle_2_deg         ? ? 
'X-RAY DIFFRACTION' ? 15.321 15.000 187  ? r_dihedral_angle_3_deg         ? ? 
'X-RAY DIFFRACTION' ? 18.277 15.000 13   ? r_dihedral_angle_4_deg         ? ? 
'X-RAY DIFFRACTION' ? 0.113  0.200  141  ? r_chiral_restr                 ? ? 
'X-RAY DIFFRACTION' ? 0.010  0.020  1364 ? r_gen_planes_refined           ? ? 
'X-RAY DIFFRACTION' ? 0.001  0.020  314  ? r_gen_planes_other             ? ? 
'X-RAY DIFFRACTION' ? 0.239  0.200  269  ? r_nbd_refined                  ? ? 
'X-RAY DIFFRACTION' ? 0.202  0.200  1001 ? r_symmetry_nbd_other           ? ? 
'X-RAY DIFFRACTION' ? 0.177  0.200  572  ? r_nbtor_refined                ? ? 
'X-RAY DIFFRACTION' ? 0.083  0.200  555  ? r_symmetry_nbtor_other         ? ? 
'X-RAY DIFFRACTION' ? 0.155  0.200  90   ? r_xyhbond_nbd_refined          ? ? 
'X-RAY DIFFRACTION' ? 0.108  0.200  3    ? r_metal_ion_refined            ? ? 
'X-RAY DIFFRACTION' ? 0.253  0.200  21   ? r_symmetry_nbd_refined         ? ? 
'X-RAY DIFFRACTION' ? 0.206  0.200  63   ? r_nbd_other                    ? ? 
'X-RAY DIFFRACTION' ? 0.215  0.200  47   ? r_symmetry_xyhbond_nbd_refined ? ? 
'X-RAY DIFFRACTION' ? 0.054  0.200  1    ? r_xyhbond_nbd_other            ? ? 
'X-RAY DIFFRACTION' ? 1.435  1.532  559  ? r_mcbond_it                    ? ? 
'X-RAY DIFFRACTION' ? 1.423  1.531  559  ? r_mcbond_other                 ? ? 
'X-RAY DIFFRACTION' ? 2.134  2.309  714  ? r_mcangle_it                   ? ? 
'X-RAY DIFFRACTION' ? 2.141  2.313  715  ? r_mcangle_other                ? ? 
'X-RAY DIFFRACTION' ? 2.784  1.935  588  ? r_scbond_it                    ? ? 
'X-RAY DIFFRACTION' ? 2.723  1.904  568  ? r_scbond_other                 ? ? 
'X-RAY DIFFRACTION' ? 4.226  2.788  854  ? r_scangle_it                   ? ? 
'X-RAY DIFFRACTION' ? 4.166  2.738  830  ? r_scangle_other                ? ? 
'X-RAY DIFFRACTION' ? 5.991  20.135 1413 ? r_lrange_it                    ? ? 
'X-RAY DIFFRACTION' ? 5.792  19.290 1371 ? r_lrange_other                 ? ? 
# 
loop_
_refine_ls_shell.pdbx_refine_id 
_refine_ls_shell.d_res_high 
_refine_ls_shell.d_res_low 
_refine_ls_shell.number_reflns_all 
_refine_ls_shell.number_reflns_obs 
_refine_ls_shell.number_reflns_R_free 
_refine_ls_shell.number_reflns_R_work 
_refine_ls_shell.percent_reflns_obs 
_refine_ls_shell.percent_reflns_R_free 
_refine_ls_shell.R_factor_all 
_refine_ls_shell.R_factor_obs 
_refine_ls_shell.R_factor_R_free 
_refine_ls_shell.R_factor_R_free_error 
_refine_ls_shell.R_factor_R_work 
_refine_ls_shell.redundancy_reflns_all 
_refine_ls_shell.redundancy_reflns_obs 
_refine_ls_shell.wR_factor_all 
_refine_ls_shell.wR_factor_obs 
_refine_ls_shell.wR_factor_R_free 
_refine_ls_shell.wR_factor_R_work 
_refine_ls_shell.pdbx_R_complete 
_refine_ls_shell.pdbx_total_number_of_bins_used 
_refine_ls_shell.pdbx_phase_error 
_refine_ls_shell.pdbx_fsc_work 
_refine_ls_shell.pdbx_fsc_free 
'X-RAY DIFFRACTION' 1.183 1.214 . . 86  1806 69.0511  . . . 0.284 . 0.272 . . . . . . . . . . . 
'X-RAY DIFFRACTION' 1.214 1.247 . . 99  2098 82.9370  . . . 0.291 . 0.263 . . . . . . . . . . . 
'X-RAY DIFFRACTION' 1.247 1.283 . . 128 2410 97.3159  . . . 0.252 . 0.240 . . . . . . . . . . . 
'X-RAY DIFFRACTION' 1.322 1.366 . . 124 2327 100.0000 . . . 0.267 . 0.219 . . . . . . . . . . . 
'X-RAY DIFFRACTION' 1.366 1.414 . . 108 2269 100.0000 . . . 0.252 . 0.207 . . . . . . . . . . . 
'X-RAY DIFFRACTION' 1.414 1.467 . . 105 2180 100.0000 . . . 0.217 . 0.196 . . . . . . . . . . . 
'X-RAY DIFFRACTION' 1.467 1.527 . . 124 2105 99.9104  . . . 0.199 . 0.184 . . . . . . . . . . . 
'X-RAY DIFFRACTION' 1.527 1.595 . . 113 2019 100.0000 . . . 0.215 . 0.171 . . . . . . . . . . . 
'X-RAY DIFFRACTION' 1.595 1.672 . . 102 1931 100.0000 . . . 0.187 . 0.166 . . . . . . . . . . . 
'X-RAY DIFFRACTION' 1.672 1.762 . . 91  1858 100.0000 . . . 0.177 . 0.173 . . . . . . . . . . . 
'X-RAY DIFFRACTION' 1.762 1.869 . . 90  1761 99.9460  . . . 0.184 . 0.167 . . . . . . . . . . . 
'X-RAY DIFFRACTION' 1.998 2.157 . . 76  1540 99.9382  . . . 0.168 . 0.154 . . . . . . . . . . . 
'X-RAY DIFFRACTION' 2.157 2.363 . . 68  1447 99.8682  . . . 0.167 . 0.147 . . . . . . . . . . . 
'X-RAY DIFFRACTION' 2.363 2.640 . . 56  1308 100.0000 . . . 0.165 . 0.147 . . . . . . . . . . . 
'X-RAY DIFFRACTION' 2.640 3.046 . . 67  1165 100.0000 . . . 0.231 . 0.164 . . . . . . . . . . . 
'X-RAY DIFFRACTION' 3.046 3.725 . . 44  1011 100.0000 . . . 0.183 . 0.147 . . . . . . . . . . . 
'X-RAY DIFFRACTION' 3.725 5.244 . . 43  793  99.7613  . . . 0.164 . 0.142 . . . . . . . . . . . 
# 
_struct.entry_id                     7ZU6 
_struct.title                        
'Polyoxidovanadate interaction with proteins: crystal structure of lysozyme bound to tetra-vanadate ion (structure 1)' 
_struct.pdbx_model_details           ? 
_struct.pdbx_formula_weight          ? 
_struct.pdbx_formula_weight_method   ? 
_struct.pdbx_model_type_details      ? 
_struct.pdbx_CASP_flag               N 
# 
_struct_keywords.entry_id        7ZU6 
_struct_keywords.text            'protein, vanadium, metallodrug, polyoxidovanadate ions, interaction, HYDROLASE' 
_struct_keywords.pdbx_keywords   HYDROLASE 
# 
loop_
_struct_asym.id 
_struct_asym.pdbx_blank_PDB_chainid_flag 
_struct_asym.pdbx_modified 
_struct_asym.entity_id 
_struct_asym.details 
A N N 1 ? 
B N N 2 ? 
C N N 3 ? 
D N N 4 ? 
E N N 5 ? 
F N N 6 ? 
# 
_struct_ref.id                         1 
_struct_ref.db_name                    UNP 
_struct_ref.db_code                    LYSC_CHICK 
_struct_ref.pdbx_db_accession          P00698 
_struct_ref.pdbx_db_isoform            ? 
_struct_ref.entity_id                  1 
_struct_ref.pdbx_seq_one_letter_code   
;KVFGRCELAAAMKRHGLDNYRGYSLGNWVCAAKFESNFNTQATNRNTDGSTDYGILQINSRWWCNDGRTPGSRNLCNIPC
SALLSSDITASVNCAKKIVSDGNGMNAWVAWRNRCKGTDVQAWIRGCRL
;
_struct_ref.pdbx_align_begin           19 
# 
_struct_ref_seq.align_id                      1 
_struct_ref_seq.ref_id                        1 
_struct_ref_seq.pdbx_PDB_id_code              7ZU6 
_struct_ref_seq.pdbx_strand_id                AAA 
_struct_ref_seq.seq_align_beg                 1 
_struct_ref_seq.pdbx_seq_align_beg_ins_code   ? 
_struct_ref_seq.seq_align_end                 129 
_struct_ref_seq.pdbx_seq_align_end_ins_code   ? 
_struct_ref_seq.pdbx_db_accession             P00698 
_struct_ref_seq.db_align_beg                  19 
_struct_ref_seq.pdbx_db_align_beg_ins_code    ? 
_struct_ref_seq.db_align_end                  147 
_struct_ref_seq.pdbx_db_align_end_ins_code    ? 
_struct_ref_seq.pdbx_auth_seq_align_beg       1 
_struct_ref_seq.pdbx_auth_seq_align_end       129 
# 
_pdbx_struct_assembly.id                   1 
_pdbx_struct_assembly.details              author_and_software_defined_assembly 
_pdbx_struct_assembly.method_details       PISA 
_pdbx_struct_assembly.oligomeric_details   monomeric 
_pdbx_struct_assembly.oligomeric_count     1 
# 
loop_
_pdbx_struct_assembly_prop.biol_id 
_pdbx_struct_assembly_prop.type 
_pdbx_struct_assembly_prop.value 
_pdbx_struct_assembly_prop.details 
1 'ABSA (A^2)' 840  ? 
1 MORE         -10  ? 
1 'SSA (A^2)'  6630 ? 
# 
_pdbx_struct_assembly_gen.assembly_id       1 
_pdbx_struct_assembly_gen.oper_expression   1 
_pdbx_struct_assembly_gen.asym_id_list      A,B,C,D,E,F 
# 
_pdbx_struct_assembly_auth_evidence.id                     1 
_pdbx_struct_assembly_auth_evidence.assembly_id            1 
_pdbx_struct_assembly_auth_evidence.experimental_support   none 
_pdbx_struct_assembly_auth_evidence.details                ? 
# 
_pdbx_struct_oper_list.id                   1 
_pdbx_struct_oper_list.type                 'identity operation' 
_pdbx_struct_oper_list.name                 1_555 
_pdbx_struct_oper_list.symmetry_operation   x,y,z 
_pdbx_struct_oper_list.matrix[1][1]         1.0000000000 
_pdbx_struct_oper_list.matrix[1][2]         0.0000000000 
_pdbx_struct_oper_list.matrix[1][3]         0.0000000000 
_pdbx_struct_oper_list.vector[1]            0.0000000000 
_pdbx_struct_oper_list.matrix[2][1]         0.0000000000 
_pdbx_struct_oper_list.matrix[2][2]         1.0000000000 
_pdbx_struct_oper_list.matrix[2][3]         0.0000000000 
_pdbx_struct_oper_list.vector[2]            0.0000000000 
_pdbx_struct_oper_list.matrix[3][1]         0.0000000000 
_pdbx_struct_oper_list.matrix[3][2]         0.0000000000 
_pdbx_struct_oper_list.matrix[3][3]         1.0000000000 
_pdbx_struct_oper_list.vector[3]            0.0000000000 
# 
loop_
_struct_conf.conf_type_id 
_struct_conf.id 
_struct_conf.pdbx_PDB_helix_id 
_struct_conf.beg_label_comp_id 
_struct_conf.beg_label_asym_id 
_struct_conf.beg_label_seq_id 
_struct_conf.pdbx_beg_PDB_ins_code 
_struct_conf.end_label_comp_id 
_struct_conf.end_label_asym_id 
_struct_conf.end_label_seq_id 
_struct_conf.pdbx_end_PDB_ins_code 
_struct_conf.beg_auth_comp_id 
_struct_conf.beg_auth_asym_id 
_struct_conf.beg_auth_seq_id 
_struct_conf.end_auth_comp_id 
_struct_conf.end_auth_asym_id 
_struct_conf.end_auth_seq_id 
_struct_conf.pdbx_PDB_helix_class 
_struct_conf.details 
_struct_conf.pdbx_PDB_helix_length 
HELX_P HELX_P1 AA1 GLY A 4   ? HIS A 15  ? GLY AAA 4   HIS AAA 15  1 ? 12 
HELX_P HELX_P2 AA2 ASN A 19  ? TYR A 23  ? ASN AAA 19  TYR AAA 23  5 ? 5  
HELX_P HELX_P3 AA3 SER A 24  ? ASN A 37  ? SER AAA 24  ASN AAA 37  1 ? 14 
HELX_P HELX_P4 AA4 PRO A 79  ? SER A 85  ? PRO AAA 79  SER AAA 85  5 ? 7  
HELX_P HELX_P5 AA5 ILE A 88  ? SER A 100 ? ILE AAA 88  SER AAA 100 1 ? 13 
HELX_P HELX_P6 AA6 ASN A 103 ? ALA A 107 ? ASN AAA 103 ALA AAA 107 5 ? 5  
HELX_P HELX_P7 AA7 TRP A 108 ? CYS A 115 ? TRP AAA 108 CYS AAA 115 1 ? 8  
HELX_P HELX_P8 AA8 ASP A 119 ? ARG A 125 ? ASP AAA 119 ARG AAA 125 5 ? 7  
# 
_struct_conf_type.id          HELX_P 
_struct_conf_type.criteria    ? 
_struct_conf_type.reference   ? 
# 
loop_
_struct_conn.id 
_struct_conn.conn_type_id 
_struct_conn.pdbx_leaving_atom_flag 
_struct_conn.pdbx_PDB_id 
_struct_conn.ptnr1_label_asym_id 
_struct_conn.ptnr1_label_comp_id 
_struct_conn.ptnr1_label_seq_id 
_struct_conn.ptnr1_label_atom_id 
_struct_conn.pdbx_ptnr1_label_alt_id 
_struct_conn.pdbx_ptnr1_PDB_ins_code 
_struct_conn.pdbx_ptnr1_standard_comp_id 
_struct_conn.ptnr1_symmetry 
_struct_conn.ptnr2_label_asym_id 
_struct_conn.ptnr2_label_comp_id 
_struct_conn.ptnr2_label_seq_id 
_struct_conn.ptnr2_label_atom_id 
_struct_conn.pdbx_ptnr2_label_alt_id 
_struct_conn.pdbx_ptnr2_PDB_ins_code 
_struct_conn.ptnr1_auth_asym_id 
_struct_conn.ptnr1_auth_comp_id 
_struct_conn.ptnr1_auth_seq_id 
_struct_conn.ptnr2_auth_asym_id 
_struct_conn.ptnr2_auth_comp_id 
_struct_conn.ptnr2_auth_seq_id 
_struct_conn.ptnr2_symmetry 
_struct_conn.pdbx_ptnr3_label_atom_id 
_struct_conn.pdbx_ptnr3_label_seq_id 
_struct_conn.pdbx_ptnr3_label_comp_id 
_struct_conn.pdbx_ptnr3_label_asym_id 
_struct_conn.pdbx_ptnr3_label_alt_id 
_struct_conn.pdbx_ptnr3_PDB_ins_code 
_struct_conn.details 
_struct_conn.pdbx_dist_value 
_struct_conn.pdbx_value_order 
_struct_conn.pdbx_role 
disulf1 disulf ? ? A CYS 6  SG ? ? ? 1_555 A CYS 127 SG ? ? AAA CYS 6   AAA CYS 127 1_555 ? ? ? ? ? ? ? 2.027 ? ? 
disulf2 disulf ? ? A CYS 30 SG ? ? ? 1_555 A CYS 115 SG ? ? AAA CYS 30  AAA CYS 115 1_555 ? ? ? ? ? ? ? 2.084 ? ? 
disulf3 disulf ? ? A CYS 64 SG ? ? ? 1_555 A CYS 80  SG ? ? AAA CYS 64  AAA CYS 80  1_555 ? ? ? ? ? ? ? 2.022 ? ? 
disulf4 disulf ? ? A CYS 76 SG ? ? ? 1_555 A CYS 94  SG ? ? AAA CYS 76  AAA CYS 94  1_555 ? ? ? ? ? ? ? 2.036 ? ? 
metalc1 metalc ? ? A SER 60 O  ? ? ? 1_555 B NA  .   NA ? ? AAA SER 60  AAA NA  201 1_555 ? ? ? ? ? ? ? 2.239 ? ? 
metalc2 metalc ? ? A CYS 64 O  ? ? ? 1_555 B NA  .   NA ? ? AAA CYS 64  AAA NA  201 1_555 ? ? ? ? ? ? ? 2.460 ? ? 
metalc3 metalc ? ? A SER 72 OG ? ? ? 1_555 B NA  .   NA ? ? AAA SER 72  AAA NA  201 1_555 ? ? ? ? ? ? ? 2.484 ? ? 
metalc4 metalc ? ? A ARG 73 O  ? ? ? 1_555 B NA  .   NA ? ? AAA ARG 73  AAA NA  201 1_555 ? ? ? ? ? ? ? 2.344 ? ? 
metalc5 metalc ? ? A SER 86 OG A ? ? 1_555 D V4O .   V3 A ? AAA SER 86  AAA V4O 203 1_555 ? ? ? ? ? ? ? 2.745 ? ? 
metalc6 metalc ? ? B NA  .  NA ? ? ? 1_555 F HOH .   O  ? ? AAA NA  201 AAA HOH 384 1_555 ? ? ? ? ? ? ? 2.428 ? ? 
metalc7 metalc ? ? B NA  .  NA ? ? ? 1_555 F HOH .   O  ? ? AAA NA  201 AAA HOH 421 1_555 ? ? ? ? ? ? ? 2.379 ? ? 
metalc8 metalc ? ? E VVB .  V5 ? ? ? 1_555 F HOH .   O  ? ? AAA VVB 204 AAA HOH 441 1_555 ? ? ? ? ? ? ? 2.761 ? ? 
# 
loop_
_struct_conn_type.id 
_struct_conn_type.criteria 
_struct_conn_type.reference 
disulf ? ? 
metalc ? ? 
# 
loop_
_pdbx_struct_conn_angle.id 
_pdbx_struct_conn_angle.ptnr1_label_atom_id 
_pdbx_struct_conn_angle.ptnr1_label_alt_id 
_pdbx_struct_conn_angle.ptnr1_label_asym_id 
_pdbx_struct_conn_angle.ptnr1_label_comp_id 
_pdbx_struct_conn_angle.ptnr1_label_seq_id 
_pdbx_struct_conn_angle.ptnr1_auth_atom_id 
_pdbx_struct_conn_angle.ptnr1_auth_asym_id 
_pdbx_struct_conn_angle.ptnr1_auth_comp_id 
_pdbx_struct_conn_angle.ptnr1_auth_seq_id 
_pdbx_struct_conn_angle.ptnr1_PDB_ins_code 
_pdbx_struct_conn_angle.ptnr1_symmetry 
_pdbx_struct_conn_angle.ptnr2_label_atom_id 
_pdbx_struct_conn_angle.ptnr2_label_alt_id 
_pdbx_struct_conn_angle.ptnr2_label_asym_id 
_pdbx_struct_conn_angle.ptnr2_label_comp_id 
_pdbx_struct_conn_angle.ptnr2_label_seq_id 
_pdbx_struct_conn_angle.ptnr2_auth_atom_id 
_pdbx_struct_conn_angle.ptnr2_auth_asym_id 
_pdbx_struct_conn_angle.ptnr2_auth_comp_id 
_pdbx_struct_conn_angle.ptnr2_auth_seq_id 
_pdbx_struct_conn_angle.ptnr2_PDB_ins_code 
_pdbx_struct_conn_angle.ptnr2_symmetry 
_pdbx_struct_conn_angle.ptnr3_label_atom_id 
_pdbx_struct_conn_angle.ptnr3_label_alt_id 
_pdbx_struct_conn_angle.ptnr3_label_asym_id 
_pdbx_struct_conn_angle.ptnr3_label_comp_id 
_pdbx_struct_conn_angle.ptnr3_label_seq_id 
_pdbx_struct_conn_angle.ptnr3_auth_atom_id 
_pdbx_struct_conn_angle.ptnr3_auth_asym_id 
_pdbx_struct_conn_angle.ptnr3_auth_comp_id 
_pdbx_struct_conn_angle.ptnr3_auth_seq_id 
_pdbx_struct_conn_angle.ptnr3_PDB_ins_code 
_pdbx_struct_conn_angle.ptnr3_symmetry 
_pdbx_struct_conn_angle.value 
_pdbx_struct_conn_angle.value_esd 
1  O   ? A SER 60 ? AAA SER 60  ? 1_555 NA ? B NA  . ? AAA NA  201 ? 1_555 O   ? A CYS 64 ? AAA CYS 64  ? 1_555 86.2  ? 
2  O   ? A SER 60 ? AAA SER 60  ? 1_555 NA ? B NA  . ? AAA NA  201 ? 1_555 OG  ? A SER 72 ? AAA SER 72  ? 1_555 90.8  ? 
3  O   ? A CYS 64 ? AAA CYS 64  ? 1_555 NA ? B NA  . ? AAA NA  201 ? 1_555 OG  ? A SER 72 ? AAA SER 72  ? 1_555 166.1 ? 
4  O   ? A SER 60 ? AAA SER 60  ? 1_555 NA ? B NA  . ? AAA NA  201 ? 1_555 O   ? A ARG 73 ? AAA ARG 73  ? 1_555 96.9  ? 
5  O   ? A CYS 64 ? AAA CYS 64  ? 1_555 NA ? B NA  . ? AAA NA  201 ? 1_555 O   ? A ARG 73 ? AAA ARG 73  ? 1_555 93.3  ? 
6  OG  ? A SER 72 ? AAA SER 72  ? 1_555 NA ? B NA  . ? AAA NA  201 ? 1_555 O   ? A ARG 73 ? AAA ARG 73  ? 1_555 100.6 ? 
7  O   ? A SER 60 ? AAA SER 60  ? 1_555 NA ? B NA  . ? AAA NA  201 ? 1_555 O   ? F HOH .  ? AAA HOH 384 ? 1_555 95.4  ? 
8  O   ? A CYS 64 ? AAA CYS 64  ? 1_555 NA ? B NA  . ? AAA NA  201 ? 1_555 O   ? F HOH .  ? AAA HOH 384 ? 1_555 86.8  ? 
9  OG  ? A SER 72 ? AAA SER 72  ? 1_555 NA ? B NA  . ? AAA NA  201 ? 1_555 O   ? F HOH .  ? AAA HOH 384 ? 1_555 80.0  ? 
10 O   ? A ARG 73 ? AAA ARG 73  ? 1_555 NA ? B NA  . ? AAA NA  201 ? 1_555 O   ? F HOH .  ? AAA HOH 384 ? 1_555 167.8 ? 
11 O   ? A SER 60 ? AAA SER 60  ? 1_555 NA ? B NA  . ? AAA NA  201 ? 1_555 O   ? F HOH .  ? AAA HOH 421 ? 1_555 170.0 ? 
12 O   ? A CYS 64 ? AAA CYS 64  ? 1_555 NA ? B NA  . ? AAA NA  201 ? 1_555 O   ? F HOH .  ? AAA HOH 421 ? 1_555 101.0 ? 
13 OG  ? A SER 72 ? AAA SER 72  ? 1_555 NA ? B NA  . ? AAA NA  201 ? 1_555 O   ? F HOH .  ? AAA HOH 421 ? 1_555 80.6  ? 
14 O   ? A ARG 73 ? AAA ARG 73  ? 1_555 NA ? B NA  . ? AAA NA  201 ? 1_555 O   ? F HOH .  ? AAA HOH 421 ? 1_555 89.7  ? 
15 O   ? F HOH .  ? AAA HOH 384 ? 1_555 NA ? B NA  . ? AAA NA  201 ? 1_555 O   ? F HOH .  ? AAA HOH 421 ? 1_555 78.3  ? 
16 OG  A A SER 86 ? AAA SER 86  ? 1_555 V3 A D V4O . ? AAA V4O 203 ? 1_555 O5  A D V4O .  ? AAA V4O 203 ? 1_555 72.1  ? 
17 OG  A A SER 86 ? AAA SER 86  ? 1_555 V3 A D V4O . ? AAA V4O 203 ? 1_555 O6  A D V4O .  ? AAA V4O 203 ? 1_555 60.9  ? 
18 O5  A D V4O .  ? AAA V4O 203 ? 1_555 V3 A D V4O . ? AAA V4O 203 ? 1_555 O6  A D V4O .  ? AAA V4O 203 ? 1_555 110.8 ? 
19 OG  A A SER 86 ? AAA SER 86  ? 1_555 V3 A D V4O . ? AAA V4O 203 ? 1_555 O7  A D V4O .  ? AAA V4O 203 ? 1_555 77.5  ? 
20 O5  A D V4O .  ? AAA V4O 203 ? 1_555 V3 A D V4O . ? AAA V4O 203 ? 1_555 O7  A D V4O .  ? AAA V4O 203 ? 1_555 108.6 ? 
21 O6  A D V4O .  ? AAA V4O 203 ? 1_555 V3 A D V4O . ? AAA V4O 203 ? 1_555 O7  A D V4O .  ? AAA V4O 203 ? 1_555 107.3 ? 
22 OG  A A SER 86 ? AAA SER 86  ? 1_555 V3 A D V4O . ? AAA V4O 203 ? 1_555 O8  A D V4O .  ? AAA V4O 203 ? 1_555 167.8 ? 
23 O5  A D V4O .  ? AAA V4O 203 ? 1_555 V3 A D V4O . ? AAA V4O 203 ? 1_555 O8  A D V4O .  ? AAA V4O 203 ? 1_555 110.4 ? 
24 O6  A D V4O .  ? AAA V4O 203 ? 1_555 V3 A D V4O . ? AAA V4O 203 ? 1_555 O8  A D V4O .  ? AAA V4O 203 ? 1_555 107.8 ? 
25 O7  A D V4O .  ? AAA V4O 203 ? 1_555 V3 A D V4O . ? AAA V4O 203 ? 1_555 O8  A D V4O .  ? AAA V4O 203 ? 1_555 112.0 ? 
26 O   ? F HOH .  ? AAA HOH 441 ? 1_555 V5 ? E VVB . ? AAA VVB 204 ? 1_555 O12 ? E VVB .  ? AAA VVB 204 ? 1_555 97.4  ? 
27 O   ? F HOH .  ? AAA HOH 441 ? 1_555 V5 ? E VVB . ? AAA VVB 204 ? 1_555 O13 ? E VVB .  ? AAA VVB 204 ? 1_555 129.7 ? 
28 O12 ? E VVB .  ? AAA VVB 204 ? 1_555 V5 ? E VVB . ? AAA VVB 204 ? 1_555 O13 ? E VVB .  ? AAA VVB 204 ? 1_555 110.2 ? 
# 
loop_
_pdbx_modification_feature.ordinal 
_pdbx_modification_feature.label_comp_id 
_pdbx_modification_feature.label_asym_id 
_pdbx_modification_feature.label_seq_id 
_pdbx_modification_feature.label_alt_id 
_pdbx_modification_feature.modified_residue_label_comp_id 
_pdbx_modification_feature.modified_residue_label_asym_id 
_pdbx_modification_feature.modified_residue_label_seq_id 
_pdbx_modification_feature.modified_residue_label_alt_id 
_pdbx_modification_feature.auth_comp_id 
_pdbx_modification_feature.auth_asym_id 
_pdbx_modification_feature.auth_seq_id 
_pdbx_modification_feature.PDB_ins_code 
_pdbx_modification_feature.symmetry 
_pdbx_modification_feature.modified_residue_auth_comp_id 
_pdbx_modification_feature.modified_residue_auth_asym_id 
_pdbx_modification_feature.modified_residue_auth_seq_id 
_pdbx_modification_feature.modified_residue_PDB_ins_code 
_pdbx_modification_feature.modified_residue_symmetry 
_pdbx_modification_feature.comp_id_linking_atom 
_pdbx_modification_feature.modified_residue_id_linking_atom 
_pdbx_modification_feature.modified_residue_id 
_pdbx_modification_feature.ref_pcm_id 
_pdbx_modification_feature.ref_comp_id 
_pdbx_modification_feature.type 
_pdbx_modification_feature.category 
1 CYS A 6  ? CYS A 127 ? CYS AAA 6  ? 1_555 CYS AAA 127 ? 1_555 SG SG . . . None 'Disulfide bridge' 
2 CYS A 30 ? CYS A 115 ? CYS AAA 30 ? 1_555 CYS AAA 115 ? 1_555 SG SG . . . None 'Disulfide bridge' 
3 CYS A 64 ? CYS A 80  ? CYS AAA 64 ? 1_555 CYS AAA 80  ? 1_555 SG SG . . . None 'Disulfide bridge' 
4 CYS A 76 ? CYS A 94  ? CYS AAA 76 ? 1_555 CYS AAA 94  ? 1_555 SG SG . . . None 'Disulfide bridge' 
# 
_struct_sheet.id               AA1 
_struct_sheet.type             ? 
_struct_sheet.number_strands   3 
_struct_sheet.details          ? 
# 
loop_
_struct_sheet_order.sheet_id 
_struct_sheet_order.range_id_1 
_struct_sheet_order.range_id_2 
_struct_sheet_order.offset 
_struct_sheet_order.sense 
AA1 1 2 ? anti-parallel 
AA1 2 3 ? anti-parallel 
# 
loop_
_struct_sheet_range.sheet_id 
_struct_sheet_range.id 
_struct_sheet_range.beg_label_comp_id 
_struct_sheet_range.beg_label_asym_id 
_struct_sheet_range.beg_label_seq_id 
_struct_sheet_range.pdbx_beg_PDB_ins_code 
_struct_sheet_range.end_label_comp_id 
_struct_sheet_range.end_label_asym_id 
_struct_sheet_range.end_label_seq_id 
_struct_sheet_range.pdbx_end_PDB_ins_code 
_struct_sheet_range.beg_auth_comp_id 
_struct_sheet_range.beg_auth_asym_id 
_struct_sheet_range.beg_auth_seq_id 
_struct_sheet_range.end_auth_comp_id 
_struct_sheet_range.end_auth_asym_id 
_struct_sheet_range.end_auth_seq_id 
AA1 1 THR A 43 ? ARG A 45 ? THR AAA 43 ARG AAA 45 
AA1 2 THR A 51 ? TYR A 53 ? THR AAA 51 TYR AAA 53 
AA1 3 ILE A 58 ? ASN A 59 ? ILE AAA 58 ASN AAA 59 
# 
loop_
_pdbx_struct_sheet_hbond.sheet_id 
_pdbx_struct_sheet_hbond.range_id_1 
_pdbx_struct_sheet_hbond.range_id_2 
_pdbx_struct_sheet_hbond.range_1_label_atom_id 
_pdbx_struct_sheet_hbond.range_1_label_comp_id 
_pdbx_struct_sheet_hbond.range_1_label_asym_id 
_pdbx_struct_sheet_hbond.range_1_label_seq_id 
_pdbx_struct_sheet_hbond.range_1_PDB_ins_code 
_pdbx_struct_sheet_hbond.range_1_auth_atom_id 
_pdbx_struct_sheet_hbond.range_1_auth_comp_id 
_pdbx_struct_sheet_hbond.range_1_auth_asym_id 
_pdbx_struct_sheet_hbond.range_1_auth_seq_id 
_pdbx_struct_sheet_hbond.range_2_label_atom_id 
_pdbx_struct_sheet_hbond.range_2_label_comp_id 
_pdbx_struct_sheet_hbond.range_2_label_asym_id 
_pdbx_struct_sheet_hbond.range_2_label_seq_id 
_pdbx_struct_sheet_hbond.range_2_PDB_ins_code 
_pdbx_struct_sheet_hbond.range_2_auth_atom_id 
_pdbx_struct_sheet_hbond.range_2_auth_comp_id 
_pdbx_struct_sheet_hbond.range_2_auth_asym_id 
_pdbx_struct_sheet_hbond.range_2_auth_seq_id 
AA1 1 2 N ASN A 44 ? N ASN AAA 44 O ASP A 52 ? O ASP AAA 52 
AA1 2 3 N TYR A 53 ? N TYR AAA 53 O ILE A 58 ? O ILE AAA 58 
# 
_pdbx_entry_details.entry_id                   7ZU6 
_pdbx_entry_details.has_ligand_of_interest     Y 
_pdbx_entry_details.compound_details           ? 
_pdbx_entry_details.source_details             ? 
_pdbx_entry_details.nonpolymer_details         ? 
_pdbx_entry_details.sequence_details           ? 
_pdbx_entry_details.has_protein_modification   Y 
# 
_pdbx_validate_symm_contact.id                1 
_pdbx_validate_symm_contact.PDB_model_num     1 
_pdbx_validate_symm_contact.auth_atom_id_1    O 
_pdbx_validate_symm_contact.auth_asym_id_1    AAA 
_pdbx_validate_symm_contact.auth_comp_id_1    LEU 
_pdbx_validate_symm_contact.auth_seq_id_1     129 
_pdbx_validate_symm_contact.PDB_ins_code_1    ? 
_pdbx_validate_symm_contact.label_alt_id_1    ? 
_pdbx_validate_symm_contact.site_symmetry_1   1_555 
_pdbx_validate_symm_contact.auth_atom_id_2    O 
_pdbx_validate_symm_contact.auth_asym_id_2    AAA 
_pdbx_validate_symm_contact.auth_comp_id_2    LEU 
_pdbx_validate_symm_contact.auth_seq_id_2     129 
_pdbx_validate_symm_contact.PDB_ins_code_2    ? 
_pdbx_validate_symm_contact.label_alt_id_2    ? 
_pdbx_validate_symm_contact.site_symmetry_2   8_555 
_pdbx_validate_symm_contact.dist              1.50 
# 
loop_
_pdbx_struct_special_symmetry.id 
_pdbx_struct_special_symmetry.PDB_model_num 
_pdbx_struct_special_symmetry.auth_asym_id 
_pdbx_struct_special_symmetry.auth_comp_id 
_pdbx_struct_special_symmetry.auth_seq_id 
_pdbx_struct_special_symmetry.PDB_ins_code 
_pdbx_struct_special_symmetry.label_asym_id 
_pdbx_struct_special_symmetry.label_comp_id 
_pdbx_struct_special_symmetry.label_seq_id 
1 1 AAA HOH 353 ? F HOH . 
2 1 AAA HOH 361 ? F HOH . 
3 1 AAA HOH 478 ? F HOH . 
# 
loop_
_chem_comp_atom.comp_id 
_chem_comp_atom.atom_id 
_chem_comp_atom.type_symbol 
_chem_comp_atom.pdbx_aromatic_flag 
_chem_comp_atom.pdbx_stereo_config 
_chem_comp_atom.pdbx_ordinal 
ALA N    N  N N 1   
ALA CA   C  N S 2   
ALA C    C  N N 3   
ALA O    O  N N 4   
ALA CB   C  N N 5   
ALA OXT  O  N N 6   
ALA H    H  N N 7   
ALA H2   H  N N 8   
ALA HA   H  N N 9   
ALA HB1  H  N N 10  
ALA HB2  H  N N 11  
ALA HB3  H  N N 12  
ALA HXT  H  N N 13  
ARG N    N  N N 14  
ARG CA   C  N S 15  
ARG C    C  N N 16  
ARG O    O  N N 17  
ARG CB   C  N N 18  
ARG CG   C  N N 19  
ARG CD   C  N N 20  
ARG NE   N  N N 21  
ARG CZ   C  N N 22  
ARG NH1  N  N N 23  
ARG NH2  N  N N 24  
ARG OXT  O  N N 25  
ARG H    H  N N 26  
ARG H2   H  N N 27  
ARG HA   H  N N 28  
ARG HB2  H  N N 29  
ARG HB3  H  N N 30  
ARG HG2  H  N N 31  
ARG HG3  H  N N 32  
ARG HD2  H  N N 33  
ARG HD3  H  N N 34  
ARG HE   H  N N 35  
ARG HH11 H  N N 36  
ARG HH12 H  N N 37  
ARG HH21 H  N N 38  
ARG HH22 H  N N 39  
ARG HXT  H  N N 40  
ASN N    N  N N 41  
ASN CA   C  N S 42  
ASN C    C  N N 43  
ASN O    O  N N 44  
ASN CB   C  N N 45  
ASN CG   C  N N 46  
ASN OD1  O  N N 47  
ASN ND2  N  N N 48  
ASN OXT  O  N N 49  
ASN H    H  N N 50  
ASN H2   H  N N 51  
ASN HA   H  N N 52  
ASN HB2  H  N N 53  
ASN HB3  H  N N 54  
ASN HD21 H  N N 55  
ASN HD22 H  N N 56  
ASN HXT  H  N N 57  
ASP N    N  N N 58  
ASP CA   C  N S 59  
ASP C    C  N N 60  
ASP O    O  N N 61  
ASP CB   C  N N 62  
ASP CG   C  N N 63  
ASP OD1  O  N N 64  
ASP OD2  O  N N 65  
ASP OXT  O  N N 66  
ASP H    H  N N 67  
ASP H2   H  N N 68  
ASP HA   H  N N 69  
ASP HB2  H  N N 70  
ASP HB3  H  N N 71  
ASP HD2  H  N N 72  
ASP HXT  H  N N 73  
CYS N    N  N N 74  
CYS CA   C  N R 75  
CYS C    C  N N 76  
CYS O    O  N N 77  
CYS CB   C  N N 78  
CYS SG   S  N N 79  
CYS OXT  O  N N 80  
CYS H    H  N N 81  
CYS H2   H  N N 82  
CYS HA   H  N N 83  
CYS HB2  H  N N 84  
CYS HB3  H  N N 85  
CYS HG   H  N N 86  
CYS HXT  H  N N 87  
EPE N1   N  N N 88  
EPE C2   C  N N 89  
EPE C3   C  N N 90  
EPE N4   N  N N 91  
EPE C5   C  N N 92  
EPE C6   C  N N 93  
EPE C7   C  N N 94  
EPE C8   C  N N 95  
EPE O8   O  N N 96  
EPE C9   C  N N 97  
EPE C10  C  N N 98  
EPE S    S  N N 99  
EPE O1S  O  N N 100 
EPE O2S  O  N N 101 
EPE O3S  O  N N 102 
EPE H21  H  N N 103 
EPE H22  H  N N 104 
EPE H31  H  N N 105 
EPE H32  H  N N 106 
EPE H51  H  N N 107 
EPE H52  H  N N 108 
EPE H61  H  N N 109 
EPE H62  H  N N 110 
EPE H71  H  N N 111 
EPE H72  H  N N 112 
EPE H81  H  N N 113 
EPE H82  H  N N 114 
EPE HO8  H  N N 115 
EPE H91  H  N N 116 
EPE H92  H  N N 117 
EPE H101 H  N N 118 
EPE H102 H  N N 119 
EPE HOS3 H  N N 120 
GLN N    N  N N 121 
GLN CA   C  N S 122 
GLN C    C  N N 123 
GLN O    O  N N 124 
GLN CB   C  N N 125 
GLN CG   C  N N 126 
GLN CD   C  N N 127 
GLN OE1  O  N N 128 
GLN NE2  N  N N 129 
GLN OXT  O  N N 130 
GLN H    H  N N 131 
GLN H2   H  N N 132 
GLN HA   H  N N 133 
GLN HB2  H  N N 134 
GLN HB3  H  N N 135 
GLN HG2  H  N N 136 
GLN HG3  H  N N 137 
GLN HE21 H  N N 138 
GLN HE22 H  N N 139 
GLN HXT  H  N N 140 
GLU N    N  N N 141 
GLU CA   C  N S 142 
GLU C    C  N N 143 
GLU O    O  N N 144 
GLU CB   C  N N 145 
GLU CG   C  N N 146 
GLU CD   C  N N 147 
GLU OE1  O  N N 148 
GLU OE2  O  N N 149 
GLU OXT  O  N N 150 
GLU H    H  N N 151 
GLU H2   H  N N 152 
GLU HA   H  N N 153 
GLU HB2  H  N N 154 
GLU HB3  H  N N 155 
GLU HG2  H  N N 156 
GLU HG3  H  N N 157 
GLU HE2  H  N N 158 
GLU HXT  H  N N 159 
GLY N    N  N N 160 
GLY CA   C  N N 161 
GLY C    C  N N 162 
GLY O    O  N N 163 
GLY OXT  O  N N 164 
GLY H    H  N N 165 
GLY H2   H  N N 166 
GLY HA2  H  N N 167 
GLY HA3  H  N N 168 
GLY HXT  H  N N 169 
HIS N    N  N N 170 
HIS CA   C  N S 171 
HIS C    C  N N 172 
HIS O    O  N N 173 
HIS CB   C  N N 174 
HIS CG   C  Y N 175 
HIS ND1  N  Y N 176 
HIS CD2  C  Y N 177 
HIS CE1  C  Y N 178 
HIS NE2  N  Y N 179 
HIS OXT  O  N N 180 
HIS H    H  N N 181 
HIS H2   H  N N 182 
HIS HA   H  N N 183 
HIS HB2  H  N N 184 
HIS HB3  H  N N 185 
HIS HD1  H  N N 186 
HIS HD2  H  N N 187 
HIS HE1  H  N N 188 
HIS HE2  H  N N 189 
HIS HXT  H  N N 190 
HOH O    O  N N 191 
HOH H1   H  N N 192 
HOH H2   H  N N 193 
ILE N    N  N N 194 
ILE CA   C  N S 195 
ILE C    C  N N 196 
ILE O    O  N N 197 
ILE CB   C  N S 198 
ILE CG1  C  N N 199 
ILE CG2  C  N N 200 
ILE CD1  C  N N 201 
ILE OXT  O  N N 202 
ILE H    H  N N 203 
ILE H2   H  N N 204 
ILE HA   H  N N 205 
ILE HB   H  N N 206 
ILE HG12 H  N N 207 
ILE HG13 H  N N 208 
ILE HG21 H  N N 209 
ILE HG22 H  N N 210 
ILE HG23 H  N N 211 
ILE HD11 H  N N 212 
ILE HD12 H  N N 213 
ILE HD13 H  N N 214 
ILE HXT  H  N N 215 
LEU N    N  N N 216 
LEU CA   C  N S 217 
LEU C    C  N N 218 
LEU O    O  N N 219 
LEU CB   C  N N 220 
LEU CG   C  N N 221 
LEU CD1  C  N N 222 
LEU CD2  C  N N 223 
LEU OXT  O  N N 224 
LEU H    H  N N 225 
LEU H2   H  N N 226 
LEU HA   H  N N 227 
LEU HB2  H  N N 228 
LEU HB3  H  N N 229 
LEU HG   H  N N 230 
LEU HD11 H  N N 231 
LEU HD12 H  N N 232 
LEU HD13 H  N N 233 
LEU HD21 H  N N 234 
LEU HD22 H  N N 235 
LEU HD23 H  N N 236 
LEU HXT  H  N N 237 
LYS N    N  N N 238 
LYS CA   C  N S 239 
LYS C    C  N N 240 
LYS O    O  N N 241 
LYS CB   C  N N 242 
LYS CG   C  N N 243 
LYS CD   C  N N 244 
LYS CE   C  N N 245 
LYS NZ   N  N N 246 
LYS OXT  O  N N 247 
LYS H    H  N N 248 
LYS H2   H  N N 249 
LYS HA   H  N N 250 
LYS HB2  H  N N 251 
LYS HB3  H  N N 252 
LYS HG2  H  N N 253 
LYS HG3  H  N N 254 
LYS HD2  H  N N 255 
LYS HD3  H  N N 256 
LYS HE2  H  N N 257 
LYS HE3  H  N N 258 
LYS HZ1  H  N N 259 
LYS HZ2  H  N N 260 
LYS HZ3  H  N N 261 
LYS HXT  H  N N 262 
MET N    N  N N 263 
MET CA   C  N S 264 
MET C    C  N N 265 
MET O    O  N N 266 
MET CB   C  N N 267 
MET CG   C  N N 268 
MET SD   S  N N 269 
MET CE   C  N N 270 
MET OXT  O  N N 271 
MET H    H  N N 272 
MET H2   H  N N 273 
MET HA   H  N N 274 
MET HB2  H  N N 275 
MET HB3  H  N N 276 
MET HG2  H  N N 277 
MET HG3  H  N N 278 
MET HE1  H  N N 279 
MET HE2  H  N N 280 
MET HE3  H  N N 281 
MET HXT  H  N N 282 
NA  NA   NA N N 283 
PHE N    N  N N 284 
PHE CA   C  N S 285 
PHE C    C  N N 286 
PHE O    O  N N 287 
PHE CB   C  N N 288 
PHE CG   C  Y N 289 
PHE CD1  C  Y N 290 
PHE CD2  C  Y N 291 
PHE CE1  C  Y N 292 
PHE CE2  C  Y N 293 
PHE CZ   C  Y N 294 
PHE OXT  O  N N 295 
PHE H    H  N N 296 
PHE H2   H  N N 297 
PHE HA   H  N N 298 
PHE HB2  H  N N 299 
PHE HB3  H  N N 300 
PHE HD1  H  N N 301 
PHE HD2  H  N N 302 
PHE HE1  H  N N 303 
PHE HE2  H  N N 304 
PHE HZ   H  N N 305 
PHE HXT  H  N N 306 
PRO N    N  N N 307 
PRO CA   C  N S 308 
PRO C    C  N N 309 
PRO O    O  N N 310 
PRO CB   C  N N 311 
PRO CG   C  N N 312 
PRO CD   C  N N 313 
PRO OXT  O  N N 314 
PRO H    H  N N 315 
PRO HA   H  N N 316 
PRO HB2  H  N N 317 
PRO HB3  H  N N 318 
PRO HG2  H  N N 319 
PRO HG3  H  N N 320 
PRO HD2  H  N N 321 
PRO HD3  H  N N 322 
PRO HXT  H  N N 323 
SER N    N  N N 324 
SER CA   C  N S 325 
SER C    C  N N 326 
SER O    O  N N 327 
SER CB   C  N N 328 
SER OG   O  N N 329 
SER OXT  O  N N 330 
SER H    H  N N 331 
SER H2   H  N N 332 
SER HA   H  N N 333 
SER HB2  H  N N 334 
SER HB3  H  N N 335 
SER HG   H  N N 336 
SER HXT  H  N N 337 
THR N    N  N N 338 
THR CA   C  N S 339 
THR C    C  N N 340 
THR O    O  N N 341 
THR CB   C  N R 342 
THR OG1  O  N N 343 
THR CG2  C  N N 344 
THR OXT  O  N N 345 
THR H    H  N N 346 
THR H2   H  N N 347 
THR HA   H  N N 348 
THR HB   H  N N 349 
THR HG1  H  N N 350 
THR HG21 H  N N 351 
THR HG22 H  N N 352 
THR HG23 H  N N 353 
THR HXT  H  N N 354 
TRP N    N  N N 355 
TRP CA   C  N S 356 
TRP C    C  N N 357 
TRP O    O  N N 358 
TRP CB   C  N N 359 
TRP CG   C  Y N 360 
TRP CD1  C  Y N 361 
TRP CD2  C  Y N 362 
TRP NE1  N  Y N 363 
TRP CE2  C  Y N 364 
TRP CE3  C  Y N 365 
TRP CZ2  C  Y N 366 
TRP CZ3  C  Y N 367 
TRP CH2  C  Y N 368 
TRP OXT  O  N N 369 
TRP H    H  N N 370 
TRP H2   H  N N 371 
TRP HA   H  N N 372 
TRP HB2  H  N N 373 
TRP HB3  H  N N 374 
TRP HD1  H  N N 375 
TRP HE1  H  N N 376 
TRP HE3  H  N N 377 
TRP HZ2  H  N N 378 
TRP HZ3  H  N N 379 
TRP HH2  H  N N 380 
TRP HXT  H  N N 381 
TYR N    N  N N 382 
TYR CA   C  N S 383 
TYR C    C  N N 384 
TYR O    O  N N 385 
TYR CB   C  N N 386 
TYR CG   C  Y N 387 
TYR CD1  C  Y N 388 
TYR CD2  C  Y N 389 
TYR CE1  C  Y N 390 
TYR CE2  C  Y N 391 
TYR CZ   C  Y N 392 
TYR OH   O  N N 393 
TYR OXT  O  N N 394 
TYR H    H  N N 395 
TYR H2   H  N N 396 
TYR HA   H  N N 397 
TYR HB2  H  N N 398 
TYR HB3  H  N N 399 
TYR HD1  H  N N 400 
TYR HD2  H  N N 401 
TYR HE1  H  N N 402 
TYR HE2  H  N N 403 
TYR HH   H  N N 404 
TYR HXT  H  N N 405 
V4O V1   V  N N 406 
V4O O0   O  N N 407 
V4O O1   O  N N 408 
V4O V2   V  N N 409 
V4O O2   O  N N 410 
V4O O3   O  N N 411 
V4O O4   O  N N 412 
V4O V3   V  N N 413 
V4O O5   O  N N 414 
V4O O6   O  N N 415 
V4O O7   O  N N 416 
V4O V4   V  N N 417 
V4O O8   O  N N 418 
V4O O9   O  N N 419 
V4O O10  O  N N 420 
V4O O11  O  N N 421 
VAL N    N  N N 422 
VAL CA   C  N S 423 
VAL C    C  N N 424 
VAL O    O  N N 425 
VAL CB   C  N N 426 
VAL CG1  C  N N 427 
VAL CG2  C  N N 428 
VAL OXT  O  N N 429 
VAL H    H  N N 430 
VAL H2   H  N N 431 
VAL HA   H  N N 432 
VAL HB   H  N N 433 
VAL HG11 H  N N 434 
VAL HG12 H  N N 435 
VAL HG13 H  N N 436 
VAL HG21 H  N N 437 
VAL HG22 H  N N 438 
VAL HG23 H  N N 439 
VAL HXT  H  N N 440 
VVB V5   V  N N 441 
VVB O12  O  N N 442 
VVB O13  O  N N 443 
VVB H1   H  N N 444 
VVB H2   H  N N 445 
# 
loop_
_chem_comp_bond.comp_id 
_chem_comp_bond.atom_id_1 
_chem_comp_bond.atom_id_2 
_chem_comp_bond.value_order 
_chem_comp_bond.pdbx_aromatic_flag 
_chem_comp_bond.pdbx_stereo_config 
_chem_comp_bond.pdbx_ordinal 
ALA N   CA   sing N N 1   
ALA N   H    sing N N 2   
ALA N   H2   sing N N 3   
ALA CA  C    sing N N 4   
ALA CA  CB   sing N N 5   
ALA CA  HA   sing N N 6   
ALA C   O    doub N N 7   
ALA C   OXT  sing N N 8   
ALA CB  HB1  sing N N 9   
ALA CB  HB2  sing N N 10  
ALA CB  HB3  sing N N 11  
ALA OXT HXT  sing N N 12  
ARG N   CA   sing N N 13  
ARG N   H    sing N N 14  
ARG N   H2   sing N N 15  
ARG CA  C    sing N N 16  
ARG CA  CB   sing N N 17  
ARG CA  HA   sing N N 18  
ARG C   O    doub N N 19  
ARG C   OXT  sing N N 20  
ARG CB  CG   sing N N 21  
ARG CB  HB2  sing N N 22  
ARG CB  HB3  sing N N 23  
ARG CG  CD   sing N N 24  
ARG CG  HG2  sing N N 25  
ARG CG  HG3  sing N N 26  
ARG CD  NE   sing N N 27  
ARG CD  HD2  sing N N 28  
ARG CD  HD3  sing N N 29  
ARG NE  CZ   sing N N 30  
ARG NE  HE   sing N N 31  
ARG CZ  NH1  sing N N 32  
ARG CZ  NH2  doub N N 33  
ARG NH1 HH11 sing N N 34  
ARG NH1 HH12 sing N N 35  
ARG NH2 HH21 sing N N 36  
ARG NH2 HH22 sing N N 37  
ARG OXT HXT  sing N N 38  
ASN N   CA   sing N N 39  
ASN N   H    sing N N 40  
ASN N   H2   sing N N 41  
ASN CA  C    sing N N 42  
ASN CA  CB   sing N N 43  
ASN CA  HA   sing N N 44  
ASN C   O    doub N N 45  
ASN C   OXT  sing N N 46  
ASN CB  CG   sing N N 47  
ASN CB  HB2  sing N N 48  
ASN CB  HB3  sing N N 49  
ASN CG  OD1  doub N N 50  
ASN CG  ND2  sing N N 51  
ASN ND2 HD21 sing N N 52  
ASN ND2 HD22 sing N N 53  
ASN OXT HXT  sing N N 54  
ASP N   CA   sing N N 55  
ASP N   H    sing N N 56  
ASP N   H2   sing N N 57  
ASP CA  C    sing N N 58  
ASP CA  CB   sing N N 59  
ASP CA  HA   sing N N 60  
ASP C   O    doub N N 61  
ASP C   OXT  sing N N 62  
ASP CB  CG   sing N N 63  
ASP CB  HB2  sing N N 64  
ASP CB  HB3  sing N N 65  
ASP CG  OD1  doub N N 66  
ASP CG  OD2  sing N N 67  
ASP OD2 HD2  sing N N 68  
ASP OXT HXT  sing N N 69  
CYS N   CA   sing N N 70  
CYS N   H    sing N N 71  
CYS N   H2   sing N N 72  
CYS CA  C    sing N N 73  
CYS CA  CB   sing N N 74  
CYS CA  HA   sing N N 75  
CYS C   O    doub N N 76  
CYS C   OXT  sing N N 77  
CYS CB  SG   sing N N 78  
CYS CB  HB2  sing N N 79  
CYS CB  HB3  sing N N 80  
CYS SG  HG   sing N N 81  
CYS OXT HXT  sing N N 82  
EPE N1  C2   sing N N 83  
EPE N1  C6   sing N N 84  
EPE N1  C9   sing N N 85  
EPE C2  C3   sing N N 86  
EPE C2  H21  sing N N 87  
EPE C2  H22  sing N N 88  
EPE C3  N4   sing N N 89  
EPE C3  H31  sing N N 90  
EPE C3  H32  sing N N 91  
EPE N4  C5   sing N N 92  
EPE N4  C7   sing N N 93  
EPE C5  C6   sing N N 94  
EPE C5  H51  sing N N 95  
EPE C5  H52  sing N N 96  
EPE C6  H61  sing N N 97  
EPE C6  H62  sing N N 98  
EPE C7  C8   sing N N 99  
EPE C7  H71  sing N N 100 
EPE C7  H72  sing N N 101 
EPE C8  O8   sing N N 102 
EPE C8  H81  sing N N 103 
EPE C8  H82  sing N N 104 
EPE O8  HO8  sing N N 105 
EPE C9  C10  sing N N 106 
EPE C9  H91  sing N N 107 
EPE C9  H92  sing N N 108 
EPE C10 S    sing N N 109 
EPE C10 H101 sing N N 110 
EPE C10 H102 sing N N 111 
EPE S   O1S  doub N N 112 
EPE S   O2S  doub N N 113 
EPE S   O3S  sing N N 114 
EPE O3S HOS3 sing N N 115 
GLN N   CA   sing N N 116 
GLN N   H    sing N N 117 
GLN N   H2   sing N N 118 
GLN CA  C    sing N N 119 
GLN CA  CB   sing N N 120 
GLN CA  HA   sing N N 121 
GLN C   O    doub N N 122 
GLN C   OXT  sing N N 123 
GLN CB  CG   sing N N 124 
GLN CB  HB2  sing N N 125 
GLN CB  HB3  sing N N 126 
GLN CG  CD   sing N N 127 
GLN CG  HG2  sing N N 128 
GLN CG  HG3  sing N N 129 
GLN CD  OE1  doub N N 130 
GLN CD  NE2  sing N N 131 
GLN NE2 HE21 sing N N 132 
GLN NE2 HE22 sing N N 133 
GLN OXT HXT  sing N N 134 
GLU N   CA   sing N N 135 
GLU N   H    sing N N 136 
GLU N   H2   sing N N 137 
GLU CA  C    sing N N 138 
GLU CA  CB   sing N N 139 
GLU CA  HA   sing N N 140 
GLU C   O    doub N N 141 
GLU C   OXT  sing N N 142 
GLU CB  CG   sing N N 143 
GLU CB  HB2  sing N N 144 
GLU CB  HB3  sing N N 145 
GLU CG  CD   sing N N 146 
GLU CG  HG2  sing N N 147 
GLU CG  HG3  sing N N 148 
GLU CD  OE1  doub N N 149 
GLU CD  OE2  sing N N 150 
GLU OE2 HE2  sing N N 151 
GLU OXT HXT  sing N N 152 
GLY N   CA   sing N N 153 
GLY N   H    sing N N 154 
GLY N   H2   sing N N 155 
GLY CA  C    sing N N 156 
GLY CA  HA2  sing N N 157 
GLY CA  HA3  sing N N 158 
GLY C   O    doub N N 159 
GLY C   OXT  sing N N 160 
GLY OXT HXT  sing N N 161 
HIS N   CA   sing N N 162 
HIS N   H    sing N N 163 
HIS N   H2   sing N N 164 
HIS CA  C    sing N N 165 
HIS CA  CB   sing N N 166 
HIS CA  HA   sing N N 167 
HIS C   O    doub N N 168 
HIS C   OXT  sing N N 169 
HIS CB  CG   sing N N 170 
HIS CB  HB2  sing N N 171 
HIS CB  HB3  sing N N 172 
HIS CG  ND1  sing Y N 173 
HIS CG  CD2  doub Y N 174 
HIS ND1 CE1  doub Y N 175 
HIS ND1 HD1  sing N N 176 
HIS CD2 NE2  sing Y N 177 
HIS CD2 HD2  sing N N 178 
HIS CE1 NE2  sing Y N 179 
HIS CE1 HE1  sing N N 180 
HIS NE2 HE2  sing N N 181 
HIS OXT HXT  sing N N 182 
HOH O   H1   sing N N 183 
HOH O   H2   sing N N 184 
ILE N   CA   sing N N 185 
ILE N   H    sing N N 186 
ILE N   H2   sing N N 187 
ILE CA  C    sing N N 188 
ILE CA  CB   sing N N 189 
ILE CA  HA   sing N N 190 
ILE C   O    doub N N 191 
ILE C   OXT  sing N N 192 
ILE CB  CG1  sing N N 193 
ILE CB  CG2  sing N N 194 
ILE CB  HB   sing N N 195 
ILE CG1 CD1  sing N N 196 
ILE CG1 HG12 sing N N 197 
ILE CG1 HG13 sing N N 198 
ILE CG2 HG21 sing N N 199 
ILE CG2 HG22 sing N N 200 
ILE CG2 HG23 sing N N 201 
ILE CD1 HD11 sing N N 202 
ILE CD1 HD12 sing N N 203 
ILE CD1 HD13 sing N N 204 
ILE OXT HXT  sing N N 205 
LEU N   CA   sing N N 206 
LEU N   H    sing N N 207 
LEU N   H2   sing N N 208 
LEU CA  C    sing N N 209 
LEU CA  CB   sing N N 210 
LEU CA  HA   sing N N 211 
LEU C   O    doub N N 212 
LEU C   OXT  sing N N 213 
LEU CB  CG   sing N N 214 
LEU CB  HB2  sing N N 215 
LEU CB  HB3  sing N N 216 
LEU CG  CD1  sing N N 217 
LEU CG  CD2  sing N N 218 
LEU CG  HG   sing N N 219 
LEU CD1 HD11 sing N N 220 
LEU CD1 HD12 sing N N 221 
LEU CD1 HD13 sing N N 222 
LEU CD2 HD21 sing N N 223 
LEU CD2 HD22 sing N N 224 
LEU CD2 HD23 sing N N 225 
LEU OXT HXT  sing N N 226 
LYS N   CA   sing N N 227 
LYS N   H    sing N N 228 
LYS N   H2   sing N N 229 
LYS CA  C    sing N N 230 
LYS CA  CB   sing N N 231 
LYS CA  HA   sing N N 232 
LYS C   O    doub N N 233 
LYS C   OXT  sing N N 234 
LYS CB  CG   sing N N 235 
LYS CB  HB2  sing N N 236 
LYS CB  HB3  sing N N 237 
LYS CG  CD   sing N N 238 
LYS CG  HG2  sing N N 239 
LYS CG  HG3  sing N N 240 
LYS CD  CE   sing N N 241 
LYS CD  HD2  sing N N 242 
LYS CD  HD3  sing N N 243 
LYS CE  NZ   sing N N 244 
LYS CE  HE2  sing N N 245 
LYS CE  HE3  sing N N 246 
LYS NZ  HZ1  sing N N 247 
LYS NZ  HZ2  sing N N 248 
LYS NZ  HZ3  sing N N 249 
LYS OXT HXT  sing N N 250 
MET N   CA   sing N N 251 
MET N   H    sing N N 252 
MET N   H2   sing N N 253 
MET CA  C    sing N N 254 
MET CA  CB   sing N N 255 
MET CA  HA   sing N N 256 
MET C   O    doub N N 257 
MET C   OXT  sing N N 258 
MET CB  CG   sing N N 259 
MET CB  HB2  sing N N 260 
MET CB  HB3  sing N N 261 
MET CG  SD   sing N N 262 
MET CG  HG2  sing N N 263 
MET CG  HG3  sing N N 264 
MET SD  CE   sing N N 265 
MET CE  HE1  sing N N 266 
MET CE  HE2  sing N N 267 
MET CE  HE3  sing N N 268 
MET OXT HXT  sing N N 269 
PHE N   CA   sing N N 270 
PHE N   H    sing N N 271 
PHE N   H2   sing N N 272 
PHE CA  C    sing N N 273 
PHE CA  CB   sing N N 274 
PHE CA  HA   sing N N 275 
PHE C   O    doub N N 276 
PHE C   OXT  sing N N 277 
PHE CB  CG   sing N N 278 
PHE CB  HB2  sing N N 279 
PHE CB  HB3  sing N N 280 
PHE CG  CD1  doub Y N 281 
PHE CG  CD2  sing Y N 282 
PHE CD1 CE1  sing Y N 283 
PHE CD1 HD1  sing N N 284 
PHE CD2 CE2  doub Y N 285 
PHE CD2 HD2  sing N N 286 
PHE CE1 CZ   doub Y N 287 
PHE CE1 HE1  sing N N 288 
PHE CE2 CZ   sing Y N 289 
PHE CE2 HE2  sing N N 290 
PHE CZ  HZ   sing N N 291 
PHE OXT HXT  sing N N 292 
PRO N   CA   sing N N 293 
PRO N   CD   sing N N 294 
PRO N   H    sing N N 295 
PRO CA  C    sing N N 296 
PRO CA  CB   sing N N 297 
PRO CA  HA   sing N N 298 
PRO C   O    doub N N 299 
PRO C   OXT  sing N N 300 
PRO CB  CG   sing N N 301 
PRO CB  HB2  sing N N 302 
PRO CB  HB3  sing N N 303 
PRO CG  CD   sing N N 304 
PRO CG  HG2  sing N N 305 
PRO CG  HG3  sing N N 306 
PRO CD  HD2  sing N N 307 
PRO CD  HD3  sing N N 308 
PRO OXT HXT  sing N N 309 
SER N   CA   sing N N 310 
SER N   H    sing N N 311 
SER N   H2   sing N N 312 
SER CA  C    sing N N 313 
SER CA  CB   sing N N 314 
SER CA  HA   sing N N 315 
SER C   O    doub N N 316 
SER C   OXT  sing N N 317 
SER CB  OG   sing N N 318 
SER CB  HB2  sing N N 319 
SER CB  HB3  sing N N 320 
SER OG  HG   sing N N 321 
SER OXT HXT  sing N N 322 
THR N   CA   sing N N 323 
THR N   H    sing N N 324 
THR N   H2   sing N N 325 
THR CA  C    sing N N 326 
THR CA  CB   sing N N 327 
THR CA  HA   sing N N 328 
THR C   O    doub N N 329 
THR C   OXT  sing N N 330 
THR CB  OG1  sing N N 331 
THR CB  CG2  sing N N 332 
THR CB  HB   sing N N 333 
THR OG1 HG1  sing N N 334 
THR CG2 HG21 sing N N 335 
THR CG2 HG22 sing N N 336 
THR CG2 HG23 sing N N 337 
THR OXT HXT  sing N N 338 
TRP N   CA   sing N N 339 
TRP N   H    sing N N 340 
TRP N   H2   sing N N 341 
TRP CA  C    sing N N 342 
TRP CA  CB   sing N N 343 
TRP CA  HA   sing N N 344 
TRP C   O    doub N N 345 
TRP C   OXT  sing N N 346 
TRP CB  CG   sing N N 347 
TRP CB  HB2  sing N N 348 
TRP CB  HB3  sing N N 349 
TRP CG  CD1  doub Y N 350 
TRP CG  CD2  sing Y N 351 
TRP CD1 NE1  sing Y N 352 
TRP CD1 HD1  sing N N 353 
TRP CD2 CE2  doub Y N 354 
TRP CD2 CE3  sing Y N 355 
TRP NE1 CE2  sing Y N 356 
TRP NE1 HE1  sing N N 357 
TRP CE2 CZ2  sing Y N 358 
TRP CE3 CZ3  doub Y N 359 
TRP CE3 HE3  sing N N 360 
TRP CZ2 CH2  doub Y N 361 
TRP CZ2 HZ2  sing N N 362 
TRP CZ3 CH2  sing Y N 363 
TRP CZ3 HZ3  sing N N 364 
TRP CH2 HH2  sing N N 365 
TRP OXT HXT  sing N N 366 
TYR N   CA   sing N N 367 
TYR N   H    sing N N 368 
TYR N   H2   sing N N 369 
TYR CA  C    sing N N 370 
TYR CA  CB   sing N N 371 
TYR CA  HA   sing N N 372 
TYR C   O    doub N N 373 
TYR C   OXT  sing N N 374 
TYR CB  CG   sing N N 375 
TYR CB  HB2  sing N N 376 
TYR CB  HB3  sing N N 377 
TYR CG  CD1  doub Y N 378 
TYR CG  CD2  sing Y N 379 
TYR CD1 CE1  sing Y N 380 
TYR CD1 HD1  sing N N 381 
TYR CD2 CE2  doub Y N 382 
TYR CD2 HD2  sing N N 383 
TYR CE1 CZ   doub Y N 384 
TYR CE1 HE1  sing N N 385 
TYR CE2 CZ   sing Y N 386 
TYR CE2 HE2  sing N N 387 
TYR CZ  OH   sing N N 388 
TYR OH  HH   sing N N 389 
TYR OXT HXT  sing N N 390 
V4O V1  O0   doub N N 391 
V4O V1  O1   sing N N 392 
V4O V1  O3   sing N N 393 
V4O V1  O9   sing N N 394 
V4O V2  O2   doub N N 395 
V4O V2  O3   sing N N 396 
V4O V2  O4   sing N N 397 
V4O V2  O6   sing N N 398 
V4O V3  O5   doub N N 399 
V4O V3  O6   sing N N 400 
V4O V3  O7   sing N N 401 
V4O V3  O8   sing N N 402 
V4O V4  O8   sing N N 403 
V4O V4  O9   sing N N 404 
V4O V4  O10  doub N N 405 
V4O V4  O11  sing N N 406 
VAL N   CA   sing N N 407 
VAL N   H    sing N N 408 
VAL N   H2   sing N N 409 
VAL CA  C    sing N N 410 
VAL CA  CB   sing N N 411 
VAL CA  HA   sing N N 412 
VAL C   O    doub N N 413 
VAL C   OXT  sing N N 414 
VAL CB  CG1  sing N N 415 
VAL CB  CG2  sing N N 416 
VAL CB  HB   sing N N 417 
VAL CG1 HG11 sing N N 418 
VAL CG1 HG12 sing N N 419 
VAL CG1 HG13 sing N N 420 
VAL CG2 HG21 sing N N 421 
VAL CG2 HG22 sing N N 422 
VAL CG2 HG23 sing N N 423 
VAL OXT HXT  sing N N 424 
VVB V5  O12  sing N N 425 
VVB V5  O13  sing N N 426 
VVB O12 H1   sing N N 427 
VVB O13 H2   sing N N 428 
# 
_pdbx_audit_support.funding_organization   'Not funded' 
_pdbx_audit_support.country                ? 
_pdbx_audit_support.grant_number           ? 
_pdbx_audit_support.ordinal                1 
# 
_pdbx_initial_refinement_model.id               1 
_pdbx_initial_refinement_model.entity_id_list   ? 
_pdbx_initial_refinement_model.type             'experimental model' 
_pdbx_initial_refinement_model.source_name      PDB 
_pdbx_initial_refinement_model.accession_code   193L 
_pdbx_initial_refinement_model.details          ? 
# 
_atom_sites.entry_id                    7ZU6 
_atom_sites.Cartn_transf_matrix[1][1]   ? 
_atom_sites.Cartn_transf_matrix[1][2]   ? 
_atom_sites.Cartn_transf_matrix[1][3]   ? 
_atom_sites.Cartn_transf_matrix[2][1]   ? 
_atom_sites.Cartn_transf_matrix[2][2]   ? 
_atom_sites.Cartn_transf_matrix[2][3]   ? 
_atom_sites.Cartn_transf_matrix[3][1]   ? 
_atom_sites.Cartn_transf_matrix[3][2]   ? 
_atom_sites.Cartn_transf_matrix[3][3]   ? 
_atom_sites.Cartn_transf_vector[1]      ? 
_atom_sites.Cartn_transf_vector[2]      ? 
_atom_sites.Cartn_transf_vector[3]      ? 
_atom_sites.fract_transf_matrix[1][1]   0.00744133 
_atom_sites.fract_transf_matrix[1][2]   0.00228508 
_atom_sites.fract_transf_matrix[1][3]   -0.01038554 
_atom_sites.fract_transf_matrix[2][1]   0.00829134 
_atom_sites.fract_transf_matrix[2][2]   -0.00918371 
_atom_sites.fract_transf_matrix[2][3]   0.00392017 
_atom_sites.fract_transf_matrix[3][1]   -0.01355747 
_atom_sites.fract_transf_matrix[3][2]   -0.01808523 
_atom_sites.fract_transf_matrix[3][3]   -0.01369327 
_atom_sites.fract_transf_vector[1]      -0.013508 
_atom_sites.fract_transf_vector[2]      0.254964 
_atom_sites.fract_transf_vector[3]      0.511957 
_atom_sites.solution_primary            ? 
_atom_sites.solution_secondary          ? 
_atom_sites.solution_hydrogens          ? 
_atom_sites.special_details             ? 
# 
loop_
_atom_type.symbol 
_atom_type.pdbx_scat_Z 
_atom_type.pdbx_N_electrons 
_atom_type.scat_Cromer_Mann_a1 
_atom_type.scat_Cromer_Mann_b1 
_atom_type.scat_Cromer_Mann_a2 
_atom_type.scat_Cromer_Mann_b2 
_atom_type.scat_Cromer_Mann_a3 
_atom_type.scat_Cromer_Mann_b3 
_atom_type.scat_Cromer_Mann_a4 
_atom_type.scat_Cromer_Mann_b4 
_atom_type.scat_Cromer_Mann_c 
C  6  6  2.310  20.844 1.020 10.208 1.589 0.569  0.865 51.651  0.216   
H  1  1  0.493  10.511 0.323 26.126 0.140 3.142  0.041 57.800  0.003   
N  7  7  12.222 0.006  3.135 9.893  2.014 28.997 1.167 0.583   -11.538 
NA 11 11 4.766  3.285  3.176 8.842  1.268 0.314  1.114 129.424 0.736   
O  8  8  3.049  13.277 2.287 5.701  1.546 0.324  0.867 32.909  0.251   
S  16 16 6.905  1.468  5.203 22.215 1.438 0.254  1.586 56.172  1.056   
V  23 23 10.299 6.866  7.353 0.438  2.071 26.894 2.058 102.478 1.552   
# 
loop_
_atom_site.group_PDB 
_atom_site.id 
_atom_site.type_symbol 
_atom_site.label_atom_id 
_atom_site.label_alt_id 
_atom_site.label_comp_id 
_atom_site.label_asym_id 
_atom_site.label_entity_id 
_atom_site.label_seq_id 
_atom_site.pdbx_PDB_ins_code 
_atom_site.Cartn_x 
_atom_site.Cartn_y 
_atom_site.Cartn_z 
_atom_site.occupancy 
_atom_site.B_iso_or_equiv 
_atom_site.pdbx_formal_charge 
_atom_site.auth_seq_id 
_atom_site.auth_comp_id 
_atom_site.auth_asym_id 
_atom_site.auth_atom_id 
_atom_site.pdbx_PDB_model_num 
_atom_site.calc_flag 
ATOM   1    N  N   . LYS A 1 1   ? -0.161  13.967  -1.346  1.000 17.219 0 1   LYS AAA N   1 ? 
ATOM   2    C  CA  . LYS A 1 1   ? 0.112   14.336  0.076   1.000 17.551 0 1   LYS AAA CA  1 ? 
ATOM   3    C  C   . LYS A 1 1   ? 1.215   13.456  0.613   1.000 15.963 0 1   LYS AAA C   1 ? 
ATOM   4    O  O   . LYS A 1 1   ? 1.182   12.224  0.418   1.000 15.231 0 1   LYS AAA O   1 ? 
ATOM   5    C  CB  . LYS A 1 1   ? -1.123  14.080  0.910   1.000 18.077 0 1   LYS AAA CB  1 ? 
ATOM   6    C  CG  . LYS A 1 1   ? -0.957  14.185  2.408   1.000 19.566 0 1   LYS AAA CG  1 ? 
ATOM   7    C  CD  A LYS A 1 1   ? -2.244  14.041  3.163   0.450 21.376 0 1   LYS AAA CD  1 ? 
ATOM   8    C  CD  B LYS A 1 1   ? -2.281  14.032  3.111   0.550 20.672 0 1   LYS AAA CD  1 ? 
ATOM   9    C  CE  A LYS A 1 1   ? -2.004  13.966  4.654   0.450 23.557 0 1   LYS AAA CE  1 ? 
ATOM   10   C  CE  B LYS A 1 1   ? -2.187  14.077  4.620   0.550 22.018 0 1   LYS AAA CE  1 ? 
ATOM   11   N  NZ  A LYS A 1 1   ? -3.223  14.290  5.429   0.450 26.226 0 1   LYS AAA NZ  1 ? 
ATOM   12   N  NZ  B LYS A 1 1   ? -1.760  15.408  5.118   0.550 24.304 0 1   LYS AAA NZ  1 ? 
ATOM   13   N  N   . VAL A 1 2   ? 2.163   14.060  1.286   1.000 15.310 0 2   VAL AAA N   1 ? 
ATOM   14   C  CA  . VAL A 1 2   ? 3.215   13.302  2.007   1.000 15.395 0 2   VAL AAA CA  1 ? 
ATOM   15   C  C   . VAL A 1 2   ? 2.783   13.224  3.458   1.000 15.331 0 2   VAL AAA C   1 ? 
ATOM   16   O  O   . VAL A 1 2   ? 2.754   14.280  4.152   1.000 17.431 0 2   VAL AAA O   1 ? 
ATOM   17   C  CB  . VAL A 1 2   ? 4.613   13.893  1.821   1.000 17.518 0 2   VAL AAA CB  1 ? 
ATOM   18   C  CG1 . VAL A 1 2   ? 5.652   13.192  2.679   1.000 20.317 0 2   VAL AAA CG1 1 ? 
ATOM   19   C  CG2 . VAL A 1 2   ? 5.046   13.839  0.355   1.000 17.945 0 2   VAL AAA CG2 1 ? 
ATOM   20   N  N   . PHE A 1 3   ? 2.441   12.040  3.922   1.000 13.993 0 3   PHE AAA N   1 ? 
ATOM   21   C  CA  . PHE A 1 3   ? 2.040   11.820  5.325   1.000 14.240 0 3   PHE AAA CA  1 ? 
ATOM   22   C  C   . PHE A 1 3   ? 3.280   11.817  6.197   1.000 14.517 0 3   PHE AAA C   1 ? 
ATOM   23   O  O   . PHE A 1 3   ? 4.365   11.367  5.868   1.000 14.872 0 3   PHE AAA O   1 ? 
ATOM   24   C  CB  . PHE A 1 3   ? 1.372   10.467  5.454   1.000 14.877 0 3   PHE AAA CB  1 ? 
ATOM   25   C  CG  . PHE A 1 3   ? -0.073  10.434  5.141   1.000 15.291 0 3   PHE AAA CG  1 ? 
ATOM   26   C  CD1 . PHE A 1 3   ? -0.529  10.370  3.814   1.000 17.049 0 3   PHE AAA CD1 1 ? 
ATOM   27   C  CD2 . PHE A 1 3   ? -1.014  10.476  6.161   1.000 15.961 0 3   PHE AAA CD2 1 ? 
ATOM   28   C  CE1 . PHE A 1 3   ? -1.869  10.320  3.509   1.000 18.346 0 3   PHE AAA CE1 1 ? 
ATOM   29   C  CE2 . PHE A 1 3   ? -2.360  10.436  5.851   1.000 17.043 0 3   PHE AAA CE2 1 ? 
ATOM   30   C  CZ  . PHE A 1 3   ? -2.792  10.408  4.532   1.000 18.954 0 3   PHE AAA CZ  1 ? 
ATOM   31   N  N   . GLY A 1 4   ? 3.056   12.343  7.423   1.000 15.320 0 4   GLY AAA N   1 ? 
ATOM   32   C  CA  . GLY A 1 4   ? 3.934   11.988  8.542   1.000 16.304 0 4   GLY AAA CA  1 ? 
ATOM   33   C  C   . GLY A 1 4   ? 3.717   10.529  8.954   1.000 13.397 0 4   GLY AAA C   1 ? 
ATOM   34   O  O   . GLY A 1 4   ? 2.660   9.942   8.743   1.000 14.667 0 4   GLY AAA O   1 ? 
ATOM   35   N  N   . ARG A 1 5   ? 4.697   9.988   9.624   1.000 15.123 0 5   ARG AAA N   1 ? 
ATOM   36   C  CA  . ARG A 1 5   ? 4.670   8.572   10.040  1.000 15.996 0 5   ARG AAA CA  1 ? 
ATOM   37   C  C   . ARG A 1 5   ? 3.485   8.292   10.949  1.000 13.869 0 5   ARG AAA C   1 ? 
ATOM   38   O  O   . ARG A 1 5   ? 2.647   7.411   10.717  1.000 14.320 0 5   ARG AAA O   1 ? 
ATOM   39   C  CB  . ARG A 1 5   ? 5.991   8.228   10.698  1.000 16.699 0 5   ARG AAA CB  1 ? 
ATOM   40   C  CG  . ARG A 1 5   ? 6.063   6.808   11.211  1.000 16.380 0 5   ARG AAA CG  1 ? 
ATOM   41   C  CD  . ARG A 1 5   ? 7.437   6.489   11.803  1.000 17.793 0 5   ARG AAA CD  1 ? 
ATOM   42   N  NE  . ARG A 1 5   ? 7.840   7.368   12.918  1.000 20.835 0 5   ARG AAA NE  1 ? 
ATOM   43   C  CZ  . ARG A 1 5   ? 7.490   7.181   14.183  1.000 21.413 0 5   ARG AAA CZ  1 ? 
ATOM   44   N  NH1 . ARG A 1 5   ? 6.804   6.137   14.553  1.000 21.068 0 5   ARG AAA NH1 1 ? 
ATOM   45   N  NH2 . ARG A 1 5   ? 7.914   8.021   15.109  1.000 26.891 0 5   ARG AAA NH2 1 ? 
ATOM   46   N  N   . CYS A 1 6   ? 3.361   9.062   12.040  1.000 16.007 0 6   CYS AAA N   1 ? 
ATOM   47   C  CA  . CYS A 1 6   ? 2.260   8.806   12.984  1.000 15.435 0 6   CYS AAA CA  1 ? 
ATOM   48   C  C   . CYS A 1 6   ? 0.895   9.205   12.420  1.000 12.940 0 6   CYS AAA C   1 ? 
ATOM   49   O  O   . CYS A 1 6   ? -0.103  8.595   12.692  1.000 14.096 0 6   CYS AAA O   1 ? 
ATOM   50   C  CB  . CYS A 1 6   ? 2.466   9.517   14.314  1.000 16.201 0 6   CYS AAA CB  1 ? 
ATOM   51   S  SG  . CYS A 1 6   ? 3.859   8.846   15.256  1.000 20.004 0 6   CYS AAA SG  1 ? 
ATOM   52   N  N   . GLU A 1 7   ? 0.888   10.228  11.560  1.000 14.862 0 7   GLU AAA N   1 ? 
ATOM   53   C  CA  . GLU A 1 7   ? -0.340  10.624  10.872  1.000 15.720 0 7   GLU AAA CA  1 ? 
ATOM   54   C  C   . GLU A 1 7   ? -0.869  9.472   9.984   1.000 13.395 0 7   GLU AAA C   1 ? 
ATOM   55   O  O   . GLU A 1 7   ? -2.028  9.146   10.006  1.000 14.859 0 7   GLU AAA O   1 ? 
ATOM   56   C  CB  . GLU A 1 7   ? -0.071  11.828  9.970   1.000 16.714 0 7   GLU AAA CB  1 ? 
ATOM   57   C  CG  . GLU A 1 7   ? -1.228  12.391  9.204   1.000 17.576 0 7   GLU AAA CG  1 ? 
ATOM   58   C  CD  . GLU A 1 7   ? -0.810  13.524  8.278   1.000 19.561 0 7   GLU AAA CD  1 ? 
ATOM   59   O  OE1 . GLU A 1 7   ? 0.392   13.697  7.929   1.000 20.161 0 7   GLU AAA OE1 1 ? 
ATOM   60   O  OE2 . GLU A 1 7   ? -1.752  14.273  7.912   1.000 22.004 0 7   GLU AAA OE2 1 ? 
ATOM   61   N  N   . LEU A 1 8   ? 0.060   8.802   9.282   1.000 14.011 0 8   LEU AAA N   1 ? 
ATOM   62   C  CA  . LEU A 1 8   ? -0.347  7.657   8.426   1.000 13.160 0 8   LEU AAA CA  1 ? 
ATOM   63   C  C   . LEU A 1 8   ? -0.771  6.487   9.306   1.000 11.835 0 8   LEU AAA C   1 ? 
ATOM   64   O  O   . LEU A 1 8   ? -1.765  5.862   9.032   1.000 12.784 0 8   LEU AAA O   1 ? 
ATOM   65   C  CB  . LEU A 1 8   ? 0.786   7.244   7.484   1.000 13.677 0 8   LEU AAA CB  1 ? 
ATOM   66   C  CG  . LEU A 1 8   ? 0.412   6.093   6.560   1.000 13.617 0 8   LEU AAA CG  1 ? 
ATOM   67   C  CD1 . LEU A 1 8   ? -0.718  6.491   5.658   1.000 14.942 0 8   LEU AAA CD1 1 ? 
ATOM   68   C  CD2 . LEU A 1 8   ? 1.648   5.699   5.763   1.000 14.645 0 8   LEU AAA CD2 1 ? 
ATOM   69   N  N   . ALA A 1 9   ? -0.018  6.244   10.388  1.000 12.771 0 9   ALA AAA N   1 ? 
ATOM   70   C  CA  . ALA A 1 9   ? -0.374  5.150   11.298  1.000 13.638 0 9   ALA AAA CA  1 ? 
ATOM   71   C  C   . ALA A 1 9   ? -1.805  5.332   11.807  1.000 13.120 0 9   ALA AAA C   1 ? 
ATOM   72   O  O   . ALA A 1 9   ? -2.566  4.404   11.809  1.000 14.041 0 9   ALA AAA O   1 ? 
ATOM   73   C  CB  . ALA A 1 9   ? 0.597   5.084   12.432  1.000 14.782 0 9   ALA AAA CB  1 ? 
ATOM   74   N  N   . ALA A 1 10  ? -2.159  6.569   12.211  1.000 14.188 0 10  ALA AAA N   1 ? 
ATOM   75   C  CA  . ALA A 1 10  ? -3.511  6.821   12.747  1.000 16.016 0 10  ALA AAA CA  1 ? 
ATOM   76   C  C   . ALA A 1 10  ? -4.583  6.607   11.682  1.000 14.870 0 10  ALA AAA C   1 ? 
ATOM   77   O  O   . ALA A 1 10  ? -5.644  6.045   11.954  1.000 16.718 0 10  ALA AAA O   1 ? 
ATOM   78   C  CB  . ALA A 1 10  ? -3.602  8.225   13.297  1.000 16.003 0 10  ALA AAA CB  1 ? 
ATOM   79   N  N   . ALA A 1 11  ? -4.318  6.996   10.429  1.000 15.320 0 11  ALA AAA N   1 ? 
ATOM   80   C  CA  . ALA A 1 11  ? -5.301  6.849   9.334   1.000 14.402 0 11  ALA AAA CA  1 ? 
ATOM   81   C  C   . ALA A 1 11  ? -5.477  5.372   8.970   1.000 13.914 0 11  ALA AAA C   1 ? 
ATOM   82   O  O   . ALA A 1 11  ? -6.569  4.885   8.789   1.000 15.810 0 11  ALA AAA O   1 ? 
ATOM   83   C  CB  . ALA A 1 11  ? -4.870  7.672   8.134   1.000 16.292 0 11  ALA AAA CB  1 ? 
ATOM   84   N  N   . MET A 1 12  ? -4.332  4.651   8.909   1.000 14.200 0 12  MET AAA N   1 ? 
ATOM   85   C  CA  . MET A 1 12  ? -4.401  3.208   8.603   1.000 13.793 0 12  MET AAA CA  1 ? 
ATOM   86   C  C   . MET A 1 12  ? -5.184  2.488   9.702   1.000 14.029 0 12  MET AAA C   1 ? 
ATOM   87   O  O   . MET A 1 12  ? -5.949  1.601   9.381   1.000 15.555 0 12  MET AAA O   1 ? 
ATOM   88   C  CB  . MET A 1 12  ? -2.998  2.648   8.454   1.000 13.369 0 12  MET AAA CB  1 ? 
ATOM   89   C  CG  . MET A 1 12  ? -2.293  3.117   7.189   1.000 12.306 0 12  MET AAA CG  1 ? 
ATOM   90   S  SD  . MET A 1 12  ? -0.655  2.360   7.078   1.000 13.921 0 12  MET AAA SD  1 ? 
ATOM   91   C  CE  . MET A 1 12  ? -0.462  2.178   5.324   1.000 14.814 0 12  MET AAA CE  1 ? 
ATOM   92   N  N   . LYS A 1 13  ? -4.912  2.855   10.951  1.000 14.356 0 13  LYS AAA N   1 ? 
ATOM   93   C  CA  . LYS A 1 13  ? -5.647  2.252   12.094  1.000 16.341 0 13  LYS AAA CA  1 ? 
ATOM   94   C  C   . LYS A 1 13  ? -7.158  2.551   12.004  1.000 16.522 0 13  LYS AAA C   1 ? 
ATOM   95   O  O   . LYS A 1 13  ? -8.001  1.650   12.148  1.000 18.153 0 13  LYS AAA O   1 ? 
ATOM   96   C  CB  . LYS A 1 13  ? -5.037  2.723   13.407  1.000 17.392 0 13  LYS AAA CB  1 ? 
ATOM   97   C  CG  . LYS A 1 13  ? -5.701  2.104   14.628  1.000 19.361 0 13  LYS AAA CG  1 ? 
ATOM   98   C  CD  . LYS A 1 13  ? -4.992  2.427   15.892  1.000 21.780 0 13  LYS AAA CD  1 ? 
ATOM   99   C  CE  . LYS A 1 13  ? -5.474  1.557   17.044  1.000 25.888 0 13  LYS AAA CE  1 ? 
ATOM   100  N  NZ  . LYS A 1 13  ? -4.877  1.982   18.327  1.000 30.488 0 13  LYS AAA NZ  1 ? 
ATOM   101  N  N   . ARG A 1 14  ? -7.463  3.791   11.700  1.000 16.908 0 14  ARG AAA N   1 ? 
ATOM   102  C  CA  . ARG A 1 14  ? -8.884  4.193   11.605  1.000 18.488 0 14  ARG AAA CA  1 ? 
ATOM   103  C  C   . ARG A 1 14  ? -9.608  3.389   10.546  1.000 19.731 0 14  ARG AAA C   1 ? 
ATOM   104  O  O   . ARG A 1 14  ? -10.794 2.984   10.729  1.000 20.715 0 14  ARG AAA O   1 ? 
ATOM   105  C  CB  . ARG A 1 14  ? -9.019  5.667   11.265  1.000 19.137 0 14  ARG AAA CB  1 ? 
ATOM   106  C  CG  . ARG A 1 14  ? -10.472 5.994   10.955  1.000 22.814 0 14  ARG AAA CG  1 ? 
ATOM   107  C  CD  . ARG A 1 14  ? -10.682 7.455   11.004  1.000 23.641 0 14  ARG AAA CD  1 ? 
ATOM   108  N  NE  . ARG A 1 14  ? -9.749  8.090   10.091  1.000 21.544 0 14  ARG AAA NE  1 ? 
ATOM   109  C  CZ  . ARG A 1 14  ? -9.991  8.347   8.810   1.000 22.312 0 14  ARG AAA CZ  1 ? 
ATOM   110  N  NH1 . ARG A 1 14  ? -11.171 8.075   8.255   1.000 21.325 0 14  ARG AAA NH1 1 ? 
ATOM   111  N  NH2 . ARG A 1 14  ? -9.039  8.939   8.108   1.000 25.315 0 14  ARG AAA NH2 1 ? 
ATOM   112  N  N   . HIS A 1 15  ? -8.937  3.124   9.423   1.000 18.499 0 15  HIS AAA N   1 ? 
ATOM   113  C  CA  . HIS A 1 15  ? -9.515  2.409   8.288   1.000 18.113 0 15  HIS AAA CA  1 ? 
ATOM   114  C  C   . HIS A 1 15  ? -9.427  0.892   8.463   1.000 20.990 0 15  HIS AAA C   1 ? 
ATOM   115  O  O   . HIS A 1 15  ? -9.808  0.212   7.506   1.000 22.855 0 15  HIS AAA O   1 ? 
ATOM   116  C  CB  . HIS A 1 15  ? -8.812  2.825   6.992   1.000 20.206 0 15  HIS AAA CB  1 ? 
ATOM   117  C  CG  . HIS A 1 15  ? -9.297  4.122   6.469   1.000 20.002 0 15  HIS AAA CG  1 ? 
ATOM   118  N  ND1 . HIS A 1 15  ? -8.589  5.291   6.534   1.000 23.235 0 15  HIS AAA ND1 1 ? 
ATOM   119  C  CD2 . HIS A 1 15  ? -10.440 4.416   5.831   1.000 23.687 0 15  HIS AAA CD2 1 ? 
ATOM   120  C  CE1 . HIS A 1 15  ? -9.282  6.254   5.942   1.000 21.336 0 15  HIS AAA CE1 1 ? 
ATOM   121  N  NE2 . HIS A 1 15  ? -10.406 5.753   5.568   1.000 25.299 0 15  HIS AAA NE2 1 ? 
ATOM   122  N  N   . GLY A 1 16  ? -8.945  0.382   9.603   1.000 19.034 0 16  GLY AAA N   1 ? 
ATOM   123  C  CA  . GLY A 1 16  ? -9.061  -1.066  9.870   1.000 19.683 0 16  GLY AAA CA  1 ? 
ATOM   124  C  C   . GLY A 1 16  ? -7.875  -1.911  9.448   1.000 18.843 0 16  GLY AAA C   1 ? 
ATOM   125  O  O   . GLY A 1 16  ? -8.086  -3.117  9.362   1.000 20.231 0 16  GLY AAA O   1 ? 
ATOM   126  N  N   . LEU A 1 17  ? -6.701  -1.330  9.132   1.000 18.454 0 17  LEU AAA N   1 ? 
ATOM   127  C  CA  . LEU A 1 17  ? -5.516  -2.169  8.769   1.000 19.167 0 17  LEU AAA CA  1 ? 
ATOM   128  C  C   . LEU A 1 17  ? -4.793  -2.757  9.963   1.000 19.060 0 17  LEU AAA C   1 ? 
ATOM   129  O  O   . LEU A 1 17  ? -4.048  -3.762  9.746   1.000 18.792 0 17  LEU AAA O   1 ? 
ATOM   130  C  CB  . LEU A 1 17  ? -4.503  -1.381  7.950   1.000 19.569 0 17  LEU AAA CB  1 ? 
ATOM   131  C  CG  . LEU A 1 17  ? -4.927  -1.135  6.523   1.000 18.817 0 17  LEU AAA CG  1 ? 
ATOM   132  C  CD1 . LEU A 1 17  ? -3.838  -0.307  5.864   1.000 18.964 0 17  LEU AAA CD1 1 ? 
ATOM   133  C  CD2 . LEU A 1 17  ? -5.132  -2.442  5.749   1.000 20.735 0 17  LEU AAA CD2 1 ? 
ATOM   134  N  N   . ASP A 1 18  ? -4.900  -2.268  11.182  1.000 19.668 0 18  ASP AAA N   1 ? 
ATOM   135  C  CA  . ASP A 1 18  ? -4.113  -2.853  12.307  1.000 20.489 0 18  ASP AAA CA  1 ? 
ATOM   136  C  C   . ASP A 1 18  ? -4.635  -4.261  12.553  1.000 21.436 0 18  ASP AAA C   1 ? 
ATOM   137  O  O   . ASP A 1 18  ? -5.852  -4.469  12.835  1.000 21.612 0 18  ASP AAA O   1 ? 
ATOM   138  C  CB  . ASP A 1 18  ? -4.175  -2.067  13.627  1.000 23.208 0 18  ASP AAA CB  1 ? 
ATOM   139  C  CG  . ASP A 1 18  ? -3.286  -2.504  14.797  1.000 28.377 0 18  ASP AAA CG  1 ? 
ATOM   140  O  OD1 . ASP A 1 18  ? -2.271  -3.302  14.621  1.000 25.381 0 18  ASP AAA OD1 1 ? 
ATOM   141  O  OD2 . ASP A 1 18  ? -3.521  -1.915  15.922  1.000 29.149 0 18  ASP AAA OD2 1 ? 
ATOM   142  N  N   . ASN A 1 19  ? -3.762  -5.225  12.348  1.000 19.009 0 19  ASN AAA N   1 ? 
ATOM   143  C  CA  . ASN A 1 19  ? -4.035  -6.663  12.518  1.000 19.454 0 19  ASN AAA CA  1 ? 
ATOM   144  C  C   . ASN A 1 19  ? -4.920  -7.190  11.400  1.000 18.393 0 19  ASN AAA C   1 ? 
ATOM   145  O  O   . ASN A 1 19  ? -5.436  -8.303  11.546  1.000 17.803 0 19  ASN AAA O   1 ? 
ATOM   146  C  CB  . ASN A 1 19  ? -4.623  -6.948  13.907  1.000 23.180 0 19  ASN AAA CB  1 ? 
ATOM   147  C  CG  . ASN A 1 19  ? -3.868  -6.186  14.978  1.000 29.585 0 19  ASN AAA CG  1 ? 
ATOM   148  O  OD1 . ASN A 1 19  ? -2.635  -6.216  15.029  1.000 33.332 0 19  ASN AAA OD1 1 ? 
ATOM   149  N  ND2 . ASN A 1 19  ? -4.589  -5.428  15.798  1.000 32.461 0 19  ASN AAA ND2 1 ? 
ATOM   150  N  N   . TYR A 1 20  ? -5.072  -6.462  10.294  1.000 18.751 0 20  TYR AAA N   1 ? 
ATOM   151  C  CA  . TYR A 1 20  ? -5.840  -7.004  9.168   1.000 16.887 0 20  TYR AAA CA  1 ? 
ATOM   152  C  C   . TYR A 1 20  ? -5.095  -8.196  8.540   1.000 18.238 0 20  TYR AAA C   1 ? 
ATOM   153  O  O   . TYR A 1 20  ? -3.888  -8.086  8.248   1.000 15.603 0 20  TYR AAA O   1 ? 
ATOM   154  C  CB  . TYR A 1 20  ? -6.123  -5.913  8.138   1.000 17.383 0 20  TYR AAA CB  1 ? 
ATOM   155  C  CG  . TYR A 1 20  ? -7.141  -6.340  7.129   1.000 17.293 0 20  TYR AAA CG  1 ? 
ATOM   156  C  CD1 . TYR A 1 20  ? -8.492  -6.210  7.407   1.000 19.534 0 20  TYR AAA CD1 1 ? 
ATOM   157  C  CD2 . TYR A 1 20  ? -6.785  -6.980  5.959   1.000 16.793 0 20  TYR AAA CD2 1 ? 
ATOM   158  C  CE1 . TYR A 1 20  ? -9.444  -6.683  6.527   1.000 19.678 0 20  TYR AAA CE1 1 ? 
ATOM   159  C  CE2 . TYR A 1 20  ? -7.715  -7.447  5.063   1.000 18.159 0 20  TYR AAA CE2 1 ? 
ATOM   160  C  CZ  . TYR A 1 20  ? -9.056  -7.278  5.335   1.000 18.807 0 20  TYR AAA CZ  1 ? 
ATOM   161  O  OH  . TYR A 1 20  ? -9.904  -7.749  4.399   1.000 23.632 0 20  TYR AAA OH  1 ? 
ATOM   162  N  N   . ARG A 1 21  ? -5.748  -9.358  8.454   1.000 19.448 0 21  ARG AAA N   1 ? 
ATOM   163  C  CA  . ARG A 1 21  ? -5.129  -10.647 8.031   1.000 20.539 0 21  ARG AAA CA  1 ? 
ATOM   164  C  C   . ARG A 1 21  ? -3.934  -10.925 8.911   1.000 16.219 0 21  ARG AAA C   1 ? 
ATOM   165  O  O   . ARG A 1 21  ? -3.011  -11.680 8.491   1.000 18.592 0 21  ARG AAA O   1 ? 
ATOM   166  C  CB  . ARG A 1 21  ? -4.714  -10.696 6.557   1.000 24.572 0 21  ARG AAA CB  1 ? 
ATOM   167  C  CG  . ARG A 1 21  ? -5.880  -10.833 5.592   1.000 32.425 0 21  ARG AAA CG  1 ? 
ATOM   168  C  CD  . ARG A 1 21  ? -6.796  -11.999 5.870   1.000 40.292 0 21  ARG AAA CD  1 ? 
ATOM   169  N  NE  . ARG A 1 21  ? -8.159  -11.710 5.434   1.000 49.982 0 21  ARG AAA NE  1 ? 
ATOM   170  C  CZ  . ARG A 1 21  ? -8.841  -12.407 4.529   1.000 56.159 0 21  ARG AAA CZ  1 ? 
ATOM   171  N  NH1 . ARG A 1 21  ? -8.300  -13.466 3.933   1.000 54.249 0 21  ARG AAA NH1 1 ? 
ATOM   172  N  NH2 . ARG A 1 21  ? -10.078 -12.041 4.230   1.000 60.968 0 21  ARG AAA NH2 1 ? 
ATOM   173  N  N   . GLY A 1 22  ? -3.976  -10.480 10.152  1.000 16.429 0 22  GLY AAA N   1 ? 
ATOM   174  C  CA  . GLY A 1 22  ? -2.947  -10.738 11.153  1.000 15.412 0 22  GLY AAA CA  1 ? 
ATOM   175  C  C   . GLY A 1 22  ? -1.697  -9.874  11.053  1.000 13.279 0 22  GLY AAA C   1 ? 
ATOM   176  O  O   . GLY A 1 22  ? -0.741  -10.125 11.762  1.000 14.554 0 22  GLY AAA O   1 ? 
ATOM   177  N  N   . TYR A 1 23  ? -1.699  -8.872  10.169  1.000 13.370 0 23  TYR AAA N   1 ? 
ATOM   178  C  CA  . TYR A 1 23  ? -0.536  -7.968  10.029  1.000 12.324 0 23  TYR AAA CA  1 ? 
ATOM   179  C  C   . TYR A 1 23  ? -0.684  -6.738  10.921  1.000 12.721 0 23  TYR AAA C   1 ? 
ATOM   180  O  O   . TYR A 1 23  ? -1.550  -5.908  10.674  1.000 12.996 0 23  TYR AAA O   1 ? 
ATOM   181  C  CB  . TYR A 1 23  ? -0.357  -7.622  8.554   1.000 11.798 0 23  TYR AAA CB  1 ? 
ATOM   182  C  CG  . TYR A 1 23  ? 0.063   -8.773  7.687   1.000 11.006 0 23  TYR AAA CG  1 ? 
ATOM   183  C  CD1 . TYR A 1 23  ? 1.375   -9.117  7.530   1.000 11.651 0 23  TYR AAA CD1 1 ? 
ATOM   184  C  CD2 . TYR A 1 23  ? -0.864  -9.556  7.044   1.000 11.761 0 23  TYR AAA CD2 1 ? 
ATOM   185  C  CE1 . TYR A 1 23  ? 1.771   -10.193 6.746   1.000 10.462 0 23  TYR AAA CE1 1 ? 
ATOM   186  C  CE2 . TYR A 1 23  ? -0.510  -10.644 6.261   1.000 11.010 0 23  TYR AAA CE2 1 ? 
ATOM   187  C  CZ  . TYR A 1 23  ? 0.824   -10.941 6.108   1.000 10.931 0 23  TYR AAA CZ  1 ? 
ATOM   188  O  OH  . TYR A 1 23  ? 1.223   -11.979 5.318   1.000 11.907 0 23  TYR AAA OH  1 ? 
ATOM   189  N  N   . SER A 1 24  ? 0.231   -6.605  11.855  1.000 13.480 0 24  SER AAA N   1 ? 
ATOM   190  C  CA  . SER A 1 24  ? 0.186   -5.471  12.798  1.000 13.497 0 24  SER AAA CA  1 ? 
ATOM   191  C  C   . SER A 1 24  ? 0.357   -4.152  12.064  1.000 13.861 0 24  SER AAA C   1 ? 
ATOM   192  O  O   . SER A 1 24  ? 0.924   -4.115  10.922  1.000 13.529 0 24  SER AAA O   1 ? 
ATOM   193  C  CB  . SER A 1 24  ? 1.243   -5.640  13.802  1.000 15.517 0 24  SER AAA CB  1 ? 
ATOM   194  O  OG  . SER A 1 24  ? 2.519   -5.469  13.213  1.000 18.493 0 24  SER AAA OG  1 ? 
ATOM   195  N  N   . LEU A 1 25  ? -0.084  -3.063  12.660  1.000 12.617 0 25  LEU AAA N   1 ? 
ATOM   196  C  CA  . LEU A 1 25  ? -0.010  -1.716  12.071  1.000 12.089 0 25  LEU AAA CA  1 ? 
ATOM   197  C  C   . LEU A 1 25  ? 1.409   -1.412  11.657  1.000 12.037 0 25  LEU AAA C   1 ? 
ATOM   198  O  O   . LEU A 1 25  ? 1.599   -0.798  10.563  1.000 11.987 0 25  LEU AAA O   1 ? 
ATOM   199  C  CB  . LEU A 1 25  ? -0.542  -0.734  13.106  1.000 13.296 0 25  LEU AAA CB  1 ? 
ATOM   200  C  CG  . LEU A 1 25  ? -0.697  0.695   12.572  1.000 13.670 0 25  LEU AAA CG  1 ? 
ATOM   201  C  CD1 . LEU A 1 25  ? -1.663  0.772   11.404  1.000 15.183 0 25  LEU AAA CD1 1 ? 
ATOM   202  C  CD2 . LEU A 1 25  ? -1.220  1.557   13.704  1.000 13.882 0 25  LEU AAA CD2 1 ? 
ATOM   203  N  N   . GLY A 1 26  ? 2.405   -1.789  12.406  1.000 11.538 0 26  GLY AAA N   1 ? 
ATOM   204  C  CA  . GLY A 1 26  ? 3.785   -1.457  12.035  1.000 12.061 0 26  GLY AAA CA  1 ? 
ATOM   205  C  C   . GLY A 1 26  ? 4.200   -2.064  10.683  1.000 11.042 0 26  GLY AAA C   1 ? 
ATOM   206  O  O   . GLY A 1 26  ? 5.002   -1.478  9.975   1.000 11.260 0 26  GLY AAA O   1 ? 
ATOM   207  N  N   . ASN A 1 27  ? 3.685   -3.230  10.377  1.000 10.870 0 27  ASN AAA N   1 ? 
ATOM   208  C  CA  . ASN A 1 27  ? 3.953   -3.818  9.038   1.000 10.096 0 27  ASN AAA CA  1 ? 
ATOM   209  C  C   . ASN A 1 27  ? 3.414   -2.921  7.925   1.000 10.231 0 27  ASN AAA C   1 ? 
ATOM   210  O  O   . ASN A 1 27  ? 4.106   -2.759  6.915   1.000 10.424 0 27  ASN AAA O   1 ? 
ATOM   211  C  CB  . ASN A 1 27  ? 3.287   -5.175  8.912   1.000 10.338 0 27  ASN AAA CB  1 ? 
ATOM   212  C  CG  . ASN A 1 27  ? 4.074   -6.278  9.569   1.000 10.813 0 27  ASN AAA CG  1 ? 
ATOM   213  O  OD1 . ASN A 1 27  ? 5.089   -6.703  9.096   1.000 11.118 0 27  ASN AAA OD1 1 ? 
ATOM   214  N  ND2 . ASN A 1 27  ? 3.638   -6.693  10.754  1.000 12.897 0 27  ASN AAA ND2 1 ? 
ATOM   215  N  N   . TRP A 1 28  ? 2.225   -2.384  8.091   1.000 10.499 0 28  TRP AAA N   1 ? 
ATOM   216  C  CA  . TRP A 1 28  ? 1.619   -1.505  7.065   1.000 10.773 0 28  TRP AAA CA  1 ? 
ATOM   217  C  C   . TRP A 1 28  ? 2.375   -0.188  6.938   1.000 10.917 0 28  TRP AAA C   1 ? 
ATOM   218  O  O   . TRP A 1 28  ? 2.556   0.323   5.818   1.000 11.190 0 28  TRP AAA O   1 ? 
ATOM   219  C  CB  . TRP A 1 28  ? 0.138   -1.306  7.394   1.000 12.152 0 28  TRP AAA CB  1 ? 
ATOM   220  C  CG  . TRP A 1 28  ? -0.630  -2.557  7.329   1.000 11.500 0 28  TRP AAA CG  1 ? 
ATOM   221  C  CD1 . TRP A 1 28  ? -1.098  -3.294  8.374   1.000 11.963 0 28  TRP AAA CD1 1 ? 
ATOM   222  C  CD2 . TRP A 1 28  ? -1.097  -3.207  6.132   1.000 11.946 0 28  TRP AAA CD2 1 ? 
ATOM   223  N  NE1 . TRP A 1 28  ? -1.762  -4.365  7.906   1.000 12.555 0 28  TRP AAA NE1 1 ? 
ATOM   224  C  CE2 . TRP A 1 28  ? -1.784  -4.371  6.541   1.000 11.810 0 28  TRP AAA CE2 1 ? 
ATOM   225  C  CE3 . TRP A 1 28  ? -0.943  -2.936  4.758   1.000 12.264 0 28  TRP AAA CE3 1 ? 
ATOM   226  C  CZ2 . TRP A 1 28  ? -2.399  -5.211  5.613   1.000 12.519 0 28  TRP AAA CZ2 1 ? 
ATOM   227  C  CZ3 . TRP A 1 28  ? -1.507  -3.786  3.849   1.000 14.067 0 28  TRP AAA CZ3 1 ? 
ATOM   228  C  CH2 . TRP A 1 28  ? -2.221  -4.910  4.285   1.000 14.972 0 28  TRP AAA CH2 1 ? 
ATOM   229  N  N   . VAL A 1 29  ? 2.765   0.381   8.079   1.000 10.864 0 29  VAL AAA N   1 ? 
ATOM   230  C  CA  . VAL A 1 29  ? 3.519   1.644   8.048   1.000 10.154 0 29  VAL AAA CA  1 ? 
ATOM   231  C  C   . VAL A 1 29  ? 4.869   1.415   7.406   1.000 10.931 0 29  VAL AAA C   1 ? 
ATOM   232  O  O   . VAL A 1 29  ? 5.299   2.215   6.548   1.000 11.183 0 29  VAL AAA O   1 ? 
ATOM   233  C  CB  . VAL A 1 29  ? 3.600   2.255   9.454   1.000 11.588 0 29  VAL AAA CB  1 ? 
ATOM   234  C  CG1 . VAL A 1 29  ? 4.480   3.502   9.422   1.000 11.727 0 29  VAL AAA CG1 1 ? 
ATOM   235  C  CG2 . VAL A 1 29  ? 2.233   2.565   10.004  1.000 11.841 0 29  VAL AAA CG2 1 ? 
ATOM   236  N  N   . CYS A 1 30  ? 5.547   0.340   7.774   1.000 10.563 0 30  CYS AAA N   1 ? 
ATOM   237  C  CA  . CYS A 1 30  ? 6.848   -0.009  7.144   1.000 10.916 0 30  CYS AAA CA  1 ? 
ATOM   238  C  C   . CYS A 1 30  ? 6.685   -0.215  5.622   1.000 9.763  0 30  CYS AAA C   1 ? 
ATOM   239  O  O   . CYS A 1 30  ? 7.498   0.282   4.848   1.000 10.481 0 30  CYS AAA O   1 ? 
ATOM   240  C  CB  . CYS A 1 30  ? 7.396   -1.255  7.833   1.000 10.464 0 30  CYS AAA CB  1 ? 
ATOM   241  S  SG  . CYS A 1 30  ? 9.056   -1.727  7.281   1.000 12.048 0 30  CYS AAA SG  1 ? 
ATOM   242  N  N   . ALA A 1 31  ? 5.646   -0.904  5.235   1.000 9.819  0 31  ALA AAA N   1 ? 
ATOM   243  C  CA  . ALA A 1 31  ? 5.409   -1.153  3.799   1.000 10.629 0 31  ALA AAA CA  1 ? 
ATOM   244  C  C   . ALA A 1 31  ? 5.269   0.209   3.126   1.000 9.689  0 31  ALA AAA C   1 ? 
ATOM   245  O  O   . ALA A 1 31  ? 5.859   0.433   2.058   1.000 10.981 0 31  ALA AAA O   1 ? 
ATOM   246  C  CB  . ALA A 1 31  ? 4.216   -2.002  3.601   1.000 11.404 0 31  ALA AAA CB  1 ? 
ATOM   247  N  N   . ALA A 1 32  ? 4.435   1.076   3.647   1.000 10.231 0 32  ALA AAA N   1 ? 
ATOM   248  C  CA  . ALA A 1 32  ? 4.202   2.392   2.996   1.000 10.607 0 32  ALA AAA CA  1 ? 
ATOM   249  C  C   . ALA A 1 32  ? 5.494   3.172   2.960   1.000 10.171 0 32  ALA AAA C   1 ? 
ATOM   250  O  O   . ALA A 1 32  ? 5.778   3.864   1.966   1.000 10.973 0 32  ALA AAA O   1 ? 
ATOM   251  C  CB  . ALA A 1 32  ? 3.114   3.193   3.714   1.000 11.131 0 32  ALA AAA CB  1 ? 
ATOM   252  N  N   . LYS A 1 33  ? 6.319   3.106   4.003   1.000 10.577 0 33  LYS AAA N   1 ? 
ATOM   253  C  CA  . LYS A 1 33  ? 7.570   3.844   4.022   1.000 11.206 0 33  LYS AAA CA  1 ? 
ATOM   254  C  C   . LYS A 1 33  ? 8.438   3.448   2.833   1.000 11.018 0 33  LYS AAA C   1 ? 
ATOM   255  O  O   . LYS A 1 33  ? 8.947   4.288   2.077   1.000 12.671 0 33  LYS AAA O   1 ? 
ATOM   256  C  CB  . LYS A 1 33  ? 8.375   3.556   5.299   1.000 13.009 0 33  LYS AAA CB  1 ? 
ATOM   257  C  CG  . LYS A 1 33  ? 9.790   4.087   5.285   1.000 16.608 0 33  LYS AAA CG  1 ? 
ATOM   258  C  CD  . LYS A 1 33  ? 9.889   5.560   5.215   1.000 19.918 0 33  LYS AAA CD  1 ? 
ATOM   259  C  CE  . LYS A 1 33  ? 11.346  5.954   5.140   1.000 23.447 0 33  LYS AAA CE  1 ? 
ATOM   260  N  NZ  . LYS A 1 33  ? 11.446  7.422   5.148   1.000 26.624 0 33  LYS AAA NZ  1 ? 
ATOM   261  N  N   . PHE A 1 34  ? 8.621   2.140   2.659   1.000 10.765 0 34  PHE AAA N   1 ? 
ATOM   262  C  CA  . PHE A 1 34  ? 9.535   1.647   1.613   1.000 11.660 0 34  PHE AAA CA  1 ? 
ATOM   263  C  C   . PHE A 1 34  ? 8.861   1.526   0.260   1.000 11.305 0 34  PHE AAA C   1 ? 
ATOM   264  O  O   . PHE A 1 34  ? 9.644   1.493   -0.696  1.000 14.648 0 34  PHE AAA O   1 ? 
ATOM   265  C  CB  . PHE A 1 34  ? 10.268  0.396   2.059   1.000 11.838 0 34  PHE AAA CB  1 ? 
ATOM   266  C  CG  . PHE A 1 34  ? 11.148  0.654   3.266   1.000 11.270 0 34  PHE AAA CG  1 ? 
ATOM   267  C  CD1 . PHE A 1 34  ? 12.117  1.643   3.280   1.000 11.520 0 34  PHE AAA CD1 1 ? 
ATOM   268  C  CD2 . PHE A 1 34  ? 11.024  -0.117  4.394   1.000 13.866 0 34  PHE AAA CD2 1 ? 
ATOM   269  C  CE1 . PHE A 1 34  ? 12.926  1.843   4.394   1.000 13.876 0 34  PHE AAA CE1 1 ? 
ATOM   270  C  CE2 . PHE A 1 34  ? 11.829  0.105   5.513   1.000 15.847 0 34  PHE AAA CE2 1 ? 
ATOM   271  C  CZ  . PHE A 1 34  ? 12.774  1.075   5.514   1.000 14.182 0 34  PHE AAA CZ  1 ? 
ATOM   272  N  N   . GLU A 1 35  ? 7.583   1.462   0.153   1.000 10.895 0 35  GLU AAA N   1 ? 
ATOM   273  C  CA  . GLU A 1 35  ? 6.922   1.456   -1.172  1.000 11.277 0 35  GLU AAA CA  1 ? 
ATOM   274  C  C   . GLU A 1 35  ? 6.872   2.874   -1.693  1.000 12.280 0 35  GLU AAA C   1 ? 
ATOM   275  O  O   . GLU A 1 35  ? 7.166   3.064   -2.904  1.000 13.536 0 35  GLU AAA O   1 ? 
ATOM   276  C  CB  . GLU A 1 35  ? 5.541   0.856   -1.032  1.000 12.131 0 35  GLU AAA CB  1 ? 
ATOM   277  C  CG  . GLU A 1 35  ? 5.551   -0.663  -0.843  1.000 13.027 0 35  GLU AAA CG  1 ? 
ATOM   278  C  CD  . GLU A 1 35  ? 5.990   -1.529  -2.048  1.000 15.068 0 35  GLU AAA CD  1 ? 
ATOM   279  O  OE1 . GLU A 1 35  ? 6.230   -0.956  -3.107  1.000 19.573 0 35  GLU AAA OE1 1 ? 
ATOM   280  O  OE2 . GLU A 1 35  ? 6.208   -2.761  -1.840  1.000 16.973 0 35  GLU AAA OE2 1 ? 
ATOM   281  N  N   . SER A 1 36  ? 6.516   3.865   -0.902  1.000 12.147 0 36  SER AAA N   1 ? 
ATOM   282  C  CA  . SER A 1 36  ? 6.142   5.201   -1.419  1.000 13.017 0 36  SER AAA CA  1 ? 
ATOM   283  C  C   . SER A 1 36  ? 6.829   6.349   -0.693  1.000 12.865 0 36  SER AAA C   1 ? 
ATOM   284  O  O   . SER A 1 36  ? 6.567   7.530   -1.040  1.000 13.480 0 36  SER AAA O   1 ? 
ATOM   285  C  CB  . SER A 1 36  ? 4.705   5.417   -1.371  1.000 12.097 0 36  SER AAA CB  1 ? 
ATOM   286  O  OG  . SER A 1 36  ? 4.248   5.520   -0.025  1.000 12.150 0 36  SER AAA OG  1 ? 
ATOM   287  N  N   . ASN A 1 37  ? 7.579   6.087   0.375   1.000 13.898 0 37  ASN AAA N   1 ? 
ATOM   288  C  CA  . ASN A 1 37  ? 8.092   7.173   1.236   1.000 14.324 0 37  ASN AAA CA  1 ? 
ATOM   289  C  C   . ASN A 1 37  ? 6.910   7.966   1.797   1.000 13.447 0 37  ASN AAA C   1 ? 
ATOM   290  O  O   . ASN A 1 37  ? 7.058   9.187   2.002   1.000 14.812 0 37  ASN AAA O   1 ? 
ATOM   291  C  CB  . ASN A 1 37  ? 9.156   8.033   0.537   1.000 18.098 0 37  ASN AAA CB  1 ? 
ATOM   292  C  CG  . ASN A 1 37  ? 10.184  8.542   1.535   1.000 25.213 0 37  ASN AAA CG  1 ? 
ATOM   293  O  OD1 . ASN A 1 37  ? 10.255  8.095   2.680   1.000 26.173 0 37  ASN AAA OD1 1 ? 
ATOM   294  N  ND2 . ASN A 1 37  ? 10.935  9.561   1.153   1.000 30.917 0 37  ASN AAA ND2 1 ? 
ATOM   295  N  N   . PHE A 1 38  ? 5.792   7.353   2.064   1.000 11.859 0 38  PHE AAA N   1 ? 
ATOM   296  C  CA  . PHE A 1 38  ? 4.590   7.982   2.648   1.000 12.399 0 38  PHE AAA CA  1 ? 
ATOM   297  C  C   . PHE A 1 38  ? 3.966   9.051   1.740   1.000 12.624 0 38  PHE AAA C   1 ? 
ATOM   298  O  O   . PHE A 1 38  ? 3.129   9.838   2.171   1.000 12.487 0 38  PHE AAA O   1 ? 
ATOM   299  C  CB  . PHE A 1 38  ? 4.873   8.648   4.007   1.000 12.598 0 38  PHE AAA CB  1 ? 
ATOM   300  C  CG  . PHE A 1 38  ? 5.470   7.745   5.061   1.000 11.623 0 38  PHE AAA CG  1 ? 
ATOM   301  C  CD1 . PHE A 1 38  ? 5.039   6.455   5.254   1.000 12.487 0 38  PHE AAA CD1 1 ? 
ATOM   302  C  CD2 . PHE A 1 38  ? 6.356   8.266   5.997   1.000 15.070 0 38  PHE AAA CD2 1 ? 
ATOM   303  C  CE1 . PHE A 1 38  ? 5.518   5.666   6.300   1.000 12.222 0 38  PHE AAA CE1 1 ? 
ATOM   304  C  CE2 . PHE A 1 38  ? 6.835   7.471   7.043   1.000 12.982 0 38  PHE AAA CE2 1 ? 
ATOM   305  C  CZ  . PHE A 1 38  ? 6.444   6.175   7.171   1.000 13.297 0 38  PHE AAA CZ  1 ? 
ATOM   306  N  N   . ASN A 1 39  ? 4.254   8.963   0.443   1.000 12.445 0 39  ASN AAA N   1 ? 
ATOM   307  C  CA  . ASN A 1 39  ? 3.735   9.916   -0.570  1.000 12.599 0 39  ASN AAA CA  1 ? 
ATOM   308  C  C   . ASN A 1 39  ? 2.560   9.322   -1.328  1.000 12.671 0 39  ASN AAA C   1 ? 
ATOM   309  O  O   . ASN A 1 39  ? 2.773   8.370   -2.130  1.000 13.001 0 39  ASN AAA O   1 ? 
ATOM   310  C  CB  . ASN A 1 39  ? 4.862   10.275  -1.480  1.000 13.429 0 39  ASN AAA CB  1 ? 
ATOM   311  C  CG  . ASN A 1 39  ? 4.505   11.384  -2.460  1.000 13.908 0 39  ASN AAA CG  1 ? 
ATOM   312  O  OD1 . ASN A 1 39  ? 3.398   11.840  -2.540  1.000 13.311 0 39  ASN AAA OD1 1 ? 
ATOM   313  N  ND2 . ASN A 1 39  ? 5.489   11.739  -3.253  1.000 19.591 0 39  ASN AAA ND2 1 ? 
ATOM   314  N  N   . THR A 1 40  ? 1.369   9.834   -1.151  1.000 12.528 0 40  THR AAA N   1 ? 
ATOM   315  C  CA  . THR A 1 40  ? 0.211   9.317   -1.876  1.000 13.310 0 40  THR AAA CA  1 ? 
ATOM   316  C  C   . THR A 1 40  ? 0.375   9.481   -3.408  1.000 12.479 0 40  THR AAA C   1 ? 
ATOM   317  O  O   . THR A 1 40  ? -0.296  8.767   -4.121  1.000 12.354 0 40  THR AAA O   1 ? 
ATOM   318  C  CB  . THR A 1 40  ? -1.113  9.952   -1.471  1.000 12.843 0 40  THR AAA CB  1 ? 
ATOM   319  O  OG1 . THR A 1 40  ? -1.182  11.333  -1.867  1.000 15.163 0 40  THR AAA OG1 1 ? 
ATOM   320  C  CG2 . THR A 1 40  ? -1.409  9.898   0.018   1.000 13.966 0 40  THR AAA CG2 1 ? 
ATOM   321  N  N   . GLN A 1 41  ? 1.182   10.427  -3.863  1.000 11.757 0 41  GLN AAA N   1 ? 
ATOM   322  C  CA  . GLN A 1 41  ? 1.276   10.711  -5.325  1.000 12.431 0 41  GLN AAA CA  1 ? 
ATOM   323  C  C   . GLN A 1 41  ? 2.331   9.837   -5.977  1.000 12.352 0 41  GLN AAA C   1 ? 
ATOM   324  O  O   . GLN A 1 41  ? 2.496   9.985   -7.193  1.000 13.817 0 41  GLN AAA O   1 ? 
ATOM   325  C  CB  . GLN A 1 41  ? 1.560   12.178  -5.569  1.000 12.447 0 41  GLN AAA CB  1 ? 
ATOM   326  C  CG  . GLN A 1 41  ? 0.438   13.067  -5.069  1.000 13.659 0 41  GLN AAA CG  1 ? 
ATOM   327  C  CD  . GLN A 1 41  ? 0.496   14.429  -5.697  1.000 13.753 0 41  GLN AAA CD  1 ? 
ATOM   328  O  OE1 . GLN A 1 41  ? 0.226   14.599  -6.900  1.000 15.928 0 41  GLN AAA OE1 1 ? 
ATOM   329  N  NE2 . GLN A 1 41  ? 0.963   15.389  -4.944  1.000 14.425 0 41  GLN AAA NE2 1 ? 
ATOM   330  N  N   . ALA A 1 42  ? 3.031   8.961   -5.254  1.000 11.555 0 42  ALA AAA N   1 ? 
ATOM   331  C  CA  . ALA A 1 42  ? 4.088   8.143   -5.859  1.000 12.229 0 42  ALA AAA CA  1 ? 
ATOM   332  C  C   . ALA A 1 42  ? 3.511   7.252   -6.989  1.000 10.931 0 42  ALA AAA C   1 ? 
ATOM   333  O  O   . ALA A 1 42  ? 2.506   6.595   -6.831  1.000 11.463 0 42  ALA AAA O   1 ? 
ATOM   334  C  CB  . ALA A 1 42  ? 4.761   7.288   -4.801  1.000 12.633 0 42  ALA AAA CB  1 ? 
ATOM   335  N  N   . THR A 1 43  ? 4.252   7.210   -8.105  1.000 12.792 0 43  THR AAA N   1 ? 
ATOM   336  C  CA  . THR A 1 43  ? 3.957   6.321   -9.253  1.000 12.924 0 43  THR AAA CA  1 ? 
ATOM   337  C  C   . THR A 1 43  ? 5.263   5.733   -9.714  1.000 15.035 0 43  THR AAA C   1 ? 
ATOM   338  O  O   . THR A 1 43  ? 6.314   6.431   -9.720  1.000 16.425 0 43  THR AAA O   1 ? 
ATOM   339  C  CB  . THR A 1 43  ? 3.280   7.024   -10.410 1.000 14.240 0 43  THR AAA CB  1 ? 
ATOM   340  O  OG1 . THR A 1 43  ? 4.123   8.065   -10.956 1.000 15.243 0 43  THR AAA OG1 1 ? 
ATOM   341  C  CG2 . THR A 1 43  ? 1.940   7.564   -10.026 1.000 14.371 0 43  THR AAA CG2 1 ? 
ATOM   342  N  N   A ASN A 1 44  ? 5.206   4.496   -10.167 0.700 12.462 0 44  ASN AAA N   1 ? 
ATOM   343  N  N   B ASN A 1 44  ? 5.297   4.449   -10.074 0.300 14.904 0 44  ASN AAA N   1 ? 
ATOM   344  C  CA  A ASN A 1 44  ? 6.408   3.836   -10.694 0.700 13.899 0 44  ASN AAA CA  1 ? 
ATOM   345  C  CA  B ASN A 1 44  ? 6.508   3.852   -10.694 0.300 16.323 0 44  ASN AAA CA  1 ? 
ATOM   346  C  C   A ASN A 1 44  ? 6.011   2.842   -11.786 0.700 13.066 0 44  ASN AAA C   1 ? 
ATOM   347  C  C   B ASN A 1 44  ? 6.084   2.839   -11.753 0.300 15.174 0 44  ASN AAA C   1 ? 
ATOM   348  O  O   A ASN A 1 44  ? 5.226   1.946   -11.541 0.700 13.213 0 44  ASN AAA O   1 ? 
ATOM   349  O  O   B ASN A 1 44  ? 5.344   1.901   -11.449 0.300 14.816 0 44  ASN AAA O   1 ? 
ATOM   350  C  CB  A ASN A 1 44  ? 7.200   3.154   -9.584  0.700 15.415 0 44  ASN AAA CB  1 ? 
ATOM   351  C  CB  B ASN A 1 44  ? 7.460   3.188   -9.698  0.300 18.379 0 44  ASN AAA CB  1 ? 
ATOM   352  C  CG  A ASN A 1 44  ? 7.807   4.148   -8.596  0.700 16.677 0 44  ASN AAA CG  1 ? 
ATOM   353  C  CG  B ASN A 1 44  ? 8.820   2.852   -10.286 0.300 20.956 0 44  ASN AAA CG  1 ? 
ATOM   354  O  OD1 A ASN A 1 44  ? 7.303   4.299   -7.472  0.700 21.008 0 44  ASN AAA OD1 1 ? 
ATOM   355  O  OD1 B ASN A 1 44  ? 9.503   3.708   -10.851 0.300 25.335 0 44  ASN AAA OD1 1 ? 
ATOM   356  N  ND2 A ASN A 1 44  ? 8.883   4.823   -8.959  0.700 15.978 0 44  ASN AAA ND2 1 ? 
ATOM   357  N  ND2 B ASN A 1 44  ? 9.224   1.605   -10.169 0.300 22.507 0 44  ASN AAA ND2 1 ? 
ATOM   358  N  N   . ARG A 1 45  ? 6.596   3.056   -12.951 1.000 15.354 0 45  ARG AAA N   1 ? 
ATOM   359  C  CA  . ARG A 1 45  ? 6.371   2.159   -14.103 1.000 14.740 0 45  ARG AAA CA  1 ? 
ATOM   360  C  C   . ARG A 1 45  ? 7.133   0.854   -13.872 1.000 15.294 0 45  ARG AAA C   1 ? 
ATOM   361  O  O   . ARG A 1 45  ? 8.309   0.880   -13.475 1.000 18.523 0 45  ARG AAA O   1 ? 
ATOM   362  C  CB  . ARG A 1 45  ? 6.840   2.861   -15.377 1.000 18.831 0 45  ARG AAA CB  1 ? 
ATOM   363  C  CG  . ARG A 1 45  ? 6.400   2.193   -16.672 1.000 22.039 0 45  ARG AAA CG  1 ? 
ATOM   364  C  CD  . ARG A 1 45  ? 4.959   2.602   -16.798 1.000 26.946 0 45  ARG AAA CD  1 ? 
ATOM   365  N  NE  . ARG A 1 45  ? 4.152   2.043   -17.878 1.000 31.890 0 45  ARG AAA NE  1 ? 
ATOM   366  C  CZ  . ARG A 1 45  ? 3.935   2.594   -19.070 1.000 30.325 0 45  ARG AAA CZ  1 ? 
ATOM   367  N  NH1 . ARG A 1 45  ? 4.504   3.738   -19.434 1.000 34.488 0 45  ARG AAA NH1 1 ? 
ATOM   368  N  NH2 . ARG A 1 45  ? 3.075   2.011   -19.864 1.000 25.275 0 45  ARG AAA NH2 1 ? 
ATOM   369  N  N   . ASN A 1 46  ? 6.497   -0.248  -14.235 1.000 14.769 0 46  ASN AAA N   1 ? 
ATOM   370  C  CA  . ASN A 1 46  ? 7.070   -1.599  -14.128 1.000 14.788 0 46  ASN AAA CA  1 ? 
ATOM   371  C  C   . ASN A 1 46  ? 7.501   -2.044  -15.530 1.000 15.847 0 46  ASN AAA C   1 ? 
ATOM   372  O  O   . ASN A 1 46  ? 6.998   -1.556  -16.529 1.000 16.478 0 46  ASN AAA O   1 ? 
ATOM   373  C  CB  . ASN A 1 46  ? 6.026   -2.543  -13.537 1.000 15.774 0 46  ASN AAA CB  1 ? 
ATOM   374  C  CG  . ASN A 1 46  ? 5.453   -2.055  -12.217 1.000 16.174 0 46  ASN AAA CG  1 ? 
ATOM   375  O  OD1 . ASN A 1 46  ? 4.244   -2.091  -11.975 1.000 19.456 0 46  ASN AAA OD1 1 ? 
ATOM   376  N  ND2 . ASN A 1 46  ? 6.340   -1.627  -11.373 1.000 16.888 0 46  ASN AAA ND2 1 ? 
ATOM   377  N  N   A THR A 1 47  ? 8.366   -3.058  -15.583 0.500 17.826 0 47  THR AAA N   1 ? 
ATOM   378  N  N   B THR A 1 47  ? 8.405   -3.026  -15.586 0.500 18.149 0 47  THR AAA N   1 ? 
ATOM   379  C  CA  A THR A 1 47  ? 8.917   -3.577  -16.855 0.500 17.982 0 47  THR AAA CA  1 ? 
ATOM   380  C  CA  B THR A 1 47  ? 8.913   -3.582  -16.864 0.500 18.228 0 47  THR AAA CA  1 ? 
ATOM   381  C  C   A THR A 1 47  ? 7.808   -4.161  -17.728 0.500 19.232 0 47  THR AAA C   1 ? 
ATOM   382  C  C   B THR A 1 47  ? 7.765   -4.090  -17.735 0.500 19.446 0 47  THR AAA C   1 ? 
ATOM   383  O  O   A THR A 1 47  ? 7.966   -4.096  -18.968 0.500 20.862 0 47  THR AAA O   1 ? 
ATOM   384  O  O   B THR A 1 47  ? 7.852   -3.917  -18.981 0.500 21.343 0 47  THR AAA O   1 ? 
ATOM   385  C  CB  A THR A 1 47  ? 10.042  -4.579  -16.578 0.500 20.378 0 47  THR AAA CB  1 ? 
ATOM   386  C  CB  B THR A 1 47  ? 9.925   -4.702  -16.611 0.500 20.510 0 47  THR AAA CB  1 ? 
ATOM   387  O  OG1 A THR A 1 47  ? 9.511   -5.701  -15.867 0.500 22.653 0 47  THR AAA OG1 1 ? 
ATOM   388  O  OG1 B THR A 1 47  ? 10.871  -4.248  -15.644 0.500 22.080 0 47  THR AAA OG1 1 ? 
ATOM   389  C  CG2 A THR A 1 47  ? 11.163  -3.922  -15.801 0.500 19.659 0 47  THR AAA CG2 1 ? 
ATOM   390  C  CG2 B THR A 1 47  ? 10.674  -5.104  -17.862 0.500 20.406 0 47  THR AAA CG2 1 ? 
ATOM   391  N  N   . ASP A 1 48  ? 6.732   -4.699  -17.149 1.000 18.343 0 48  ASP AAA N   1 ? 
ATOM   392  C  CA  . ASP A 1 48  ? 5.670   -5.363  -17.933 1.000 19.315 0 48  ASP AAA CA  1 ? 
ATOM   393  C  C   . ASP A 1 48  ? 4.766   -4.290  -18.542 1.000 18.442 0 48  ASP AAA C   1 ? 
ATOM   394  O  O   . ASP A 1 48  ? 3.780   -4.704  -19.187 1.000 22.061 0 48  ASP AAA O   1 ? 
ATOM   395  C  CB  . ASP A 1 48  ? 4.961   -6.423  -17.074 1.000 20.360 0 48  ASP AAA CB  1 ? 
ATOM   396  C  CG  . ASP A 1 48  ? 4.048   -5.863  -15.981 1.000 20.172 0 48  ASP AAA CG  1 ? 
ATOM   397  O  OD1 . ASP A 1 48  ? 4.049   -4.602  -15.776 1.000 20.355 0 48  ASP AAA OD1 1 ? 
ATOM   398  O  OD2 . ASP A 1 48  ? 3.295   -6.647  -15.381 1.000 22.741 0 48  ASP AAA OD2 1 ? 
ATOM   399  N  N   . GLY A 1 49  ? 4.989   -2.992  -18.264 1.000 17.001 0 49  GLY AAA N   1 ? 
ATOM   400  C  CA  . GLY A 1 49  ? 4.168   -1.889  -18.794 1.000 16.499 0 49  GLY AAA CA  1 ? 
ATOM   401  C  C   . GLY A 1 49  ? 3.058   -1.442  -17.841 1.000 15.696 0 49  GLY AAA C   1 ? 
ATOM   402  O  O   . GLY A 1 49  ? 2.442   -0.401  -18.091 1.000 17.130 0 49  GLY AAA O   1 ? 
ATOM   403  N  N   . SER A 1 50  ? 2.826   -2.197  -16.749 1.000 14.713 0 50  SER AAA N   1 ? 
ATOM   404  C  CA  . SER A 1 50  ? 1.944   -1.751  -15.653 1.000 13.915 0 50  SER AAA CA  1 ? 
ATOM   405  C  C   . SER A 1 50  ? 2.633   -0.620  -14.892 1.000 13.009 0 50  SER AAA C   1 ? 
ATOM   406  O  O   . SER A 1 50  ? 3.812   -0.338  -15.087 1.000 12.915 0 50  SER AAA O   1 ? 
ATOM   407  C  CB  . SER A 1 50  ? 1.583   -2.874  -14.753 1.000 13.895 0 50  SER AAA CB  1 ? 
ATOM   408  O  OG  . SER A 1 50  ? 2.681   -3.307  -14.015 1.000 14.011 0 50  SER AAA OG  1 ? 
ATOM   409  N  N   . THR A 1 51  ? 1.873   0.008   -14.003 1.000 11.611 0 51  THR AAA N   1 ? 
ATOM   410  C  CA  . THR A 1 51  ? 2.373   1.061   -13.099 1.000 11.884 0 51  THR AAA CA  1 ? 
ATOM   411  C  C   . THR A 1 51  ? 1.849   0.753   -11.689 1.000 11.008 0 51  THR AAA C   1 ? 
ATOM   412  O  O   . THR A 1 51  ? 0.741   0.267   -11.545 1.000 11.338 0 51  THR AAA O   1 ? 
ATOM   413  C  CB  . THR A 1 51  ? 1.932   2.438   -13.606 1.000 11.751 0 51  THR AAA CB  1 ? 
ATOM   414  O  OG1 . THR A 1 51  ? 2.406   2.623   -14.943 1.000 13.488 0 51  THR AAA OG1 1 ? 
ATOM   415  C  CG2 . THR A 1 51  ? 2.418   3.602   -12.801 1.000 13.482 0 51  THR AAA CG2 1 ? 
ATOM   416  N  N   . ASP A 1 52  ? 2.681   1.097   -10.713 1.000 11.466 0 52  ASP AAA N   1 ? 
ATOM   417  C  CA  . ASP A 1 52  ? 2.281   1.067   -9.287  1.000 11.666 0 52  ASP AAA CA  1 ? 
ATOM   418  C  C   . ASP A 1 52  ? 1.898   2.474   -8.808  1.000 11.721 0 52  ASP AAA C   1 ? 
ATOM   419  O  O   . ASP A 1 52  ? 2.612   3.427   -9.144  1.000 12.267 0 52  ASP AAA O   1 ? 
ATOM   420  C  CB  . ASP A 1 52  ? 3.425   0.512   -8.428  1.000 13.299 0 52  ASP AAA CB  1 ? 
ATOM   421  C  CG  . ASP A 1 52  ? 3.754   -0.983  -8.572  1.000 14.085 0 52  ASP AAA CG  1 ? 
ATOM   422  O  OD1 . ASP A 1 52  ? 3.015   -1.716  -9.228  1.000 15.895 0 52  ASP AAA OD1 1 ? 
ATOM   423  O  OD2 . ASP A 1 52  ? 4.751   -1.410  -7.918  1.000 18.547 0 52  ASP AAA OD2 1 ? 
ATOM   424  N  N   . TYR A 1 53  ? 0.846   2.538   -8.045  1.000 10.760 0 53  TYR AAA N   1 ? 
ATOM   425  C  CA  . TYR A 1 53  ? 0.247   3.820   -7.679  1.000 11.080 0 53  TYR AAA CA  1 ? 
ATOM   426  C  C   . TYR A 1 53  ? 0.061   3.945   -6.173  1.000 11.442 0 53  TYR AAA C   1 ? 
ATOM   427  O  O   . TYR A 1 53  ? -0.525  3.075   -5.533  1.000 12.142 0 53  TYR AAA O   1 ? 
ATOM   428  C  CB  . TYR A 1 53  ? -1.135  3.954   -8.320  1.000 11.500 0 53  TYR AAA CB  1 ? 
ATOM   429  C  CG  . TYR A 1 53  ? -1.107  4.039   -9.821  1.000 11.173 0 53  TYR AAA CG  1 ? 
ATOM   430  C  CD1 . TYR A 1 53  ? -1.077  2.906   -10.608 1.000 11.921 0 53  TYR AAA CD1 1 ? 
ATOM   431  C  CD2 . TYR A 1 53  ? -1.074  5.275   -10.464 1.000 11.677 0 53  TYR AAA CD2 1 ? 
ATOM   432  C  CE1 . TYR A 1 53  ? -1.023  3.003   -11.980 1.000 11.109 0 53  TYR AAA CE1 1 ? 
ATOM   433  C  CE2 . TYR A 1 53  ? -1.015  5.396   -11.838 1.000 12.429 0 53  TYR AAA CE2 1 ? 
ATOM   434  C  CZ  . TYR A 1 53  ? -0.965  4.243   -12.597 1.000 11.443 0 53  TYR AAA CZ  1 ? 
ATOM   435  O  OH  . TYR A 1 53  ? -0.910  4.328   -13.979 1.000 11.902 0 53  TYR AAA OH  1 ? 
ATOM   436  N  N   . GLY A 1 54  ? 0.440   5.101   -5.651  1.000 10.782 0 54  GLY AAA N   1 ? 
ATOM   437  C  CA  . GLY A 1 54  ? 0.009   5.547   -4.324  1.000 12.003 0 54  GLY AAA CA  1 ? 
ATOM   438  C  C   . GLY A 1 54  ? 0.892   5.034   -3.194  1.000 10.940 0 54  GLY AAA C   1 ? 
ATOM   439  O  O   . GLY A 1 54  ? 1.933   4.508   -3.372  1.000 10.877 0 54  GLY AAA O   1 ? 
ATOM   440  N  N   . ILE A 1 55  ? 0.341   5.269   -2.005  1.000 12.591 0 55  ILE AAA N   1 ? 
ATOM   441  C  CA  . ILE A 1 55  ? 1.101   5.069   -0.754  1.000 13.945 0 55  ILE AAA CA  1 ? 
ATOM   442  C  C   . ILE A 1 55  ? 1.514   3.598   -0.568  1.000 12.866 0 55  ILE AAA C   1 ? 
ATOM   443  O  O   . ILE A 1 55  ? 2.540   3.299   0.031   1.000 13.835 0 55  ILE AAA O   1 ? 
ATOM   444  C  CB  . ILE A 1 55  ? 0.263   5.662   0.385   1.000 18.760 0 55  ILE AAA CB  1 ? 
ATOM   445  C  CG1 . ILE A 1 55  ? 1.140   6.041   1.589   1.000 24.781 0 55  ILE AAA CG1 1 ? 
ATOM   446  C  CG2 . ILE A 1 55  ? -0.926  4.805   0.692   1.000 17.821 0 55  ILE AAA CG2 1 ? 
ATOM   447  C  CD1 . ILE A 1 55  ? 0.831   7.340   2.248   1.000 25.608 0 55  ILE AAA CD1 1 ? 
ATOM   448  N  N   . LEU A 1 56  ? 0.762   2.678   -1.170  1.000 12.539 0 56  LEU AAA N   1 ? 
ATOM   449  C  CA  . LEU A 1 56  ? 1.076   1.234   -1.102  1.000 12.797 0 56  LEU AAA CA  1 ? 
ATOM   450  C  C   . LEU A 1 56  ? 1.345   0.692   -2.495  1.000 13.684 0 56  LEU AAA C   1 ? 
ATOM   451  O  O   . LEU A 1 56  ? 1.385   -0.530  -2.666  1.000 14.490 0 56  LEU AAA O   1 ? 
ATOM   452  C  CB  . LEU A 1 56  ? -0.005  0.460   -0.380  1.000 13.714 0 56  LEU AAA CB  1 ? 
ATOM   453  C  CG  . LEU A 1 56  ? 0.010   0.629   1.143   1.000 14.030 0 56  LEU AAA CG  1 ? 
ATOM   454  C  CD1 . LEU A 1 56  ? -1.244  -0.007  1.730   1.000 16.369 0 56  LEU AAA CD1 1 ? 
ATOM   455  C  CD2 . LEU A 1 56  ? 1.261   0.000   1.771   1.000 15.177 0 56  LEU AAA CD2 1 ? 
ATOM   456  N  N   . GLN A 1 57  ? 1.620   1.531   -3.513  1.000 12.762 0 57  GLN AAA N   1 ? 
ATOM   457  C  CA  . GLN A 1 57  ? 2.183   1.075   -4.798  1.000 12.726 0 57  GLN AAA CA  1 ? 
ATOM   458  C  C   . GLN A 1 57  ? 1.353   -0.094  -5.317  1.000 12.068 0 57  GLN AAA C   1 ? 
ATOM   459  O  O   . GLN A 1 57  ? 1.929   -1.149  -5.685  1.000 14.060 0 57  GLN AAA O   1 ? 
ATOM   460  C  CB  . GLN A 1 57  ? 3.661   0.785   -4.611  1.000 12.503 0 57  GLN AAA CB  1 ? 
ATOM   461  C  CG  . GLN A 1 57  ? 4.451   2.029   -4.400  1.000 13.148 0 57  GLN AAA CG  1 ? 
ATOM   462  C  CD  . GLN A 1 57  ? 4.507   2.917   -5.631  1.000 12.363 0 57  GLN AAA CD  1 ? 
ATOM   463  O  OE1 . GLN A 1 57  ? 5.290   2.666   -6.554  1.000 13.620 0 57  GLN AAA OE1 1 ? 
ATOM   464  N  NE2 . GLN A 1 57  ? 3.638   3.909   -5.692  1.000 12.176 0 57  GLN AAA NE2 1 ? 
ATOM   465  N  N   . ILE A 1 58  ? 0.097   0.168   -5.533  1.000 11.481 0 58  ILE AAA N   1 ? 
ATOM   466  C  CA  . ILE A 1 58  ? -0.881  -0.840  -6.042  1.000 12.999 0 58  ILE AAA CA  1 ? 
ATOM   467  C  C   . ILE A 1 58  ? -0.804  -0.877  -7.562  1.000 13.328 0 58  ILE AAA C   1 ? 
ATOM   468  O  O   . ILE A 1 58  ? -0.801  0.174   -8.239  1.000 12.639 0 58  ILE AAA O   1 ? 
ATOM   469  C  CB  . ILE A 1 58  ? -2.264  -0.520  -5.493  1.000 14.422 0 58  ILE AAA CB  1 ? 
ATOM   470  C  CG1 . ILE A 1 58  ? -2.229  -0.827  -3.988  1.000 15.070 0 58  ILE AAA CG1 1 ? 
ATOM   471  C  CG2 . ILE A 1 58  ? -3.352  -1.270  -6.278  1.000 14.894 0 58  ILE AAA CG2 1 ? 
ATOM   472  C  CD1 . ILE A 1 58  ? -3.441  -0.465  -3.240  1.000 17.182 0 58  ILE AAA CD1 1 ? 
ATOM   473  N  N   A ASN A 1 59  ? -0.741  -2.093  -8.098  0.700 13.010 0 59  ASN AAA N   1 ? 
ATOM   474  N  N   B ASN A 1 59  ? -0.722  -2.084  -8.108  0.300 14.199 0 59  ASN AAA N   1 ? 
ATOM   475  C  CA  A ASN A 1 59  ? -0.393  -2.365  -9.513  0.700 13.974 0 59  ASN AAA CA  1 ? 
ATOM   476  C  CA  B ASN A 1 59  ? -0.315  -2.305  -9.516  0.300 15.355 0 59  ASN AAA CA  1 ? 
ATOM   477  C  C   A ASN A 1 59  ? -1.609  -2.345  -10.444 0.700 12.568 0 59  ASN AAA C   1 ? 
ATOM   478  C  C   B ASN A 1 59  ? -1.537  -2.384  -10.446 0.300 13.993 0 59  ASN AAA C   1 ? 
ATOM   479  O  O   A ASN A 1 59  ? -2.615  -2.980  -10.175 0.700 14.676 0 59  ASN AAA O   1 ? 
ATOM   480  O  O   B ASN A 1 59  ? -2.466  -3.137  -10.146 0.300 14.759 0 59  ASN AAA O   1 ? 
ATOM   481  C  CB  A ASN A 1 59  ? 0.279   -3.742  -9.584  0.700 15.649 0 59  ASN AAA CB  1 ? 
ATOM   482  C  CB  B ASN A 1 59  ? 0.537   -3.568  -9.590  0.300 17.299 0 59  ASN AAA CB  1 ? 
ATOM   483  C  CG  A ASN A 1 59  ? 0.929   -3.981  -10.919 0.700 15.503 0 59  ASN AAA CG  1 ? 
ATOM   484  C  CG  B ASN A 1 59  ? 0.247   -4.317  -10.859 0.300 20.427 0 59  ASN AAA CG  1 ? 
ATOM   485  O  OD1 A ASN A 1 59  ? 0.312   -4.693  -11.739 0.700 19.974 0 59  ASN AAA OD1 1 ? 
ATOM   486  O  OD1 B ASN A 1 59  ? -0.775  -4.990  -10.966 0.300 18.731 0 59  ASN AAA OD1 1 ? 
ATOM   487  N  ND2 A ASN A 1 59  ? 2.092   -3.415  -11.123 0.700 17.546 0 59  ASN AAA ND2 1 ? 
ATOM   488  N  ND2 B ASN A 1 59  ? 1.086   -4.081  -11.853 0.300 21.566 0 59  ASN AAA ND2 1 ? 
ATOM   489  N  N   . SER A 1 60  ? -1.475  -1.677  -11.581 1.000 13.803 0 60  SER AAA N   1 ? 
ATOM   490  C  CA  . SER A 1 60  ? -2.502  -1.600  -12.637 1.000 13.506 0 60  SER AAA CA  1 ? 
ATOM   491  C  C   . SER A 1 60  ? -2.663  -2.921  -13.398 1.000 15.589 0 60  SER AAA C   1 ? 
ATOM   492  O  O   . SER A 1 60  ? -3.668  -2.979  -14.117 1.000 17.627 0 60  SER AAA O   1 ? 
ATOM   493  C  CB  . SER A 1 60  ? -2.147  -0.460  -13.560 1.000 12.860 0 60  SER AAA CB  1 ? 
ATOM   494  O  OG  . SER A 1 60  ? -0.962  -0.707  -14.259 1.000 13.362 0 60  SER AAA OG  1 ? 
ATOM   495  N  N   . ARG A 1 61  ? -1.783  -3.889  -13.265 1.000 14.786 0 61  ARG AAA N   1 ? 
ATOM   496  C  CA  . ARG A 1 61  ? -1.982  -5.180  -14.028 1.000 18.711 0 61  ARG AAA CA  1 ? 
ATOM   497  C  C   . ARG A 1 61  ? -3.191  -5.904  -13.461 1.000 19.269 0 61  ARG AAA C   1 ? 
ATOM   498  O  O   . ARG A 1 61  ? -3.918  -6.546  -14.214 1.000 21.696 0 61  ARG AAA O   1 ? 
ATOM   499  C  CB  . ARG A 1 61  ? -0.724  -6.045  -13.964 1.000 22.687 0 61  ARG AAA CB  1 ? 
ATOM   500  C  CG  . ARG A 1 61  ? -0.844  -7.457  -14.535 1.000 31.971 0 61  ARG AAA CG  1 ? 
ATOM   501  C  CD  . ARG A 1 61  ? -0.378  -7.652  -15.959 1.000 41.333 0 61  ARG AAA CD  1 ? 
ATOM   502  N  NE  . ARG A 1 61  ? 0.635   -6.706  -16.428 1.000 49.624 0 61  ARG AAA NE  1 ? 
ATOM   503  C  CZ  . ARG A 1 61  ? 0.764   -6.277  -17.691 1.000 48.899 0 61  ARG AAA CZ  1 ? 
ATOM   504  N  NH1 . ARG A 1 61  ? -0.055  -6.698  -18.642 1.000 56.411 0 61  ARG AAA NH1 1 ? 
ATOM   505  N  NH2 . ARG A 1 61  ? 1.701   -5.401  -17.996 1.000 52.547 0 61  ARG AAA NH2 1 ? 
ATOM   506  N  N   . TRP A 1 62  ? -3.454  -5.781  -12.167 1.000 16.622 0 62  TRP AAA N   1 ? 
ATOM   507  C  CA  . TRP A 1 62  ? -4.523  -6.531  -11.485 1.000 18.046 0 62  TRP AAA CA  1 ? 
ATOM   508  C  C   . TRP A 1 62  ? -5.606  -5.665  -10.875 1.000 16.468 0 62  TRP AAA C   1 ? 
ATOM   509  O  O   . TRP A 1 62  ? -6.791  -6.022  -10.890 1.000 16.585 0 62  TRP AAA O   1 ? 
ATOM   510  C  CB  . TRP A 1 62  ? -3.918  -7.484  -10.439 1.000 20.346 0 62  TRP AAA CB  1 ? 
ATOM   511  C  CG  . TRP A 1 62  ? -2.935  -8.442  -11.034 1.000 29.251 0 62  TRP AAA CG  1 ? 
ATOM   512  C  CD1 . TRP A 1 62  ? -1.568  -8.418  -10.943 1.000 34.146 0 62  TRP AAA CD1 1 ? 
ATOM   513  C  CD2 . TRP A 1 62  ? -3.268  -9.553  -11.876 1.000 36.257 0 62  TRP AAA CD2 1 ? 
ATOM   514  N  NE1 . TRP A 1 62  ? -1.031  -9.460  -11.655 1.000 37.724 0 62  TRP AAA NE1 1 ? 
ATOM   515  C  CE2 . TRP A 1 62  ? -2.050  -10.177 -12.232 1.000 39.342 0 62  TRP AAA CE2 1 ? 
ATOM   516  C  CE3 . TRP A 1 62  ? -4.476  -10.087 -12.341 1.000 42.480 0 62  TRP AAA CE3 1 ? 
ATOM   517  C  CZ2 . TRP A 1 62  ? -2.016  -11.308 -13.050 1.000 45.274 0 62  TRP AAA CZ2 1 ? 
ATOM   518  C  CZ3 . TRP A 1 62  ? -4.437  -11.213 -13.137 1.000 45.253 0 62  TRP AAA CZ3 1 ? 
ATOM   519  C  CH2 . TRP A 1 62  ? -3.224  -11.809 -13.486 1.000 46.559 0 62  TRP AAA CH2 1 ? 
ATOM   520  N  N   . TRP A 1 63  ? -5.223  -4.538  -10.268 1.000 14.745 0 63  TRP AAA N   1 ? 
ATOM   521  C  CA  . TRP A 1 63  ? -6.045  -3.970  -9.184  1.000 14.368 0 63  TRP AAA CA  1 ? 
ATOM   522  C  C   . TRP A 1 63  ? -6.815  -2.719  -9.539  1.000 13.780 0 63  TRP AAA C   1 ? 
ATOM   523  O  O   . TRP A 1 63  ? -7.799  -2.447  -8.928  1.000 15.541 0 63  TRP AAA O   1 ? 
ATOM   524  C  CB  . TRP A 1 63  ? -5.180  -3.735  -7.946  1.000 14.203 0 63  TRP AAA CB  1 ? 
ATOM   525  C  CG  . TRP A 1 63  ? -4.525  -4.998  -7.482  1.000 16.025 0 63  TRP AAA CG  1 ? 
ATOM   526  C  CD1 . TRP A 1 63  ? -3.218  -5.289  -7.572  1.000 16.040 0 63  TRP AAA CD1 1 ? 
ATOM   527  C  CD2 . TRP A 1 63  ? -5.160  -6.189  -6.959  1.000 16.052 0 63  TRP AAA CD2 1 ? 
ATOM   528  N  NE1 . TRP A 1 63  ? -2.971  -6.592  -7.178  1.000 17.338 0 63  TRP AAA NE1 1 ? 
ATOM   529  C  CE2 . TRP A 1 63  ? -4.144  -7.142  -6.774  1.000 16.438 0 63  TRP AAA CE2 1 ? 
ATOM   530  C  CE3 . TRP A 1 63  ? -6.462  -6.508  -6.593  1.000 16.272 0 63  TRP AAA CE3 1 ? 
ATOM   531  C  CZ2 . TRP A 1 63  ? -4.409  -8.401  -6.209  1.000 17.637 0 63  TRP AAA CZ2 1 ? 
ATOM   532  C  CZ3 . TRP A 1 63  ? -6.719  -7.770  -6.084  1.000 19.449 0 63  TRP AAA CZ3 1 ? 
ATOM   533  C  CH2 . TRP A 1 63  ? -5.709  -8.698  -5.948  1.000 19.070 0 63  TRP AAA CH2 1 ? 
ATOM   534  N  N   . CYS A 1 64  ? -6.316  -1.926  -10.493 1.000 15.467 0 64  CYS AAA N   1 ? 
ATOM   535  C  CA  . CYS A 1 64  ? -6.907  -0.626  -10.861 1.000 14.186 0 64  CYS AAA CA  1 ? 
ATOM   536  C  C   . CYS A 1 64  ? -6.769  -0.420  -12.372 1.000 14.020 0 64  CYS AAA C   1 ? 
ATOM   537  O  O   . CYS A 1 64  ? -5.961  -1.035  -12.975 1.000 14.911 0 64  CYS AAA O   1 ? 
ATOM   538  C  CB  . CYS A 1 64  ? -6.297  0.510   -10.058 1.000 14.649 0 64  CYS AAA CB  1 ? 
ATOM   539  S  SG  . CYS A 1 64  ? -4.536  0.839   -10.309 1.000 14.383 0 64  CYS AAA SG  1 ? 
ATOM   540  N  N   . ASN A 1 65  ? -7.620  0.458   -12.892 1.000 13.979 0 65  ASN AAA N   1 ? 
ATOM   541  C  CA  . ASN A 1 65  ? -7.562  0.836   -14.314 1.000 14.685 0 65  ASN AAA CA  1 ? 
ATOM   542  C  C   . ASN A 1 65  ? -6.769  2.144   -14.503 1.000 12.806 0 65  ASN AAA C   1 ? 
ATOM   543  O  O   . ASN A 1 65  ? -7.137  3.170   -13.978 1.000 13.823 0 65  ASN AAA O   1 ? 
ATOM   544  C  CB  . ASN A 1 65  ? -8.953  0.978   -14.906 1.000 16.564 0 65  ASN AAA CB  1 ? 
ATOM   545  C  CG  . ASN A 1 65  ? -8.856  1.442   -16.334 1.000 16.743 0 65  ASN AAA CG  1 ? 
ATOM   546  O  OD1 . ASN A 1 65  ? -8.186  0.785   -17.116 1.000 19.385 0 65  ASN AAA OD1 1 ? 
ATOM   547  N  ND2 . ASN A 1 65  ? -9.366  2.626   -16.579 1.000 20.079 0 65  ASN AAA ND2 1 ? 
ATOM   548  N  N   . ASP A 1 66  ? -5.765  2.056   -15.354 1.000 13.250 0 66  ASP AAA N   1 ? 
ATOM   549  C  CA  . ASP A 1 66  ? -5.030  3.293   -15.803 1.000 13.717 0 66  ASP AAA CA  1 ? 
ATOM   550  C  C   . ASP A 1 66  ? -5.133  3.503   -17.314 1.000 14.999 0 66  ASP AAA C   1 ? 
ATOM   551  O  O   . ASP A 1 66  ? -4.533  4.465   -17.770 1.000 14.995 0 66  ASP AAA O   1 ? 
ATOM   552  C  CB  . ASP A 1 66  ? -3.580  3.343   -15.364 1.000 14.373 0 66  ASP AAA CB  1 ? 
ATOM   553  C  CG  . ASP A 1 66  ? -2.665  2.316   -15.945 1.000 13.715 0 66  ASP AAA CG  1 ? 
ATOM   554  O  OD1 . ASP A 1 66  ? -3.078  1.539   -16.868 1.000 14.558 0 66  ASP AAA OD1 1 ? 
ATOM   555  O  OD2 . ASP A 1 66  ? -1.478  2.275   -15.487 1.000 13.192 0 66  ASP AAA OD2 1 ? 
ATOM   556  N  N   . GLY A 1 67  ? -5.878  2.665   -17.994 1.000 14.980 0 67  GLY AAA N   1 ? 
ATOM   557  C  CA  . GLY A 1 67  ? -6.089  2.740   -19.466 1.000 16.457 0 67  GLY AAA CA  1 ? 
ATOM   558  C  C   . GLY A 1 67  ? -4.888  2.442   -20.309 1.000 18.172 0 67  GLY AAA C   1 ? 
ATOM   559  O  O   . GLY A 1 67  ? -5.006  2.602   -21.572 1.000 21.540 0 67  GLY AAA O   1 ? 
ATOM   560  N  N   . ARG A 1 68  ? -3.720  2.098   -19.776 1.000 16.714 0 68  ARG AAA N   1 ? 
ATOM   561  C  CA  . ARG A 1 68  ? -2.536  1.855   -20.621 1.000 16.966 0 68  ARG AAA CA  1 ? 
ATOM   562  C  C   . ARG A 1 68  ? -1.856  0.553   -20.267 1.000 18.834 0 68  ARG AAA C   1 ? 
ATOM   563  O  O   . ARG A 1 68  ? -0.660  0.395   -20.592 1.000 22.522 0 68  ARG AAA O   1 ? 
ATOM   564  C  CB  . ARG A 1 68  ? -1.569  3.037   -20.574 1.000 17.396 0 68  ARG AAA CB  1 ? 
ATOM   565  C  CG  . ARG A 1 68  ? -1.071  3.343   -19.178 1.000 18.070 0 68  ARG AAA CG  1 ? 
ATOM   566  C  CD  . ARG A 1 68  ? 0.094   4.303   -19.301 1.000 18.591 0 68  ARG AAA CD  1 ? 
ATOM   567  N  NE  . ARG A 1 68  ? 1.006   4.170   -18.187 1.000 18.520 0 68  ARG AAA NE  1 ? 
ATOM   568  C  CZ  . ARG A 1 68  ? 1.898   5.093   -17.842 1.000 16.727 0 68  ARG AAA CZ  1 ? 
ATOM   569  N  NH1 . ARG A 1 68  ? 2.041   6.156   -18.605 1.000 17.607 0 68  ARG AAA NH1 1 ? 
ATOM   570  N  NH2 . ARG A 1 68  ? 2.680   4.932   -16.761 1.000 17.283 0 68  ARG AAA NH2 1 ? 
ATOM   571  N  N   . THR A 1 69  ? -2.559  -0.336  -19.596 1.000 17.112 0 69  THR AAA N   1 ? 
ATOM   572  C  CA  . THR A 1 69  ? -1.964  -1.632  -19.190 1.000 17.393 0 69  THR AAA CA  1 ? 
ATOM   573  C  C   . THR A 1 69  ? -2.755  -2.702  -19.936 1.000 20.699 0 69  THR AAA C   1 ? 
ATOM   574  O  O   . THR A 1 69  ? -3.701  -3.229  -19.411 1.000 20.175 0 69  THR AAA O   1 ? 
ATOM   575  C  CB  . THR A 1 69  ? -1.958  -1.827  -17.662 1.000 16.736 0 69  THR AAA CB  1 ? 
ATOM   576  O  OG1 . THR A 1 69  ? -1.404  -0.666  -17.015 1.000 16.086 0 69  THR AAA OG1 1 ? 
ATOM   577  C  CG2 . THR A 1 69  ? -1.148  -3.039  -17.276 1.000 17.452 0 69  THR AAA CG2 1 ? 
ATOM   578  N  N   . PRO A 1 70  ? -2.437  -2.965  -21.233 1.000 26.492 0 70  PRO AAA N   1 ? 
ATOM   579  C  CA  . PRO A 1 70  ? -3.181  -3.943  -22.044 1.000 26.681 0 70  PRO AAA CA  1 ? 
ATOM   580  C  C   . PRO A 1 70  ? -3.359  -5.314  -21.400 1.000 29.094 0 70  PRO AAA C   1 ? 
ATOM   581  O  O   . PRO A 1 70  ? -2.424  -5.859  -20.842 1.000 34.934 0 70  PRO AAA O   1 ? 
ATOM   582  C  CB  . PRO A 1 70  ? -2.274  -4.099  -23.275 1.000 30.618 0 70  PRO AAA CB  1 ? 
ATOM   583  C  CG  . PRO A 1 70  ? -1.727  -2.710  -23.445 1.000 29.136 0 70  PRO AAA CG  1 ? 
ATOM   584  C  CD  . PRO A 1 70  ? -1.405  -2.278  -22.020 1.000 25.784 0 70  PRO AAA CD  1 ? 
ATOM   585  N  N   . GLY A 1 71  ? -4.589  -5.831  -21.461 1.000 29.892 0 71  GLY AAA N   1 ? 
ATOM   586  C  CA  . GLY A 1 71  ? -4.927  -7.174  -20.983 1.000 31.451 0 71  GLY AAA CA  1 ? 
ATOM   587  C  C   . GLY A 1 71  ? -5.011  -7.227  -19.473 1.000 30.689 0 71  GLY AAA C   1 ? 
ATOM   588  O  O   . GLY A 1 71  ? -5.017  -8.349  -18.950 1.000 37.233 0 71  GLY AAA O   1 ? 
ATOM   589  N  N   . SER A 1 72  ? -5.002  -6.072  -18.796 1.000 28.803 0 72  SER AAA N   1 ? 
ATOM   590  C  CA  . SER A 1 72  ? -4.979  -5.994  -17.319 1.000 26.356 0 72  SER AAA CA  1 ? 
ATOM   591  C  C   . SER A 1 72  ? -6.389  -6.145  -16.739 1.000 24.697 0 72  SER AAA C   1 ? 
ATOM   592  O  O   . SER A 1 72  ? -7.398  -6.045  -17.451 1.000 25.086 0 72  SER AAA O   1 ? 
ATOM   593  C  CB  . SER A 1 72  ? -4.299  -4.735  -16.903 1.000 23.087 0 72  SER AAA CB  1 ? 
ATOM   594  O  OG  . SER A 1 72  ? -5.161  -3.632  -17.063 1.000 21.869 0 72  SER AAA OG  1 ? 
ATOM   595  N  N   . ARG A 1 73  ? -6.458  -6.353  -15.432 1.000 23.048 0 73  ARG AAA N   1 ? 
ATOM   596  C  CA  . ARG A 1 73  ? -7.721  -6.393  -14.695 1.000 23.292 0 73  ARG AAA CA  1 ? 
ATOM   597  C  C   . ARG A 1 73  ? -7.788  -5.120  -13.827 1.000 20.630 0 73  ARG AAA C   1 ? 
ATOM   598  O  O   . ARG A 1 73  ? -6.808  -4.322  -13.804 1.000 22.585 0 73  ARG AAA O   1 ? 
ATOM   599  C  CB  . ARG A 1 73  ? -7.783  -7.704  -13.906 1.000 26.035 0 73  ARG AAA CB  1 ? 
ATOM   600  C  CG  . ARG A 1 73  ? -7.355  -8.927  -14.714 1.000 33.258 0 73  ARG AAA CG  1 ? 
ATOM   601  C  CD  . ARG A 1 73  ? -8.472  -9.932  -14.898 1.000 43.334 0 73  ARG AAA CD  1 ? 
ATOM   602  N  NE  . ARG A 1 73  ? -8.409  -10.955 -13.858 1.000 55.666 0 73  ARG AAA NE  1 ? 
ATOM   603  C  CZ  . ARG A 1 73  ? -9.455  -11.617 -13.356 1.000 58.812 0 73  ARG AAA CZ  1 ? 
ATOM   604  N  NH1 . ARG A 1 73  ? -10.686 -11.361 -13.778 1.000 63.255 0 73  ARG AAA NH1 1 ? 
ATOM   605  N  NH2 . ARG A 1 73  ? -9.264  -12.521 -12.406 1.000 60.618 0 73  ARG AAA NH2 1 ? 
ATOM   606  N  N   . ASN A 1 74  ? -8.936  -4.957  -13.212 1.000 19.242 0 74  ASN AAA N   1 ? 
ATOM   607  C  CA  . ASN A 1 74  ? -9.316  -3.826  -12.350 1.000 16.997 0 74  ASN AAA CA  1 ? 
ATOM   608  C  C   . ASN A 1 74  ? -10.131 -4.428  -11.215 1.000 16.318 0 74  ASN AAA C   1 ? 
ATOM   609  O  O   . ASN A 1 74  ? -11.295 -4.149  -11.085 1.000 17.627 0 74  ASN AAA O   1 ? 
ATOM   610  C  CB  . ASN A 1 74  ? -10.087 -2.786  -13.169 1.000 17.365 0 74  ASN AAA CB  1 ? 
ATOM   611  C  CG  . ASN A 1 74  ? -10.492 -1.579  -12.352 1.000 17.799 0 74  ASN AAA CG  1 ? 
ATOM   612  O  OD1 . ASN A 1 74  ? -10.086 -1.417  -11.206 1.000 17.388 0 74  ASN AAA OD1 1 ? 
ATOM   613  N  ND2 . ASN A 1 74  ? -11.314 -0.708  -12.901 1.000 18.288 0 74  ASN AAA ND2 1 ? 
ATOM   614  N  N   . LEU A 1 75  ? -9.492  -5.250  -10.412 1.000 17.660 0 75  LEU AAA N   1 ? 
ATOM   615  C  CA  . LEU A 1 75  ? -10.253 -6.006  -9.379  1.000 19.145 0 75  LEU AAA CA  1 ? 
ATOM   616  C  C   . LEU A 1 75  ? -10.719 -5.127  -8.227  1.000 20.120 0 75  LEU AAA C   1 ? 
ATOM   617  O  O   . LEU A 1 75  ? -11.725 -5.501  -7.586  1.000 21.334 0 75  LEU AAA O   1 ? 
ATOM   618  C  CB  . LEU A 1 75  ? -9.425  -7.183  -8.884  1.000 22.051 0 75  LEU AAA CB  1 ? 
ATOM   619  C  CG  . LEU A 1 75  ? -9.141  -8.235  -9.959  1.000 22.489 0 75  LEU AAA CG  1 ? 
ATOM   620  C  CD1 . LEU A 1 75  ? -8.086  -9.215  -9.476  1.000 25.946 0 75  LEU AAA CD1 1 ? 
ATOM   621  C  CD2 . LEU A 1 75  ? -10.423 -8.956  -10.403 1.000 26.609 0 75  LEU AAA CD2 1 ? 
ATOM   622  N  N   . CYS A 1 76  ? -10.115 -3.946  -7.978  1.000 17.004 0 76  CYS AAA N   1 ? 
ATOM   623  C  CA  . CYS A 1 76  ? -10.598 -3.004  -6.958  1.000 17.076 0 76  CYS AAA CA  1 ? 
ATOM   624  C  C   . CYS A 1 76  ? -11.645 -2.087  -7.560  1.000 16.506 0 76  CYS AAA C   1 ? 
ATOM   625  O  O   . CYS A 1 76  ? -12.230 -1.333  -6.851  1.000 18.339 0 76  CYS AAA O   1 ? 
ATOM   626  C  CB  . CYS A 1 76  ? -9.439  -2.221  -6.357  1.000 16.922 0 76  CYS AAA CB  1 ? 
ATOM   627  S  SG  . CYS A 1 76  ? -8.404  -3.344  -5.393  1.000 17.592 0 76  CYS AAA SG  1 ? 
ATOM   628  N  N   . ASN A 1 77  ? -11.889 -2.195  -8.865  1.000 17.981 0 77  ASN AAA N   1 ? 
ATOM   629  C  CA  . ASN A 1 77  ? -12.913 -1.423  -9.595  1.000 18.240 0 77  ASN AAA CA  1 ? 
ATOM   630  C  C   . ASN A 1 77  ? -12.780 0.079   -9.345  1.000 18.454 0 77  ASN AAA C   1 ? 
ATOM   631  O  O   . ASN A 1 77  ? -13.724 0.750   -8.949  1.000 20.896 0 77  ASN AAA O   1 ? 
ATOM   632  C  CB  . ASN A 1 77  ? -14.310 -1.921  -9.223  1.000 22.854 0 77  ASN AAA CB  1 ? 
ATOM   633  C  CG  . ASN A 1 77  ? -15.331 -1.388  -10.205 1.000 25.479 0 77  ASN AAA CG  1 ? 
ATOM   634  O  OD1 . ASN A 1 77  ? -15.052 -1.270  -11.403 1.000 34.096 0 77  ASN AAA OD1 1 ? 
ATOM   635  N  ND2 . ASN A 1 77  ? -16.512 -1.060  -9.712  1.000 30.930 0 77  ASN AAA ND2 1 ? 
ATOM   636  N  N   . ILE A 1 78  ? -11.588 0.586   -9.636  1.000 17.732 0 78  ILE AAA N   1 ? 
ATOM   637  C  CA  . ILE A 1 78  ? -11.253 2.016   -9.422  1.000 18.181 0 78  ILE AAA CA  1 ? 
ATOM   638  C  C   . ILE A 1 78  ? -10.284 2.440   -10.512 1.000 16.126 0 78  ILE AAA C   1 ? 
ATOM   639  O  O   . ILE A 1 78  ? -9.412  1.678   -10.904 1.000 16.361 0 78  ILE AAA O   1 ? 
ATOM   640  C  CB  . ILE A 1 78  ? -10.593 2.311   -8.057  1.000 20.529 0 78  ILE AAA CB  1 ? 
ATOM   641  C  CG1 . ILE A 1 78  ? -9.465  1.332   -7.748  1.000 18.983 0 78  ILE AAA CG1 1 ? 
ATOM   642  C  CG2 . ILE A 1 78  ? -11.605 2.462   -6.917  1.000 24.106 0 78  ILE AAA CG2 1 ? 
ATOM   643  C  CD1 . ILE A 1 78  ? -8.601  1.786   -6.598  1.000 24.565 0 78  ILE AAA CD1 1 ? 
ATOM   644  N  N   . PRO A 1 79  ? -10.302 3.742   -10.867 1.000 15.981 0 79  PRO AAA N   1 ? 
ATOM   645  C  CA  . PRO A 1 79  ? -9.203  4.285   -11.641 1.000 15.296 0 79  PRO AAA CA  1 ? 
ATOM   646  C  C   . PRO A 1 79  ? -7.966  4.341   -10.746 1.000 13.313 0 79  PRO AAA C   1 ? 
ATOM   647  O  O   . PRO A 1 79  ? -8.057  4.673   -9.553  1.000 13.918 0 79  PRO AAA O   1 ? 
ATOM   648  C  CB  . PRO A 1 79  ? -9.651  5.689   -12.005 1.000 15.539 0 79  PRO AAA CB  1 ? 
ATOM   649  C  CG  . PRO A 1 79  ? -10.658 6.055   -10.958 1.000 18.844 0 79  PRO AAA CG  1 ? 
ATOM   650  C  CD  . PRO A 1 79  ? -11.307 4.753   -10.510 1.000 18.526 0 79  PRO AAA CD  1 ? 
ATOM   651  N  N   . CYS A 1 80  ? -6.818  4.087   -11.303 1.000 12.707 0 80  CYS AAA N   1 ? 
ATOM   652  C  CA  . CYS A 1 80  ? -5.560  4.111   -10.537 1.000 12.534 0 80  CYS AAA CA  1 ? 
ATOM   653  C  C   . CYS A 1 80  ? -5.335  5.488   -9.929  1.000 12.650 0 80  CYS AAA C   1 ? 
ATOM   654  O  O   . CYS A 1 80  ? -4.738  5.617   -8.844  1.000 13.782 0 80  CYS AAA O   1 ? 
ATOM   655  C  CB  . CYS A 1 80  ? -4.408  3.697   -11.406 1.000 12.732 0 80  CYS AAA CB  1 ? 
ATOM   656  S  SG  . CYS A 1 80  ? -4.498  1.978   -11.979 1.000 13.611 0 80  CYS AAA SG  1 ? 
ATOM   657  N  N   . SER A 1 81  ? -5.816  6.554   -10.583 1.000 13.122 0 81  SER AAA N   1 ? 
ATOM   658  C  CA  . SER A 1 81  ? -5.681  7.933   -10.058 1.000 14.567 0 81  SER AAA CA  1 ? 
ATOM   659  C  C   . SER A 1 81  ? -6.318  8.066   -8.676  1.000 15.041 0 81  SER AAA C   1 ? 
ATOM   660  O  O   . SER A 1 81  ? -5.889  8.901   -7.911  1.000 16.950 0 81  SER AAA O   1 ? 
ATOM   661  C  CB  . SER A 1 81  ? -6.263  8.965   -10.992 1.000 15.518 0 81  SER AAA CB  1 ? 
ATOM   662  O  OG  . SER A 1 81  ? -7.637  8.663   -11.176 1.000 16.547 0 81  SER AAA OG  1 ? 
ATOM   663  N  N   . ALA A 1 82  ? -7.363  7.309   -8.380  1.000 15.816 0 82  ALA AAA N   1 ? 
ATOM   664  C  CA  . ALA A 1 82  ? -8.038  7.318   -7.042  1.000 17.543 0 82  ALA AAA CA  1 ? 
ATOM   665  C  C   . ALA A 1 82  ? -7.033  6.941   -5.960  1.000 18.308 0 82  ALA AAA C   1 ? 
ATOM   666  O  O   . ALA A 1 82  ? -7.246  7.266   -4.752  1.000 17.502 0 82  ALA AAA O   1 ? 
ATOM   667  C  CB  . ALA A 1 82  ? -9.208  6.378   -6.996  1.000 18.606 0 82  ALA AAA CB  1 ? 
ATOM   668  N  N   . LEU A 1 83  ? -6.022  6.164   -6.316  1.000 15.393 0 83  LEU AAA N   1 ? 
ATOM   669  C  CA  . LEU A 1 83  ? -5.006  5.711   -5.353  1.000 14.905 0 83  LEU AAA CA  1 ? 
ATOM   670  C  C   . LEU A 1 83  ? -3.964  6.778   -5.073  1.000 14.828 0 83  LEU AAA C   1 ? 
ATOM   671  O  O   . LEU A 1 83  ? -3.033  6.517   -4.317  1.000 16.152 0 83  LEU AAA O   1 ? 
ATOM   672  C  CB  . LEU A 1 83  ? -4.325  4.466   -5.880  1.000 15.714 0 83  LEU AAA CB  1 ? 
ATOM   673  C  CG  . LEU A 1 83  ? -5.272  3.314   -6.135  1.000 17.893 0 83  LEU AAA CG  1 ? 
ATOM   674  C  CD1 . LEU A 1 83  ? -4.576  2.163   -6.829  1.000 19.937 0 83  LEU AAA CD1 1 ? 
ATOM   675  C  CD2 . LEU A 1 83  ? -5.882  2.833   -4.807  1.000 22.754 0 83  LEU AAA CD2 1 ? 
ATOM   676  N  N   . LEU A 1 84  ? -4.021  7.943   -5.735  1.000 14.334 0 84  LEU AAA N   1 ? 
ATOM   677  C  CA  . LEU A 1 84  ? -3.080  9.048   -5.498  1.000 13.691 0 84  LEU AAA CA  1 ? 
ATOM   678  C  C   . LEU A 1 84  ? -3.659  10.127  -4.591  1.000 14.878 0 84  LEU AAA C   1 ? 
ATOM   679  O  O   . LEU A 1 84  ? -2.913  11.063  -4.279  1.000 16.451 0 84  LEU AAA O   1 ? 
ATOM   680  C  CB  . LEU A 1 84  ? -2.677  9.619   -6.851  1.000 14.917 0 84  LEU AAA CB  1 ? 
ATOM   681  C  CG  . LEU A 1 84  ? -2.074  8.600   -7.801  1.000 15.058 0 84  LEU AAA CG  1 ? 
ATOM   682  C  CD1 . LEU A 1 84  ? -1.682  9.279   -9.096  1.000 17.673 0 84  LEU AAA CD1 1 ? 
ATOM   683  C  CD2 . LEU A 1 84  ? -0.875  7.864   -7.231  1.000 14.726 0 84  LEU AAA CD2 1 ? 
ATOM   684  N  N   A SER A 1 85  ? -4.917  9.992   -4.185  0.700 15.300 0 85  SER AAA N   1 ? 
ATOM   685  N  N   B SER A 1 85  ? -4.931  10.019  -4.200  0.300 16.242 0 85  SER AAA N   1 ? 
ATOM   686  C  CA  A SER A 1 85  ? -5.641  11.010  -3.378  0.700 17.133 0 85  SER AAA CA  1 ? 
ATOM   687  C  CA  B SER A 1 85  ? -5.646  11.060  -3.415  0.300 17.696 0 85  SER AAA CA  1 ? 
ATOM   688  C  C   A SER A 1 85  ? -4.978  11.213  -2.006  0.700 18.771 0 85  SER AAA C   1 ? 
ATOM   689  C  C   B SER A 1 85  ? -5.019  11.206  -2.022  0.300 18.598 0 85  SER AAA C   1 ? 
ATOM   690  O  O   A SER A 1 85  ? -4.449  10.280  -1.411  0.700 18.240 0 85  SER AAA O   1 ? 
ATOM   691  O  O   B SER A 1 85  ? -4.462  10.234  -1.495  0.300 18.837 0 85  SER AAA O   1 ? 
ATOM   692  C  CB  A SER A 1 85  ? -7.051  10.542  -3.212  0.700 17.837 0 85  SER AAA CB  1 ? 
ATOM   693  C  CB  B SER A 1 85  ? -7.118  10.735  -3.322  0.300 18.835 0 85  SER AAA CB  1 ? 
ATOM   694  O  OG  A SER A 1 85  ? -7.788  11.459  -2.445  0.700 18.482 0 85  SER AAA OG  1 ? 
ATOM   695  O  OG  B SER A 1 85  ? -7.333  9.379   -2.951  0.300 20.272 0 85  SER AAA OG  1 ? 
ATOM   696  N  N   . SER A 1 86  ? -5.147  12.387  -1.423  1.000 18.479 0 86  SER AAA N   1 ? 
ATOM   697  C  CA  . SER A 1 86  ? -4.821  12.630  -0.010  1.000 18.489 0 86  SER AAA CA  1 ? 
ATOM   698  C  C   . SER A 1 86  ? -5.677  11.731  0.890   1.000 18.339 0 86  SER AAA C   1 ? 
ATOM   699  O  O   . SER A 1 86  ? -5.230  11.425  2.034   1.000 21.383 0 86  SER AAA O   1 ? 
ATOM   700  C  CB  A SER A 1 86  ? -5.064  14.106  0.289   0.500 20.607 0 86  SER AAA CB  1 ? 
ATOM   701  C  CB  B SER A 1 86  ? -5.000  14.087  0.346   0.500 18.031 0 86  SER AAA CB  1 ? 
ATOM   702  O  OG  A SER A 1 86  ? -4.456  14.920  -0.710  0.500 27.527 0 86  SER AAA OG  1 ? 
ATOM   703  O  OG  B SER A 1 86  ? -6.325  14.486  0.127   0.500 18.476 0 86  SER AAA OG  1 ? 
ATOM   704  N  N   . ASP A 1 87  ? -6.855  11.340  0.459   1.000 17.217 0 87  ASP AAA N   1 ? 
ATOM   705  C  CA  . ASP A 1 87  ? -7.761  10.453  1.222   1.000 18.350 0 87  ASP AAA CA  1 ? 
ATOM   706  C  C   . ASP A 1 87  ? -7.340  9.028   0.878   1.000 17.215 0 87  ASP AAA C   1 ? 
ATOM   707  O  O   . ASP A 1 87  ? -7.524  8.625   -0.263  1.000 17.510 0 87  ASP AAA O   1 ? 
ATOM   708  C  CB  . ASP A 1 87  ? -9.201  10.741  0.804   1.000 19.297 0 87  ASP AAA CB  1 ? 
ATOM   709  C  CG  . ASP A 1 87  ? -10.270 9.847   1.391   1.000 23.466 0 87  ASP AAA CG  1 ? 
ATOM   710  O  OD1 . ASP A 1 87  ? -9.922  8.826   2.018   1.000 21.700 0 87  ASP AAA OD1 1 ? 
ATOM   711  O  OD2 . ASP A 1 87  ? -11.473 10.194  1.241   1.000 27.627 0 87  ASP AAA OD2 1 ? 
ATOM   712  N  N   . ILE A 1 88  ? -6.824  8.273   1.835   1.000 16.463 0 88  ILE AAA N   1 ? 
ATOM   713  C  CA  . ILE A 1 88  ? -6.293  6.891   1.588   1.000 14.727 0 88  ILE AAA CA  1 ? 
ATOM   714  C  C   . ILE A 1 88  ? -7.395  5.844   1.573   1.000 15.021 0 88  ILE AAA C   1 ? 
ATOM   715  O  O   . ILE A 1 88  ? -7.012  4.667   1.407   1.000 14.387 0 88  ILE AAA O   1 ? 
ATOM   716  C  CB  . ILE A 1 88  ? -5.195  6.499   2.598   1.000 16.315 0 88  ILE AAA CB  1 ? 
ATOM   717  C  CG1 . ILE A 1 88  ? -5.706  6.314   4.025   1.000 16.081 0 88  ILE AAA CG1 1 ? 
ATOM   718  C  CG2 . ILE A 1 88  ? -4.093  7.516   2.547   1.000 17.708 0 88  ILE AAA CG2 1 ? 
ATOM   719  C  CD1 . ILE A 1 88  ? -4.692  5.692   4.943   1.000 17.962 0 88  ILE AAA CD1 1 ? 
ATOM   720  N  N   . THR A 1 89  ? -8.684  6.167   1.668   1.000 15.178 0 89  THR AAA N   1 ? 
ATOM   721  C  CA  . THR A 1 89  ? -9.752  5.174   1.713   1.000 16.066 0 89  THR AAA CA  1 ? 
ATOM   722  C  C   . THR A 1 89  ? -9.591  4.173   0.564   1.000 16.731 0 89  THR AAA C   1 ? 
ATOM   723  O  O   . THR A 1 89  ? -9.651  2.974   0.825   1.000 16.363 0 89  THR AAA O   1 ? 
ATOM   724  C  CB  . THR A 1 89  ? -11.139 5.840   1.656   1.000 17.790 0 89  THR AAA CB  1 ? 
ATOM   725  O  OG1 . THR A 1 89  ? -11.281 6.736   2.756   1.000 19.200 0 89  THR AAA OG1 1 ? 
ATOM   726  C  CG2 . THR A 1 89  ? -12.264 4.833   1.736   1.000 20.373 0 89  THR AAA CG2 1 ? 
ATOM   727  N  N   . ALA A 1 90  ? -9.455  4.617   -0.692  1.000 15.365 0 90  ALA AAA N   1 ? 
ATOM   728  C  CA  . ALA A 1 90  ? -9.432  3.700   -1.838  1.000 16.332 0 90  ALA AAA CA  1 ? 
ATOM   729  C  C   . ALA A 1 90  ? -8.194  2.810   -1.738  1.000 14.978 0 90  ALA AAA C   1 ? 
ATOM   730  O  O   . ALA A 1 90  ? -8.299  1.617   -2.021  1.000 16.161 0 90  ALA AAA O   1 ? 
ATOM   731  C  CB  . ALA A 1 90  ? -9.485  4.466   -3.148  1.000 18.326 0 90  ALA AAA CB  1 ? 
ATOM   732  N  N   . SER A 1 91  ? -7.052  3.367   -1.381  1.000 13.647 0 91  SER AAA N   1 ? 
ATOM   733  C  CA  . SER A 1 91  ? -5.811  2.559   -1.232  1.000 13.811 0 91  SER AAA CA  1 ? 
ATOM   734  C  C   . SER A 1 91  ? -6.030  1.490   -0.168  1.000 12.639 0 91  SER AAA C   1 ? 
ATOM   735  O  O   . SER A 1 91  ? -5.575  0.343   -0.363  1.000 13.290 0 91  SER AAA O   1 ? 
ATOM   736  C  CB  . SER A 1 91  ? -4.612  3.395   -0.920  1.000 13.667 0 91  SER AAA CB  1 ? 
ATOM   737  O  OG  . SER A 1 91  ? -4.115  4.010   -2.121  1.000 14.669 0 91  SER AAA OG  1 ? 
ATOM   738  N  N   . VAL A 1 92  ? -6.610  1.859   0.972   1.000 12.843 0 92  VAL AAA N   1 ? 
ATOM   739  C  CA  . VAL A 1 92  ? -6.808  0.848   2.041   1.000 12.994 0 92  VAL AAA CA  1 ? 
ATOM   740  C  C   . VAL A 1 92  ? -7.781  -0.219  1.614   1.000 14.172 0 92  VAL AAA C   1 ? 
ATOM   741  O  O   . VAL A 1 92  ? -7.480  -1.411  1.816   1.000 14.643 0 92  VAL AAA O   1 ? 
ATOM   742  C  CB  . VAL A 1 92  ? -7.254  1.532   3.334   1.000 15.288 0 92  VAL AAA CB  1 ? 
ATOM   743  C  CG1 . VAL A 1 92  ? -7.720  0.513   4.361   1.000 16.293 0 92  VAL AAA CG1 1 ? 
ATOM   744  C  CG2 . VAL A 1 92  ? -6.161  2.402   3.864   1.000 15.831 0 92  VAL AAA CG2 1 ? 
ATOM   745  N  N   . ASN A 1 93  ? -8.900  0.149   1.005   1.000 14.482 0 93  ASN AAA N   1 ? 
ATOM   746  C  CA  . ASN A 1 93  ? -9.905  -0.848  0.603   1.000 16.799 0 93  ASN AAA CA  1 ? 
ATOM   747  C  C   . ASN A 1 93  ? -9.254  -1.804  -0.379  1.000 15.147 0 93  ASN AAA C   1 ? 
ATOM   748  O  O   . ASN A 1 93  ? -9.470  -3.002  -0.327  1.000 15.870 0 93  ASN AAA O   1 ? 
ATOM   749  C  CB  . ASN A 1 93  ? -11.163 -0.195  0.017   1.000 21.295 0 93  ASN AAA CB  1 ? 
ATOM   750  C  CG  . ASN A 1 93  ? -11.962 0.432   1.132   1.000 25.332 0 93  ASN AAA CG  1 ? 
ATOM   751  O  OD1 . ASN A 1 93  ? -11.758 0.068   2.285   1.000 29.933 0 93  ASN AAA OD1 1 ? 
ATOM   752  N  ND2 . ASN A 1 93  ? -12.790 1.410   0.818   1.000 29.967 0 93  ASN AAA ND2 1 ? 
ATOM   753  N  N   . CYS A 1 94  ? -8.481  -1.292  -1.317  1.000 14.248 0 94  CYS AAA N   1 ? 
ATOM   754  C  CA  . CYS A 1 94  ? -7.847  -2.151  -2.329  1.000 13.753 0 94  CYS AAA CA  1 ? 
ATOM   755  C  C   . CYS A 1 94  ? -6.721  -2.983  -1.660  1.000 13.175 0 94  CYS AAA C   1 ? 
ATOM   756  O  O   . CYS A 1 94  ? -6.646  -4.183  -1.949  1.000 13.680 0 94  CYS AAA O   1 ? 
ATOM   757  C  CB  . CYS A 1 94  ? -7.374  -1.267  -3.466  1.000 15.118 0 94  CYS AAA CB  1 ? 
ATOM   758  S  SG  . CYS A 1 94  ? -6.796  -2.211  -4.868  1.000 16.239 0 94  CYS AAA SG  1 ? 
ATOM   759  N  N   . ALA A 1 95  ? -5.935  -2.408  -0.738  1.000 12.968 0 95  ALA AAA N   1 ? 
ATOM   760  C  CA  . ALA A 1 95  ? -4.900  -3.192  -0.049  1.000 12.472 0 95  ALA AAA CA  1 ? 
ATOM   761  C  C   . ALA A 1 95  ? -5.519  -4.369  0.704   1.000 12.276 0 95  ALA AAA C   1 ? 
ATOM   762  O  O   . ALA A 1 95  ? -4.916  -5.453  0.745   1.000 12.879 0 95  ALA AAA O   1 ? 
ATOM   763  C  CB  . ALA A 1 95  ? -4.106  -2.366  0.882   1.000 12.846 0 95  ALA AAA CB  1 ? 
ATOM   764  N  N   . LYS A 1 96  ? -6.699  -4.187  1.286   1.000 13.017 0 96  LYS AAA N   1 ? 
ATOM   765  C  CA  . LYS A 1 96  ? -7.375  -5.291  1.984   1.000 13.888 0 96  LYS AAA CA  1 ? 
ATOM   766  C  C   . LYS A 1 96  ? -7.645  -6.438  1.016   1.000 15.130 0 96  LYS AAA C   1 ? 
ATOM   767  O  O   . LYS A 1 96  ? -7.468  -7.643  1.399   1.000 15.445 0 96  LYS AAA O   1 ? 
ATOM   768  C  CB  . LYS A 1 96  ? -8.647  -4.777  2.646   1.000 15.666 0 96  LYS AAA CB  1 ? 
ATOM   769  C  CG  . LYS A 1 96  ? -8.392  -3.934  3.844   1.000 15.620 0 96  LYS AAA CG  1 ? 
ATOM   770  C  CD  . LYS A 1 96  ? -9.697  -3.392  4.422   1.000 18.546 0 96  LYS AAA CD  1 ? 
ATOM   771  C  CE  . LYS A 1 96  ? -9.497  -2.672  5.719   1.000 18.971 0 96  LYS AAA CE  1 ? 
ATOM   772  N  NZ  . LYS A 1 96  ? -10.777 -2.117  6.213   1.000 22.955 0 96  LYS AAA NZ  1 ? 
ATOM   773  N  N   A LYS A 1 97  ? -8.070  -6.147  -0.201  0.700 14.628 0 97  LYS AAA N   1 ? 
ATOM   774  N  N   B LYS A 1 97  ? -8.075  -6.141  -0.202  0.300 14.589 0 97  LYS AAA N   1 ? 
ATOM   775  C  CA  A LYS A 1 97  ? -8.270  -7.222  -1.183  0.700 15.118 0 97  LYS AAA CA  1 ? 
ATOM   776  C  CA  B LYS A 1 97  ? -8.288  -7.210  -1.196  0.300 14.574 0 97  LYS AAA CA  1 ? 
ATOM   777  C  C   A LYS A 1 97  ? -6.923  -7.879  -1.515  0.700 14.270 0 97  LYS AAA C   1 ? 
ATOM   778  C  C   B LYS A 1 97  ? -6.944  -7.874  -1.514  0.300 14.010 0 97  LYS AAA C   1 ? 
ATOM   779  O  O   A LYS A 1 97  ? -6.830  -9.105  -1.692  0.700 14.732 0 97  LYS AAA O   1 ? 
ATOM   780  O  O   B LYS A 1 97  ? -6.893  -9.110  -1.547  0.300 14.608 0 97  LYS AAA O   1 ? 
ATOM   781  C  CB  A LYS A 1 97  ? -8.959  -6.678  -2.431  0.700 16.641 0 97  LYS AAA CB  1 ? 
ATOM   782  C  CB  B LYS A 1 97  ? -8.947  -6.669  -2.460  0.300 15.147 0 97  LYS AAA CB  1 ? 
ATOM   783  C  CG  A LYS A 1 97  ? -10.397 -6.227  -2.213  0.700 22.445 0 97  LYS AAA CG  1 ? 
ATOM   784  C  CG  B LYS A 1 97  ? -9.205  -7.716  -3.529  0.300 16.918 0 97  LYS AAA CG  1 ? 
ATOM   785  C  CD  A LYS A 1 97  ? -11.158 -5.965  -3.502  0.700 25.260 0 97  LYS AAA CD  1 ? 
ATOM   786  C  CD  B LYS A 1 97  ? -9.844  -7.099  -4.742  0.300 18.906 0 97  LYS AAA CD  1 ? 
ATOM   787  C  CE  A LYS A 1 97  ? -11.152 -7.122  -4.490  0.700 29.962 0 97  LYS AAA CE  1 ? 
ATOM   788  C  CE  B LYS A 1 97  ? -10.934 -6.114  -4.379  0.300 19.965 0 97  LYS AAA CE  1 ? 
ATOM   789  N  NZ  A LYS A 1 97  ? -12.188 -8.143  -4.190  0.700 33.918 0 97  LYS AAA NZ  1 ? 
ATOM   790  N  NZ  B LYS A 1 97  ? -12.256 -6.776  -4.273  0.300 21.565 0 97  LYS AAA NZ  1 ? 
ATOM   791  N  N   . ILE A 1 98  ? -5.902  -7.081  -1.781  1.000 12.774 0 98  ILE AAA N   1 ? 
ATOM   792  C  CA  . ILE A 1 98  ? -4.589  -7.612  -2.210  1.000 12.435 0 98  ILE AAA CA  1 ? 
ATOM   793  C  C   . ILE A 1 98  ? -4.043  -8.555  -1.129  1.000 12.234 0 98  ILE AAA C   1 ? 
ATOM   794  O  O   . ILE A 1 98  ? -3.622  -9.672  -1.456  1.000 13.227 0 98  ILE AAA O   1 ? 
ATOM   795  C  CB  . ILE A 1 98  ? -3.619  -6.468  -2.486  1.000 12.213 0 98  ILE AAA CB  1 ? 
ATOM   796  C  CG1 . ILE A 1 98  ? -4.074  -5.594  -3.673  1.000 12.704 0 98  ILE AAA CG1 1 ? 
ATOM   797  C  CG2 . ILE A 1 98  ? -2.271  -7.057  -2.716  1.000 13.739 0 98  ILE AAA CG2 1 ? 
ATOM   798  C  CD1 . ILE A 1 98  ? -3.331  -4.284  -3.849  1.000 14.080 0 98  ILE AAA CD1 1 ? 
ATOM   799  N  N   . VAL A 1 99  ? -4.072  -8.129  0.118   1.000 12.090 0 99  VAL AAA N   1 ? 
ATOM   800  C  CA  . VAL A 1 99  ? -3.455  -8.936  1.211   1.000 12.444 0 99  VAL AAA CA  1 ? 
ATOM   801  C  C   . VAL A 1 99  ? -4.281  -10.176 1.499   1.000 12.659 0 99  VAL AAA C   1 ? 
ATOM   802  O  O   . VAL A 1 99  ? -3.738  -11.108 2.118   1.000 14.146 0 99  VAL AAA O   1 ? 
ATOM   803  C  CB  . VAL A 1 99  ? -3.261  -8.089  2.469   1.000 11.750 0 99  VAL AAA CB  1 ? 
ATOM   804  C  CG1 . VAL A 1 99  ? -4.581  -7.824  3.167   1.000 13.380 0 99  VAL AAA CG1 1 ? 
ATOM   805  C  CG2 . VAL A 1 99  ? -2.226  -8.687  3.391   1.000 11.932 0 99  VAL AAA CG2 1 ? 
ATOM   806  N  N   . SER A 1 100 ? -5.502  -10.241 0.990   1.000 14.587 0 100 SER AAA N   1 ? 
ATOM   807  C  CA  . SER A 1 100 ? -6.404  -11.403 1.140   1.000 15.952 0 100 SER AAA CA  1 ? 
ATOM   808  C  C   . SER A 1 100 ? -6.250  -12.350 -0.039  1.000 17.827 0 100 SER AAA C   1 ? 
ATOM   809  O  O   . SER A 1 100 ? -6.925  -13.431 0.000   1.000 19.756 0 100 SER AAA O   1 ? 
ATOM   810  C  CB  . SER A 1 100 ? -7.838  -10.946 1.324   1.000 18.056 0 100 SER AAA CB  1 ? 
ATOM   811  O  OG  . SER A 1 100 ? -7.964  -10.090 2.459   1.000 18.642 0 100 SER AAA OG  1 ? 
ATOM   812  N  N   . ASP A 1 101 ? -5.426  -12.060 -1.026  1.000 16.838 0 101 ASP AAA N   1 ? 
ATOM   813  C  CA  . ASP A 1 101 ? -5.433  -12.765 -2.334  1.000 18.409 0 101 ASP AAA CA  1 ? 
ATOM   814  C  C   . ASP A 1 101 ? -4.726  -14.116 -2.270  1.000 19.645 0 101 ASP AAA C   1 ? 
ATOM   815  O  O   . ASP A 1 101 ? -4.889  -14.902 -3.240  1.000 22.870 0 101 ASP AAA O   1 ? 
ATOM   816  C  CB  . ASP A 1 101 ? -4.841  -11.909 -3.447  1.000 20.711 0 101 ASP AAA CB  1 ? 
ATOM   817  C  CG  . ASP A 1 101 ? -5.108  -12.477 -4.832  1.000 26.425 0 101 ASP AAA CG  1 ? 
ATOM   818  O  OD1 . ASP A 1 101 ? -6.280  -12.517 -5.226  1.000 30.745 0 101 ASP AAA OD1 1 ? 
ATOM   819  O  OD2 . ASP A 1 101 ? -4.139  -12.859 -5.479  1.000 33.369 0 101 ASP AAA OD2 1 ? 
ATOM   820  N  N   . GLY A 1 102 ? -3.910  -14.376 -1.254  1.000 18.348 0 102 GLY AAA N   1 ? 
ATOM   821  C  CA  . GLY A 1 102 ? -3.289  -15.689 -1.038  1.000 16.935 0 102 GLY AAA CA  1 ? 
ATOM   822  C  C   . GLY A 1 102 ? -1.847  -15.579 -0.552  1.000 16.517 0 102 GLY AAA C   1 ? 
ATOM   823  O  O   . GLY A 1 102 ? -1.431  -16.480 0.244   1.000 18.773 0 102 GLY AAA O   1 ? 
ATOM   824  N  N   . ASN A 1 103 ? -1.091  -14.534 -0.927  1.000 16.260 0 103 ASN AAA N   1 ? 
ATOM   825  C  CA  . ASN A 1 103 ? 0.330   -14.434 -0.534  1.000 14.854 0 103 ASN AAA CA  1 ? 
ATOM   826  C  C   . ASN A 1 103 ? 0.512   -13.394 0.548   1.000 12.068 0 103 ASN AAA C   1 ? 
ATOM   827  O  O   . ASN A 1 103 ? 1.686   -13.113 0.898   1.000 12.104 0 103 ASN AAA O   1 ? 
ATOM   828  C  CB  . ASN A 1 103 ? 1.212   -14.157 -1.739  1.000 17.943 0 103 ASN AAA CB  1 ? 
ATOM   829  C  CG  . ASN A 1 103 ? 1.214   -15.348 -2.692  1.000 22.245 0 103 ASN AAA CG  1 ? 
ATOM   830  O  OD1 . ASN A 1 103 ? 0.992   -16.503 -2.281  1.000 27.839 0 103 ASN AAA OD1 1 ? 
ATOM   831  N  ND2 . ASN A 1 103 ? 1.320   -15.070 -3.975  1.000 30.716 0 103 ASN AAA ND2 1 ? 
ATOM   832  N  N   . GLY A 1 104 ? -0.541  -12.943 1.157   1.000 12.386 0 104 GLY AAA N   1 ? 
ATOM   833  C  CA  . GLY A 1 104 ? -0.402  -12.024 2.276   1.000 11.806 0 104 GLY AAA CA  1 ? 
ATOM   834  C  C   . GLY A 1 104 ? 0.369   -10.779 1.862   1.000 10.836 0 104 GLY AAA C   1 ? 
ATOM   835  O  O   . GLY A 1 104 ? 0.209   -10.307 0.715   1.000 11.864 0 104 GLY AAA O   1 ? 
ATOM   836  N  N   . MET A 1 105 ? 1.181   -10.252 2.750   1.000 10.236 0 105 MET AAA N   1 ? 
ATOM   837  C  CA  . MET A 1 105 ? 1.925   -8.995  2.462   1.000 9.884  0 105 MET AAA CA  1 ? 
ATOM   838  C  C   . MET A 1 105 ? 3.092   -9.222  1.512   1.000 9.653  0 105 MET AAA C   1 ? 
ATOM   839  O  O   . MET A 1 105 ? 3.708   -8.240  1.083   1.000 10.294 0 105 MET AAA O   1 ? 
ATOM   840  C  CB  . MET A 1 105 ? 2.334   -8.248  3.727   1.000 10.086 0 105 MET AAA CB  1 ? 
ATOM   841  C  CG  . MET A 1 105 ? 1.160   -7.588  4.393   1.000 10.497 0 105 MET AAA CG  1 ? 
ATOM   842  S  SD  . MET A 1 105 ? 1.639   -6.357  5.637   1.000 11.415 0 105 MET AAA SD  1 ? 
ATOM   843  C  CE  . MET A 1 105 ? 2.080   -4.989  4.575   1.000 11.018 0 105 MET AAA CE  1 ? 
ATOM   844  N  N   . ASN A 1 106 ? 3.414   -10.446 1.149   1.000 10.675 0 106 ASN AAA N   1 ? 
ATOM   845  C  CA  . ASN A 1 106 ? 4.457   -10.708 0.137   1.000 10.729 0 106 ASN AAA CA  1 ? 
ATOM   846  C  C   . ASN A 1 106 ? 4.054   -10.066 -1.193  1.000 10.975 0 106 ASN AAA C   1 ? 
ATOM   847  O  O   . ASN A 1 106 ? 4.978   -9.901  -2.025  1.000 13.413 0 106 ASN AAA O   1 ? 
ATOM   848  C  CB  . ASN A 1 106 ? 4.724   -12.200 -0.037  1.000 10.984 0 106 ASN AAA CB  1 ? 
ATOM   849  C  CG  . ASN A 1 106 ? 5.249   -12.797 1.245   1.000 11.124 0 106 ASN AAA CG  1 ? 
ATOM   850  O  OD1 . ASN A 1 106 ? 6.343   -12.522 1.686   1.000 12.139 0 106 ASN AAA OD1 1 ? 
ATOM   851  N  ND2 . ASN A 1 106 ? 4.431   -13.615 1.901   1.000 12.821 0 106 ASN AAA ND2 1 ? 
ATOM   852  N  N   . ALA A 1 107 ? 2.796   -9.713  -1.411  1.000 11.258 0 107 ALA AAA N   1 ? 
ATOM   853  C  CA  . ALA A 1 107 ? 2.410   -8.920  -2.599  1.000 12.579 0 107 ALA AAA CA  1 ? 
ATOM   854  C  C   . ALA A 1 107 ? 3.189   -7.605  -2.695  1.000 12.880 0 107 ALA AAA C   1 ? 
ATOM   855  O  O   . ALA A 1 107 ? 3.297   -7.016  -3.794  1.000 14.487 0 107 ALA AAA O   1 ? 
ATOM   856  C  CB  . ALA A 1 107 ? 0.940   -8.649  -2.569  1.000 14.286 0 107 ALA AAA CB  1 ? 
ATOM   857  N  N   . TRP A 1 108 ? 3.659   -7.058  -1.592  1.000 11.233 0 108 TRP AAA N   1 ? 
ATOM   858  C  CA  . TRP A 1 108 ? 4.452   -5.809  -1.552  1.000 10.857 0 108 TRP AAA CA  1 ? 
ATOM   859  C  C   . TRP A 1 108 ? 5.897   -6.202  -1.466  1.000 10.687 0 108 TRP AAA C   1 ? 
ATOM   860  O  O   . TRP A 1 108 ? 6.406   -6.657  -0.398  1.000 10.740 0 108 TRP AAA O   1 ? 
ATOM   861  C  CB  . TRP A 1 108 ? 4.019   -4.933  -0.408  1.000 11.227 0 108 TRP AAA CB  1 ? 
ATOM   862  C  CG  . TRP A 1 108 ? 2.685   -4.324  -0.643  1.000 10.974 0 108 TRP AAA CG  1 ? 
ATOM   863  C  CD1 . TRP A 1 108 ? 2.439   -3.225  -1.416  1.000 11.324 0 108 TRP AAA CD1 1 ? 
ATOM   864  C  CD2 . TRP A 1 108 ? 1.393   -4.786  -0.222  1.000 10.284 0 108 TRP AAA CD2 1 ? 
ATOM   865  N  NE1 . TRP A 1 108 ? 1.104   -2.998  -1.489  1.000 11.615 0 108 TRP AAA NE1 1 ? 
ATOM   866  C  CE2 . TRP A 1 108 ? 0.422   -3.928  -0.758  1.000 11.067 0 108 TRP AAA CE2 1 ? 
ATOM   867  C  CE3 . TRP A 1 108 ? 0.970   -5.864  0.566   1.000 11.630 0 108 TRP AAA CE3 1 ? 
ATOM   868  C  CZ2 . TRP A 1 108 ? -0.922  -4.059  -0.496  1.000 11.053 0 108 TRP AAA CZ2 1 ? 
ATOM   869  C  CZ3 . TRP A 1 108 ? -0.368  -6.032  0.805   1.000 11.510 0 108 TRP AAA CZ3 1 ? 
ATOM   870  C  CH2 . TRP A 1 108 ? -1.299  -5.121  0.293   1.000 10.979 0 108 TRP AAA CH2 1 ? 
ATOM   871  N  N   A VAL A 1 109 ? 6.596   -6.037  -2.558  0.700 11.494 0 109 VAL AAA N   1 ? 
ATOM   872  N  N   B VAL A 1 109 ? 6.590   -6.147  -2.591  0.300 12.055 0 109 VAL AAA N   1 ? 
ATOM   873  C  CA  A VAL A 1 109 ? 7.996   -6.506  -2.629  0.700 12.458 0 109 VAL AAA CA  1 ? 
ATOM   874  C  CA  B VAL A 1 109 ? 8.023   -6.538  -2.664  0.300 13.060 0 109 VAL AAA CA  1 ? 
ATOM   875  C  C   A VAL A 1 109 ? 8.868   -5.724  -1.651  0.700 10.549 0 109 VAL AAA C   1 ? 
ATOM   876  C  C   B VAL A 1 109 ? 8.869   -5.745  -1.661  0.300 12.032 0 109 VAL AAA C   1 ? 
ATOM   877  O  O   A VAL A 1 109 ? 9.777   -6.321  -1.066  0.700 12.835 0 109 VAL AAA O   1 ? 
ATOM   878  O  O   B VAL A 1 109 ? 9.767   -6.371  -1.073  0.300 13.339 0 109 VAL AAA O   1 ? 
ATOM   879  C  CB  A VAL A 1 109 ? 8.483   -6.458  -4.083  0.700 13.786 0 109 VAL AAA CB  1 ? 
ATOM   880  C  CB  B VAL A 1 109 ? 8.551   -6.428  -4.104  0.300 14.177 0 109 VAL AAA CB  1 ? 
ATOM   881  C  CG1 A VAL A 1 109 ? 7.551   -7.242  -4.993  0.700 15.904 0 109 VAL AAA CG1 1 ? 
ATOM   882  C  CG1 B VAL A 1 109 ? 10.070  -6.386  -4.152  0.300 13.938 0 109 VAL AAA CG1 1 ? 
ATOM   883  C  CG2 A VAL A 1 109 ? 8.650   -5.046  -4.575  0.700 14.056 0 109 VAL AAA CG2 1 ? 
ATOM   884  C  CG2 B VAL A 1 109 ? 8.037   -7.589  -4.931  0.300 15.977 0 109 VAL AAA CG2 1 ? 
ATOM   885  N  N   . ALA A 1 110 ? 8.622   -4.451  -1.441  1.000 12.290 0 110 ALA AAA N   1 ? 
ATOM   886  C  CA  . ALA A 1 110 ? 9.433   -3.684  -0.466  1.000 13.193 0 110 ALA AAA CA  1 ? 
ATOM   887  C  C   . ALA A 1 110 ? 9.128   -4.193  0.944   1.000 12.828 0 110 ALA AAA C   1 ? 
ATOM   888  O  O   . ALA A 1 110 ? 10.046  -4.230  1.748   1.000 12.516 0 110 ALA AAA O   1 ? 
ATOM   889  C  CB  . ALA A 1 110 ? 9.212   -2.212  -0.587  1.000 14.458 0 110 ALA AAA CB  1 ? 
ATOM   890  N  N   . TRP A 1 111 ? 7.898   -4.612  1.231   1.000 11.671 0 111 TRP AAA N   1 ? 
ATOM   891  C  CA  . TRP A 1 111 ? 7.609   -5.215  2.533   1.000 11.367 0 111 TRP AAA CA  1 ? 
ATOM   892  C  C   . TRP A 1 111 ? 8.412   -6.496  2.680   1.000 10.698 0 111 TRP AAA C   1 ? 
ATOM   893  O  O   . TRP A 1 111 ? 9.093   -6.699  3.700   1.000 11.086 0 111 TRP AAA O   1 ? 
ATOM   894  C  CB  . TRP A 1 111 ? 6.116   -5.489  2.746   1.000 11.776 0 111 TRP AAA CB  1 ? 
ATOM   895  C  CG  . TRP A 1 111 ? 5.868   -6.177  4.054   1.000 11.642 0 111 TRP AAA CG  1 ? 
ATOM   896  C  CD1 . TRP A 1 111 ? 5.674   -5.577  5.273   1.000 10.967 0 111 TRP AAA CD1 1 ? 
ATOM   897  C  CD2 . TRP A 1 111 ? 5.785   -7.584  4.278   1.000 11.101 0 111 TRP AAA CD2 1 ? 
ATOM   898  N  NE1 . TRP A 1 111 ? 5.510   -6.519  6.211   1.000 11.126 0 111 TRP AAA NE1 1 ? 
ATOM   899  C  CE2 . TRP A 1 111 ? 5.557   -7.768  5.650   1.000 10.801 0 111 TRP AAA CE2 1 ? 
ATOM   900  C  CE3 . TRP A 1 111 ? 5.838   -8.733  3.470   1.000 11.654 0 111 TRP AAA CE3 1 ? 
ATOM   901  C  CZ2 . TRP A 1 111 ? 5.411   -9.028  6.203   1.000 11.407 0 111 TRP AAA CZ2 1 ? 
ATOM   902  C  CZ3 . TRP A 1 111 ? 5.706   -9.969  4.023   1.000 13.097 0 111 TRP AAA CZ3 1 ? 
ATOM   903  C  CH2 . TRP A 1 111 ? 5.459   -10.138 5.386   1.000 12.017 0 111 TRP AAA CH2 1 ? 
ATOM   904  N  N   A ARG A 1 112 ? 8.359   -7.381  1.687   0.700 10.906 0 112 ARG AAA N   1 ? 
ATOM   905  N  N   B ARG A 1 112 ? 8.351   -7.408  1.713   0.300 10.805 0 112 ARG AAA N   1 ? 
ATOM   906  C  CA  A ARG A 1 112 ? 9.060   -8.643  1.823   0.700 12.952 0 112 ARG AAA CA  1 ? 
ATOM   907  C  CA  B ARG A 1 112 ? 9.071   -8.682  1.857   0.300 11.691 0 112 ARG AAA CA  1 ? 
ATOM   908  C  C   A ARG A 1 112 ? 10.564  -8.395  2.030   0.700 11.459 0 112 ARG AAA C   1 ? 
ATOM   909  C  C   B ARG A 1 112 ? 10.575  -8.421  2.033   0.300 11.183 0 112 ARG AAA C   1 ? 
ATOM   910  O  O   A ARG A 1 112 ? 11.188  -9.046  2.843   0.700 12.568 0 112 ARG AAA O   1 ? 
ATOM   911  O  O   B ARG A 1 112 ? 11.203  -9.085  2.865   0.300 11.837 0 112 ARG AAA O   1 ? 
ATOM   912  C  CB  A ARG A 1 112 ? 8.809   -9.500  0.589   0.700 15.659 0 112 ARG AAA CB  1 ? 
ATOM   913  C  CB  B ARG A 1 112 ? 8.797   -9.566  0.647   0.300 12.323 0 112 ARG AAA CB  1 ? 
ATOM   914  C  CG  A ARG A 1 112 ? 9.461   -10.862 0.732   0.700 19.199 0 112 ARG AAA CG  1 ? 
ATOM   915  C  CG  B ARG A 1 112 ? 9.497   -10.907 0.721   0.300 13.271 0 112 ARG AAA CG  1 ? 
ATOM   916  C  CD  A ARG A 1 112 ? 9.419   -11.795 -0.465  0.700 26.261 0 112 ARG AAA CD  1 ? 
ATOM   917  C  CD  B ARG A 1 112 ? 9.046   -11.823 -0.404  0.300 14.713 0 112 ARG AAA CD  1 ? 
ATOM   918  N  NE  A ARG A 1 112 ? 8.413   -11.421 -1.437  0.700 31.480 0 112 ARG AAA NE  1 ? 
ATOM   919  N  NE  B ARG A 1 112 ? 9.838   -11.483 -1.583  0.300 16.595 0 112 ARG AAA NE  1 ? 
ATOM   920  C  CZ  A ARG A 1 112 ? 8.564   -10.579 -2.457  0.700 32.477 0 112 ARG AAA CZ  1 ? 
ATOM   921  C  CZ  B ARG A 1 112 ? 11.124  -11.842 -1.733  0.300 18.668 0 112 ARG AAA CZ  1 ? 
ATOM   922  N  NH1 A ARG A 1 112 ? 9.701   -9.931  -2.661  0.700 35.153 0 112 ARG AAA NH1 1 ? 
ATOM   923  N  NH1 B ARG A 1 112 ? 11.707  -12.590 -0.821  0.300 20.535 0 112 ARG AAA NH1 1 ? 
ATOM   924  N  NH2 A ARG A 1 112 ? 7.521   -10.363 -3.242  0.700 27.007 0 112 ARG AAA NH2 1 ? 
ATOM   925  N  NH2 B ARG A 1 112 ? 11.802  -11.504 -2.805  0.300 21.358 0 112 ARG AAA NH2 1 ? 
ATOM   926  N  N   . ASN A 1 113 ? 11.149  -7.502  1.266   1.000 11.003 0 113 ASN AAA N   1 ? 
ATOM   927  C  CA  . ASN A 1 113 ? 12.616  -7.301  1.267   1.000 11.357 0 113 ASN AAA CA  1 ? 
ATOM   928  C  C   . ASN A 1 113 ? 13.099  -6.424  2.402   1.000 11.505 0 113 ASN AAA C   1 ? 
ATOM   929  O  O   . ASN A 1 113 ? 14.327  -6.551  2.731   1.000 12.706 0 113 ASN AAA O   1 ? 
ATOM   930  C  CB  . ASN A 1 113 ? 13.080  -6.814  -0.090  1.000 11.664 0 113 ASN AAA CB  1 ? 
ATOM   931  C  CG  . ASN A 1 113 ? 12.965  -7.899  -1.158  1.000 13.087 0 113 ASN AAA CG  1 ? 
ATOM   932  O  OD1 . ASN A 1 113 ? 13.037  -9.078  -0.845  1.000 15.171 0 113 ASN AAA OD1 1 ? 
ATOM   933  N  ND2 . ASN A 1 113 ? 12.798  -7.487  -2.408  1.000 13.433 0 113 ASN AAA ND2 1 ? 
ATOM   934  N  N   . ARG A 1 114 ? 12.270  -5.539  2.957   1.000 11.183 0 114 ARG AAA N   1 ? 
ATOM   935  C  CA  . ARG A 1 114 ? 12.778  -4.529  3.901   1.000 12.186 0 114 ARG AAA CA  1 ? 
ATOM   936  C  C   . ARG A 1 114 ? 12.030  -4.552  5.223   1.000 11.940 0 114 ARG AAA C   1 ? 
ATOM   937  O  O   . ARG A 1 114 ? 12.588  -3.966  6.187   1.000 13.267 0 114 ARG AAA O   1 ? 
ATOM   938  C  CB  . ARG A 1 114 ? 12.720  -3.173  3.235   1.000 11.461 0 114 ARG AAA CB  1 ? 
ATOM   939  C  CG  . ARG A 1 114 ? 13.462  -3.187  1.889   1.000 11.565 0 114 ARG AAA CG  1 ? 
ATOM   940  C  CD  . ARG A 1 114 ? 13.450  -1.855  1.233   1.000 12.273 0 114 ARG AAA CD  1 ? 
ATOM   941  N  NE  . ARG A 1 114 ? 14.314  -0.884  1.914   1.000 12.089 0 114 ARG AAA NE  1 ? 
ATOM   942  C  CZ  . ARG A 1 114 ? 14.535  0.350   1.477   1.000 12.932 0 114 ARG AAA CZ  1 ? 
ATOM   943  N  NH1 . ARG A 1 114 ? 13.928  0.767   0.379   1.000 13.315 0 114 ARG AAA NH1 1 ? 
ATOM   944  N  NH2 . ARG A 1 114 ? 15.342  1.133   2.140   1.000 14.258 0 114 ARG AAA NH2 1 ? 
ATOM   945  N  N   . CYS A 1 115 ? 10.875  -5.166  5.344   1.000 10.424 0 115 CYS AAA N   1 ? 
ATOM   946  C  CA  . CYS A 1 115 ? 10.080  -5.142  6.576   1.000 10.287 0 115 CYS AAA CA  1 ? 
ATOM   947  C  C   . CYS A 1 115 ? 9.920   -6.501  7.192   1.000 10.870 0 115 CYS AAA C   1 ? 
ATOM   948  O  O   . CYS A 1 115 ? 9.975   -6.666  8.406   1.000 11.339 0 115 CYS AAA O   1 ? 
ATOM   949  C  CB  . CYS A 1 115 ? 8.709   -4.561  6.320   1.000 10.281 0 115 CYS AAA CB  1 ? 
ATOM   950  S  SG  . CYS A 1 115 ? 8.686   -2.905  5.602   1.000 11.884 0 115 CYS AAA SG  1 ? 
ATOM   951  N  N   . LYS A 1 116 ? 9.656   -7.516  6.386   1.000 11.359 0 116 LYS AAA N   1 ? 
ATOM   952  C  CA  . LYS A 1 116 ? 9.335   -8.874  6.864   1.000 11.470 0 116 LYS AAA CA  1 ? 
ATOM   953  C  C   . LYS A 1 116 ? 10.481  -9.350  7.761   1.000 12.594 0 116 LYS AAA C   1 ? 
ATOM   954  O  O   . LYS A 1 116 ? 11.628  -9.301  7.379   1.000 12.263 0 116 LYS AAA O   1 ? 
ATOM   955  C  CB  . LYS A 1 116 ? 9.161   -9.778  5.646   1.000 11.733 0 116 LYS AAA CB  1 ? 
ATOM   956  C  CG  . LYS A 1 116 ? 8.797   -11.207 5.960   1.000 11.874 0 116 LYS AAA CG  1 ? 
ATOM   957  C  CD  . LYS A 1 116 ? 8.608   -12.017 4.660   1.000 12.534 0 116 LYS AAA CD  1 ? 
ATOM   958  C  CE  . LYS A 1 116 ? 8.067   -13.393 4.949   1.000 13.093 0 116 LYS AAA CE  1 ? 
ATOM   959  N  NZ  . LYS A 1 116 ? 7.916   -14.152 3.668   1.000 13.509 0 116 LYS AAA NZ  1 ? 
ATOM   960  N  N   . GLY A 1 117 ? 10.114  -9.795  8.952   1.000 14.860 0 117 GLY AAA N   1 ? 
ATOM   961  C  CA  . GLY A 1 117 ? 11.075  -10.363 9.886   1.000 16.256 0 117 GLY AAA CA  1 ? 
ATOM   962  C  C   . GLY A 1 117 ? 11.792  -9.332  10.719  1.000 18.054 0 117 GLY AAA C   1 ? 
ATOM   963  O  O   . GLY A 1 117 ? 12.531  -9.753  11.611  1.000 21.278 0 117 GLY AAA O   1 ? 
ATOM   964  N  N   . THR A 1 118 ? 11.614  -8.052  10.463  1.000 14.830 0 118 THR AAA N   1 ? 
ATOM   965  C  CA  . THR A 1 118 ? 12.291  -6.968  11.209  1.000 15.036 0 118 THR AAA CA  1 ? 
ATOM   966  C  C   . THR A 1 118 ? 11.409  -6.502  12.368  1.000 14.981 0 118 THR AAA C   1 ? 
ATOM   967  O  O   . THR A 1 118 ? 10.230  -6.924  12.549  1.000 15.072 0 118 THR AAA O   1 ? 
ATOM   968  C  CB  . THR A 1 118 ? 12.606  -5.775  10.297  1.000 14.986 0 118 THR AAA CB  1 ? 
ATOM   969  O  OG1 . THR A 1 118 ? 11.414  -5.059  10.004  1.000 14.106 0 118 THR AAA OG1 1 ? 
ATOM   970  C  CG2 . THR A 1 118 ? 13.319  -6.134  9.019   1.000 15.363 0 118 THR AAA CG2 1 ? 
ATOM   971  N  N   . ASP A 1 119 ? 11.939  -5.584  13.181  1.000 17.721 0 119 ASP AAA N   1 ? 
ATOM   972  C  CA  . ASP A 1 119 ? 11.215  -4.998  14.321  1.000 17.798 0 119 ASP AAA CA  1 ? 
ATOM   973  C  C   . ASP A 1 119 ? 10.243  -3.952  13.797  1.000 17.777 0 119 ASP AAA C   1 ? 
ATOM   974  O  O   . ASP A 1 119 ? 10.521  -2.722  13.897  1.000 18.884 0 119 ASP AAA O   1 ? 
ATOM   975  C  CB  . ASP A 1 119 ? 12.216  -4.398  15.305  1.000 21.500 0 119 ASP AAA CB  1 ? 
ATOM   976  C  CG  . ASP A 1 119 ? 11.556  -3.780  16.518  1.000 26.946 0 119 ASP AAA CG  1 ? 
ATOM   977  O  OD1 . ASP A 1 119 ? 10.377  -4.067  16.756  1.000 28.374 0 119 ASP AAA OD1 1 ? 
ATOM   978  O  OD2 . ASP A 1 119 ? 12.259  -3.013  17.224  1.000 32.508 0 119 ASP AAA OD2 1 ? 
ATOM   979  N  N   . VAL A 1 120 ? 9.147   -4.382  13.224  1.000 16.504 0 120 VAL AAA N   1 ? 
ATOM   980  C  CA  . VAL A 1 120 ? 8.180   -3.433  12.582  1.000 16.781 0 120 VAL AAA CA  1 ? 
ATOM   981  C  C   . VAL A 1 120 ? 7.459   -2.551  13.607  1.000 18.090 0 120 VAL AAA C   1 ? 
ATOM   982  O  O   . VAL A 1 120 ? 7.044   -1.474  13.236  1.000 17.581 0 120 VAL AAA O   1 ? 
ATOM   983  C  CB  . VAL A 1 120 ? 7.202   -4.134  11.646  1.000 17.369 0 120 VAL AAA CB  1 ? 
ATOM   984  C  CG1 . VAL A 1 120 ? 7.943   -4.759  10.471  1.000 17.623 0 120 VAL AAA CG1 1 ? 
ATOM   985  C  CG2 . VAL A 1 120 ? 6.384   -5.163  12.391  1.000 18.830 0 120 VAL AAA CG2 1 ? 
ATOM   986  N  N   A GLN A 1 121 ? 7.397   -2.949  14.870  0.700 19.889 0 121 GLN AAA N   1 ? 
ATOM   987  N  N   B GLN A 1 121 ? 7.362   -2.966  14.869  0.300 18.709 0 121 GLN AAA N   1 ? 
ATOM   988  C  CA  A GLN A 1 121 ? 6.760   -2.122  15.919  0.700 20.430 0 121 GLN AAA CA  1 ? 
ATOM   989  C  CA  B GLN A 1 121 ? 6.700   -2.132  15.905  0.300 18.956 0 121 GLN AAA CA  1 ? 
ATOM   990  C  C   A GLN A 1 121 ? 7.468   -0.761  15.997  0.700 18.337 0 121 GLN AAA C   1 ? 
ATOM   991  C  C   B GLN A 1 121 ? 7.450   -0.793  16.026  0.300 18.265 0 121 GLN AAA C   1 ? 
ATOM   992  O  O   A GLN A 1 121 ? 6.841   0.267   16.357  0.700 17.930 0 121 GLN AAA O   1 ? 
ATOM   993  O  O   B GLN A 1 121 ? 6.793   0.188   16.429  0.300 19.681 0 121 GLN AAA O   1 ? 
ATOM   994  C  CB  A GLN A 1 121 ? 6.799   -2.880  17.253  0.700 26.434 0 121 GLN AAA CB  1 ? 
ATOM   995  C  CB  B GLN A 1 121 ? 6.569   -2.895  17.231  0.300 20.961 0 121 GLN AAA CB  1 ? 
ATOM   996  C  CG  A GLN A 1 121 ? 5.887   -2.296  18.330  0.700 31.855 0 121 GLN AAA CG  1 ? 
ATOM   997  C  CG  B GLN A 1 121 ? 5.828   -2.133  18.337  0.300 22.686 0 121 GLN AAA CG  1 ? 
ATOM   998  C  CD  A GLN A 1 121 ? 6.499   -1.085  18.984  0.700 34.483 0 121 GLN AAA CD  1 ? 
ATOM   999  C  CD  B GLN A 1 121 ? 4.493   -2.718  18.756  0.300 22.788 0 121 GLN AAA CD  1 ? 
ATOM   1000 O  OE1 A GLN A 1 121 ? 7.716   -0.991  19.143  0.700 33.780 0 121 GLN AAA OE1 1 ? 
ATOM   1001 O  OE1 B GLN A 1 121 ? 4.297   -3.932  18.833  0.300 25.046 0 121 GLN AAA OE1 1 ? 
ATOM   1002 N  NE2 A GLN A 1 121 ? 5.654   -0.129  19.344  0.700 38.202 0 121 GLN AAA NE2 1 ? 
ATOM   1003 N  NE2 B GLN A 1 121 ? 3.566   -1.840  19.102  0.300 22.749 0 121 GLN AAA NE2 1 ? 
ATOM   1004 N  N   . ALA A 1 122 ? 8.730   -0.703  15.633  1.000 17.011 0 122 ALA AAA N   1 ? 
ATOM   1005 C  CA  . ALA A 1 122 ? 9.473   0.557   15.659  1.000 16.544 0 122 ALA AAA CA  1 ? 
ATOM   1006 C  C   . ALA A 1 122 ? 8.720   1.625   14.845  1.000 16.899 0 122 ALA AAA C   1 ? 
ATOM   1007 O  O   . ALA A 1 122 ? 8.858   2.831   15.115  1.000 17.791 0 122 ALA AAA O   1 ? 
ATOM   1008 C  CB  . ALA A 1 122 ? 10.882  0.374   15.188  1.000 19.982 0 122 ALA AAA CB  1 ? 
ATOM   1009 N  N   . TRP A 1 123 ? 8.053   1.243   13.760  1.000 14.489 0 123 TRP AAA N   1 ? 
ATOM   1010 C  CA  . TRP A 1 123 ? 7.391   2.206   12.865  1.000 14.217 0 123 TRP AAA CA  1 ? 
ATOM   1011 C  C   . TRP A 1 123 ? 6.206   2.896   13.532  1.000 14.619 0 123 TRP AAA C   1 ? 
ATOM   1012 O  O   . TRP A 1 123 ? 5.748   3.878   12.968  1.000 16.485 0 123 TRP AAA O   1 ? 
ATOM   1013 C  CB  . TRP A 1 123 ? 6.958   1.493   11.565  1.000 13.847 0 123 TRP AAA CB  1 ? 
ATOM   1014 C  CG  . TRP A 1 123 ? 8.166   1.157   10.789  1.000 14.507 0 123 TRP AAA CG  1 ? 
ATOM   1015 C  CD1 . TRP A 1 123 ? 8.770   -0.059  10.776  1.000 15.659 0 123 TRP AAA CD1 1 ? 
ATOM   1016 C  CD2 . TRP A 1 123 ? 8.991   2.065   10.052  1.000 14.323 0 123 TRP AAA CD2 1 ? 
ATOM   1017 N  NE1 . TRP A 1 123 ? 9.914   0.033   10.048  1.000 16.309 0 123 TRP AAA NE1 1 ? 
ATOM   1018 C  CE2 . TRP A 1 123 ? 10.068  1.291   9.567   1.000 14.552 0 123 TRP AAA CE2 1 ? 
ATOM   1019 C  CE3 . TRP A 1 123 ? 8.876   3.416   9.733   1.000 16.073 0 123 TRP AAA CE3 1 ? 
ATOM   1020 C  CZ2 . TRP A 1 123 ? 11.070  1.867   8.799   1.000 18.558 0 123 TRP AAA CZ2 1 ? 
ATOM   1021 C  CZ3 . TRP A 1 123 ? 9.887   3.990   8.978   1.000 18.121 0 123 TRP AAA CZ3 1 ? 
ATOM   1022 C  CH2 . TRP A 1 123 ? 10.969  3.213   8.529   1.000 18.626 0 123 TRP AAA CH2 1 ? 
ATOM   1023 N  N   . ILE A 1 124 ? 5.683   2.374   14.631  1.000 15.451 0 124 ILE AAA N   1 ? 
ATOM   1024 C  CA  . ILE A 1 124 ? 4.585   3.107   15.323  1.000 15.373 0 124 ILE AAA CA  1 ? 
ATOM   1025 C  C   . ILE A 1 124 ? 5.113   3.628   16.678  1.000 16.260 0 124 ILE AAA C   1 ? 
ATOM   1026 O  O   . ILE A 1 124 ? 4.250   4.149   17.440  1.000 17.873 0 124 ILE AAA O   1 ? 
ATOM   1027 C  CB  . ILE A 1 124 ? 3.337   2.244   15.427  1.000 18.958 0 124 ILE AAA CB  1 ? 
ATOM   1028 C  CG1 . ILE A 1 124 ? 3.592   0.958   16.216  1.000 22.463 0 124 ILE AAA CG1 1 ? 
ATOM   1029 C  CG2 . ILE A 1 124 ? 2.816   1.955   14.025  1.000 18.630 0 124 ILE AAA CG2 1 ? 
ATOM   1030 C  CD1 . ILE A 1 124 ? 2.330   0.299   16.691  1.000 26.655 0 124 ILE AAA CD1 1 ? 
ATOM   1031 N  N   . ARG A 1 125 ? 6.418   3.631   16.944  1.000 17.352 0 125 ARG AAA N   1 ? 
ATOM   1032 C  CA  . ARG A 1 125 ? 7.007   4.164   18.219  1.000 22.572 0 125 ARG AAA CA  1 ? 
ATOM   1033 C  C   . ARG A 1 125 ? 6.623   5.629   18.325  1.000 22.002 0 125 ARG AAA C   1 ? 
ATOM   1034 O  O   . ARG A 1 125 ? 6.716   6.388   17.360  1.000 23.697 0 125 ARG AAA O   1 ? 
ATOM   1035 C  CB  . ARG A 1 125 ? 8.538   4.000   18.323  1.000 28.533 0 125 ARG AAA CB  1 ? 
ATOM   1036 C  CG  . ARG A 1 125 ? 9.385   4.472   17.146  1.000 39.883 0 125 ARG AAA CG  1 ? 
ATOM   1037 C  CD  . ARG A 1 125 ? 9.742   5.946   17.035  1.000 47.547 0 125 ARG AAA CD  1 ? 
ATOM   1038 N  NE  . ARG A 1 125 ? 11.026  6.257   16.381  1.000 51.630 0 125 ARG AAA NE  1 ? 
ATOM   1039 C  CZ  . ARG A 1 125 ? 11.363  6.013   15.104  1.000 57.362 0 125 ARG AAA CZ  1 ? 
ATOM   1040 N  NH1 . ARG A 1 125 ? 10.542  5.385   14.270  1.000 56.637 0 125 ARG AAA NH1 1 ? 
ATOM   1041 N  NH2 . ARG A 1 125 ? 12.560  6.384   14.671  1.000 56.461 0 125 ARG AAA NH2 1 ? 
ATOM   1042 N  N   . GLY A 1 126 ? 6.212   6.042   19.525  1.000 22.406 0 126 GLY AAA N   1 ? 
ATOM   1043 C  CA  . GLY A 1 126 ? 5.991   7.461   19.776  1.000 22.708 0 126 GLY AAA CA  1 ? 
ATOM   1044 C  C   . GLY A 1 126 ? 4.633   7.925   19.334  1.000 22.095 0 126 GLY AAA C   1 ? 
ATOM   1045 O  O   . GLY A 1 126 ? 4.202   8.961   19.803  1.000 27.707 0 126 GLY AAA O   1 ? 
ATOM   1046 N  N   . CYS A 1 127 ? 3.886   7.122   18.589  1.000 18.333 0 127 CYS AAA N   1 ? 
ATOM   1047 C  CA  . CYS A 1 127 ? 2.589   7.587   18.072  1.000 18.406 0 127 CYS AAA CA  1 ? 
ATOM   1048 C  C   . CYS A 1 127 ? 1.529   7.370   19.138  1.000 18.965 0 127 CYS AAA C   1 ? 
ATOM   1049 O  O   . CYS A 1 127 ? 1.483   6.320   19.783  1.000 20.062 0 127 CYS AAA O   1 ? 
ATOM   1050 C  CB  . CYS A 1 127 ? 2.203   6.854   16.795  1.000 18.241 0 127 CYS AAA CB  1 ? 
ATOM   1051 S  SG  . CYS A 1 127 ? 3.450   6.873   15.474  1.000 18.469 0 127 CYS AAA SG  1 ? 
ATOM   1052 N  N   A ARG A 1 128 ? 0.627   8.335   19.208  0.700 21.822 0 128 ARG AAA N   1 ? 
ATOM   1053 N  N   B ARG A 1 128 ? 0.670   8.378   19.329  0.300 19.317 0 128 ARG AAA N   1 ? 
ATOM   1054 C  CA  A ARG A 1 128 ? -0.550  8.286   20.087  0.700 26.225 0 128 ARG AAA CA  1 ? 
ATOM   1055 C  CA  B ARG A 1 128 ? -0.538  8.267   20.192  0.300 20.245 0 128 ARG AAA CA  1 ? 
ATOM   1056 C  C   A ARG A 1 128 ? -1.678  7.673   19.269  0.700 28.266 0 128 ARG AAA C   1 ? 
ATOM   1057 C  C   B ARG A 1 128 ? -1.658  7.690   19.324  0.300 23.488 0 128 ARG AAA C   1 ? 
ATOM   1058 O  O   A ARG A 1 128 ? -2.219  8.360   18.363  0.700 34.560 0 128 ARG AAA O   1 ? 
ATOM   1059 O  O   B ARG A 1 128 ? -2.211  8.443   18.481  0.300 24.953 0 128 ARG AAA O   1 ? 
ATOM   1060 C  CB  A ARG A 1 128 ? -0.858  9.705   20.537  0.700 29.382 0 128 ARG AAA CB  1 ? 
ATOM   1061 C  CB  B ARG A 1 128 ? -0.938  9.613   20.806  0.300 18.779 0 128 ARG AAA CB  1 ? 
ATOM   1062 C  CG  A ARG A 1 128 ? -1.322  9.808   21.971  0.700 31.588 0 128 ARG AAA CG  1 ? 
ATOM   1063 C  CG  B ARG A 1 128 ? -1.918  9.498   21.966  0.300 18.055 0 128 ARG AAA CG  1 ? 
ATOM   1064 C  CD  A ARG A 1 128 ? -1.520  11.281  22.206  0.700 32.270 0 128 ARG AAA CD  1 ? 
ATOM   1065 C  CD  B ARG A 1 128 ? -1.364  8.783   23.187  0.300 18.040 0 128 ARG AAA CD  1 ? 
ATOM   1066 N  NE  A ARG A 1 128 ? -0.841  12.168  21.263  0.700 32.943 0 128 ARG AAA NE  1 ? 
ATOM   1067 N  NE  B ARG A 1 128 ? -2.417  8.727   24.187  0.300 18.171 0 128 ARG AAA NE  1 ? 
ATOM   1068 C  CZ  A ARG A 1 128 ? 0.273   12.833  21.531  0.700 28.776 0 128 ARG AAA CZ  1 ? 
ATOM   1069 C  CZ  B ARG A 1 128 ? -3.367  7.806   24.233  0.300 19.506 0 128 ARG AAA CZ  1 ? 
ATOM   1070 N  NH1 A ARG A 1 128 ? 0.856   12.635  22.702  0.700 27.672 0 128 ARG AAA NH1 1 ? 
ATOM   1071 N  NH1 B ARG A 1 128 ? -3.400  6.834   23.336  0.300 21.159 0 128 ARG AAA NH1 1 ? 
ATOM   1072 N  NH2 A ARG A 1 128 ? 0.782   13.689  20.650  0.700 25.776 0 128 ARG AAA NH2 1 ? 
ATOM   1073 N  NH2 B ARG A 1 128 ? -4.300  7.869   25.167  0.300 20.108 0 128 ARG AAA NH2 1 ? 
ATOM   1074 N  N   . LEU A 1 129 ? -1.942  6.400   19.511  1.000 27.898 0 129 LEU AAA N   1 ? 
ATOM   1075 C  CA  . LEU A 1 129 ? -2.783  5.581   18.610  1.000 33.781 0 129 LEU AAA CA  1 ? 
ATOM   1076 C  C   . LEU A 1 129 ? -3.914  4.995   19.448  1.000 38.277 0 129 LEU AAA C   1 ? 
ATOM   1077 O  O   . LEU A 1 129 ? -4.971  4.837   18.843  1.000 41.710 0 129 LEU AAA O   1 ? 
ATOM   1078 C  CB  . LEU A 1 129 ? -1.923  4.454   18.033  1.000 32.263 0 129 LEU AAA CB  1 ? 
ATOM   1079 C  CG  . LEU A 1 129 ? -1.511  4.496   16.557  1.000 36.431 0 129 LEU AAA CG  1 ? 
ATOM   1080 C  CD1 . LEU A 1 129 ? -1.696  5.848   15.879  1.000 37.507 0 129 LEU AAA CD1 1 ? 
ATOM   1081 C  CD2 . LEU A 1 129 ? -0.080  4.022   16.423  1.000 32.801 0 129 LEU AAA CD2 1 ? 
ATOM   1082 O  OXT . LEU A 1 129 ? -3.766  4.680   20.656  1.000 46.080 0 129 LEU AAA OXT 1 ? 
HETATM 1083 NA NA  . NA  B 2 .   ? -5.723  -2.554  -14.896 1.000 19.977 0 201 NA  AAA NA  1 ? 
HETATM 1084 N  N1  . EPE C 3 .   ? 6.619   -4.999  -9.369  0.600 16.601 0 202 EPE AAA N1  1 ? 
HETATM 1085 C  C2  . EPE C 3 .   ? 7.095   -4.142  -8.267  0.600 16.458 0 202 EPE AAA C2  1 ? 
HETATM 1086 C  C3  . EPE C 3 .   ? 6.266   -4.288  -7.013  0.600 14.370 0 202 EPE AAA C3  1 ? 
HETATM 1087 N  N4  . EPE C 3 .   ? 4.852   -3.997  -7.284  0.600 13.045 0 202 EPE AAA N4  1 ? 
HETATM 1088 C  C5  . EPE C 3 .   ? 4.400   -4.927  -8.334  0.600 15.407 0 202 EPE AAA C5  1 ? 
HETATM 1089 C  C6  . EPE C 3 .   ? 5.192   -4.746  -9.595  0.600 16.033 0 202 EPE AAA C6  1 ? 
HETATM 1090 C  C7  . EPE C 3 .   ? 4.012   -4.168  -6.101  0.600 13.591 0 202 EPE AAA C7  1 ? 
HETATM 1091 C  C8  . EPE C 3 .   ? 4.384   -3.288  -4.943  0.600 12.583 0 202 EPE AAA C8  1 ? 
HETATM 1092 O  O8  . EPE C 3 .   ? 5.462   -3.887  -4.236  0.600 10.949 0 202 EPE AAA O8  1 ? 
HETATM 1093 C  C9  . EPE C 3 .   ? 7.355   -4.810  -10.652 0.600 18.265 0 202 EPE AAA C9  1 ? 
HETATM 1094 C  C10 . EPE C 3 .   ? 8.828   -5.131  -10.671 0.600 19.451 0 202 EPE AAA C10 1 ? 
HETATM 1095 S  S   . EPE C 3 .   ? 9.442   -5.160  -12.334 0.600 19.776 0 202 EPE AAA S   1 ? 
HETATM 1096 O  O1S . EPE C 3 .   ? 10.921  -5.318  -12.032 0.600 21.770 0 202 EPE AAA O1S 1 ? 
HETATM 1097 O  O2S . EPE C 3 .   ? 9.217   -3.855  -12.883 0.600 16.978 0 202 EPE AAA O2S 1 ? 
HETATM 1098 O  O3S . EPE C 3 .   ? 8.889   -6.315  -12.966 0.600 22.071 0 202 EPE AAA O3S 1 ? 
HETATM 1099 V  V1  A V4O D 4 .   ? 0.804   18.298  0.991   0.700 33.054 0 203 V4O AAA V1  1 ? 
HETATM 1100 O  O0  A V4O D 4 .   ? 1.991   16.903  1.063   0.700 29.031 0 203 V4O AAA O0  1 ? 
HETATM 1101 O  O1  A V4O D 4 .   ? 1.216   19.592  2.067   0.700 36.164 0 203 V4O AAA O1  1 ? 
HETATM 1102 V  V2  A V4O D 4 .   ? -2.872  17.991  1.180   0.700 34.920 0 203 V4O AAA V2  1 ? 
HETATM 1103 O  O2  A V4O D 4 .   ? -3.230  19.724  0.823   0.700 36.514 0 203 V4O AAA O2  1 ? 
HETATM 1104 O  O3  A V4O D 4 .   ? -1.003  17.871  1.565   0.700 37.152 0 203 V4O AAA O3  1 ? 
HETATM 1105 O  O4  A V4O D 4 .   ? -3.790  17.239  2.508   0.700 40.584 0 203 V4O AAA O4  1 ? 
HETATM 1106 V  V3  A V4O D 4 .   ? -2.952  16.861  -1.937  0.700 23.617 0 203 V4O AAA V3  1 ? 
HETATM 1107 O  O5  A V4O D 4 .   ? -2.308  15.283  -2.424  0.700 19.678 0 203 V4O AAA O5  1 ? 
HETATM 1108 O  O6  A V4O D 4 .   ? -3.173  16.929  -0.241  0.700 29.102 0 203 V4O AAA O6  1 ? 
HETATM 1109 O  O7  A V4O D 4 .   ? -4.441  17.063  -2.637  0.700 27.607 0 203 V4O AAA O7  1 ? 
HETATM 1110 V  V4  A V4O D 4 .   ? -0.238  18.356  -2.104  0.700 25.095 0 203 V4O AAA V4  1 ? 
HETATM 1111 O  O8  A V4O D 4 .   ? -1.891  18.079  -2.362  0.700 23.260 0 203 V4O AAA O8  1 ? 
HETATM 1112 O  O9  A V4O D 4 .   ? 0.234   19.071  -0.531  0.700 31.610 0 203 V4O AAA O9  1 ? 
HETATM 1113 O  O10 A V4O D 4 .   ? 0.370   19.222  -3.561  0.700 24.448 0 203 V4O AAA O10 1 ? 
HETATM 1114 O  O11 A V4O D 4 .   ? 0.533   16.800  -2.138  0.700 26.556 0 203 V4O AAA O11 1 ? 
HETATM 1115 V  V5  . VVB E 5 .   ? 4.154   12.672  12.452  0.500 30.503 0 204 VVB AAA V5  1 ? 
HETATM 1116 O  O12 . VVB E 5 .   ? 5.073   11.241  12.802  1.000 24.328 0 204 VVB AAA O12 1 ? 
HETATM 1117 O  O13 . VVB E 5 .   ? 2.846   12.299  11.721  1.000 22.586 0 204 VVB AAA O13 1 ? 
HETATM 1118 O  O   . HOH F 6 .   ? 7.401   1.336   19.134  1.000 45.177 0 301 HOH AAA O   1 ? 
HETATM 1119 O  O   . HOH F 6 .   ? -11.089 1.953   3.684   1.000 44.657 0 302 HOH AAA O   1 ? 
HETATM 1120 O  O   . HOH F 6 .   ? -1.637  -8.311  14.251  1.000 35.870 0 303 HOH AAA O   1 ? 
HETATM 1121 O  O   . HOH F 6 .   ? -4.110  13.752  8.342   1.000 32.042 0 304 HOH AAA O   1 ? 
HETATM 1122 O  O   . HOH F 6 .   ? 1.550   21.205  -0.605  1.000 50.141 0 305 HOH AAA O   1 ? 
HETATM 1123 O  O   . HOH F 6 .   ? -7.102  2.106   -22.893 1.000 34.907 0 306 HOH AAA O   1 ? 
HETATM 1124 O  O   . HOH F 6 .   ? -13.558 6.928   3.842   1.000 37.602 0 307 HOH AAA O   1 ? 
HETATM 1125 O  O   . HOH F 6 .   ? 1.274   15.444  6.307   1.000 36.419 0 308 HOH AAA O   1 ? 
HETATM 1126 O  O   . HOH F 6 .   ? 7.380   -1.569  -5.291  1.000 31.304 0 309 HOH AAA O   1 ? 
HETATM 1127 O  O   . HOH F 6 .   ? -2.298  6.263   -1.887  1.000 18.978 0 310 HOH AAA O   1 ? 
HETATM 1128 O  O   . HOH F 6 .   ? -5.873  12.613  4.203   1.000 35.901 0 311 HOH AAA O   1 ? 
HETATM 1129 O  O   . HOH F 6 .   ? 7.718   -0.381  -9.549  1.000 33.911 0 312 HOH AAA O   1 ? 
HETATM 1130 O  O   . HOH F 6 .   ? -11.656 -4.131  0.471   1.000 36.915 0 313 HOH AAA O   1 ? 
HETATM 1131 O  O   . HOH F 6 .   ? -10.321 11.250  -2.960  1.000 47.241 0 314 HOH AAA O   1 ? 
HETATM 1132 O  O   . HOH F 6 .   ? -3.051  13.888  -4.507  1.000 20.055 0 315 HOH AAA O   1 ? 
HETATM 1133 O  O   . HOH F 6 .   ? -8.598  -10.927 -2.352  1.000 28.808 0 316 HOH AAA O   1 ? 
HETATM 1134 O  O   . HOH F 6 .   ? -4.273  7.647   -1.022  1.000 20.765 0 317 HOH AAA O   1 ? 
HETATM 1135 O  O   . HOH F 6 .   ? -10.929 -6.604  -13.730 1.000 38.307 0 318 HOH AAA O   1 ? 
HETATM 1136 O  O   . HOH F 6 .   ? 9.698   -8.686  -12.122 1.000 43.583 0 319 HOH AAA O   1 ? 
HETATM 1137 O  O   . HOH F 6 .   ? -3.490  9.313   27.231  1.000 40.559 0 320 HOH AAA O   1 ? 
HETATM 1138 O  O   . HOH F 6 .   ? 0.798   1.573   -16.782 1.000 14.531 0 321 HOH AAA O   1 ? 
HETATM 1139 O  O   . HOH F 6 .   ? 10.982  -7.424  -14.475 1.000 42.749 0 322 HOH AAA O   1 ? 
HETATM 1140 O  O   . HOH F 6 .   ? 14.679  -2.452  6.822   1.000 17.242 0 323 HOH AAA O   1 ? 
HETATM 1141 O  O   . HOH F 6 .   ? 6.963   11.944  5.932   1.000 20.910 0 324 HOH AAA O   1 ? 
HETATM 1142 O  O   . HOH F 6 .   ? 7.539   -7.375  -8.587  1.000 37.143 0 325 HOH AAA O   1 ? 
HETATM 1143 O  O   . HOH F 6 .   ? 14.258  -11.012 0.542   1.000 29.249 0 326 HOH AAA O   1 ? 
HETATM 1144 O  O   . HOH F 6 .   ? -3.377  -13.658 1.383   1.000 17.462 0 327 HOH AAA O   1 ? 
HETATM 1145 O  O   . HOH F 6 .   ? 1.338   -8.018  -20.511 1.000 40.613 0 328 HOH AAA O   1 ? 
HETATM 1146 O  O   . HOH F 6 .   ? 9.321   6.360   -11.203 1.000 39.561 0 329 HOH AAA O   1 ? 
HETATM 1147 O  O   . HOH F 6 .   ? 2.417   -6.255  -12.874 1.000 27.903 0 330 HOH AAA O   1 ? 
HETATM 1148 O  O   . HOH F 6 .   ? 12.250  -11.540 3.164   1.000 29.611 0 331 HOH AAA O   1 ? 
HETATM 1149 O  O   . HOH F 6 .   ? 6.726   -5.840  -14.485 1.000 20.460 0 332 HOH AAA O   1 ? 
HETATM 1150 O  O   . HOH F 6 .   ? 1.688   -0.770  -21.190 1.000 34.517 0 333 HOH AAA O   1 ? 
HETATM 1151 O  O   . HOH F 6 .   ? 6.253   4.308   21.584  1.000 38.065 0 334 HOH AAA O   1 ? 
HETATM 1152 O  O   . HOH F 6 .   ? 12.574  -1.589  12.572  1.000 23.080 0 335 HOH AAA O   1 ? 
HETATM 1153 O  O   . HOH F 6 .   ? 8.021   11.344  0.699   1.000 35.628 0 336 HOH AAA O   1 ? 
HETATM 1154 O  O   . HOH F 6 .   ? 3.590   -8.007  -6.287  1.000 30.811 0 337 HOH AAA O   1 ? 
HETATM 1155 O  O   . HOH F 6 .   ? 4.418   10.109  -9.169  1.000 13.860 0 338 HOH AAA O   1 ? 
HETATM 1156 O  O   . HOH F 6 .   ? 9.999   0.528   -3.226  1.000 22.636 0 339 HOH AAA O   1 ? 
HETATM 1157 O  O   . HOH F 6 .   ? 2.387   3.739   19.400  1.000 22.632 0 340 HOH AAA O   1 ? 
HETATM 1158 O  O   . HOH F 6 .   ? -0.836  -11.983 13.770  1.000 19.751 0 341 HOH AAA O   1 ? 
HETATM 1159 O  O   A HOH F 6 .   ? -0.686  -13.934 5.131   0.700 14.603 0 342 HOH AAA O   1 ? 
HETATM 1160 O  O   B HOH F 6 .   ? -2.325  -14.691 5.995   0.300 14.506 0 342 HOH AAA O   1 ? 
HETATM 1161 O  O   . HOH F 6 .   ? 10.428  -1.044  18.760  1.000 39.353 0 343 HOH AAA O   1 ? 
HETATM 1162 O  O   . HOH F 6 .   ? -6.992  -16.138 -0.417  1.000 47.095 0 344 HOH AAA O   1 ? 
HETATM 1163 O  O   . HOH F 6 .   ? -8.315  -9.611  9.392   1.000 32.775 0 345 HOH AAA O   1 ? 
HETATM 1164 O  O   . HOH F 6 .   ? -14.786 3.024   -10.056 1.000 47.497 0 346 HOH AAA O   1 ? 
HETATM 1165 O  O   . HOH F 6 .   ? -0.843  5.410   21.823  1.000 36.230 0 347 HOH AAA O   1 ? 
HETATM 1166 O  O   . HOH F 6 .   ? -1.439  -11.338 -1.351  1.000 16.788 0 348 HOH AAA O   1 ? 
HETATM 1167 O  O   . HOH F 6 .   ? 8.400   -8.837  11.807  1.000 20.314 0 349 HOH AAA O   1 ? 
HETATM 1168 O  O   . HOH F 6 .   ? -10.448 0.868   -3.585  1.000 21.980 0 350 HOH AAA O   1 ? 
HETATM 1169 O  O   . HOH F 6 .   ? 2.420   14.422  -2.507  1.000 15.648 0 351 HOH AAA O   1 ? 
HETATM 1170 O  O   . HOH F 6 .   ? 11.686  -2.309  10.112  1.000 18.205 0 352 HOH AAA O   1 ? 
HETATM 1171 O  O   . HOH F 6 .   ? 4.990   7.065   -13.399 0.500 19.905 0 353 HOH AAA O   1 ? 
HETATM 1172 O  O   . HOH F 6 .   ? -4.345  10.680  10.104  1.000 26.261 0 354 HOH AAA O   1 ? 
HETATM 1173 O  O   . HOH F 6 .   ? -6.941  -0.987  12.579  1.000 21.623 0 355 HOH AAA O   1 ? 
HETATM 1174 O  O   . HOH F 6 .   ? -9.333  0.394   -19.630 1.000 34.435 0 356 HOH AAA O   1 ? 
HETATM 1175 O  O   . HOH F 6 .   ? -7.250  -15.092 -4.747  1.000 47.528 0 357 HOH AAA O   1 ? 
HETATM 1176 O  O   . HOH F 6 .   ? 6.853   -8.814  9.581   1.000 17.463 0 358 HOH AAA O   1 ? 
HETATM 1177 O  O   . HOH F 6 .   ? 14.234  -9.998  8.112   1.000 28.468 0 359 HOH AAA O   1 ? 
HETATM 1178 O  O   . HOH F 6 .   ? -2.026  -13.938 -4.001  1.000 43.850 0 360 HOH AAA O   1 ? 
HETATM 1179 O  O   . HOH F 6 .   ? -5.785  6.269   16.579  0.500 35.522 0 361 HOH AAA O   1 ? 
HETATM 1180 O  O   . HOH F 6 .   ? 2.489   14.736  10.387  1.000 48.249 0 362 HOH AAA O   1 ? 
HETATM 1181 O  O   . HOH F 6 .   ? 8.395   10.866  3.803   1.000 25.768 0 363 HOH AAA O   1 ? 
HETATM 1182 O  O   A HOH F 6 .   ? 11.512  5.230   1.458   0.700 21.193 0 364 HOH AAA O   1 ? 
HETATM 1183 O  O   B HOH F 6 .   ? 13.483  5.927   0.559   0.300 16.862 0 364 HOH AAA O   1 ? 
HETATM 1184 O  O   . HOH F 6 .   ? 6.770   0.318   -6.946  1.000 21.045 0 365 HOH AAA O   1 ? 
HETATM 1185 O  O   . HOH F 6 .   ? 10.612  -14.516 2.996   1.000 22.585 0 366 HOH AAA O   1 ? 
HETATM 1186 O  O   . HOH F 6 .   ? 3.422   16.686  -1.337  1.000 18.283 0 367 HOH AAA O   1 ? 
HETATM 1187 O  O   . HOH F 6 .   ? 14.709  -5.161  13.011  1.000 24.001 0 368 HOH AAA O   1 ? 
HETATM 1188 O  O   . HOH F 6 .   ? 8.100   5.004   -4.715  1.000 27.391 0 369 HOH AAA O   1 ? 
HETATM 1189 O  O   . HOH F 6 .   ? -9.829  7.443   -1.370  1.000 20.749 0 370 HOH AAA O   1 ? 
HETATM 1190 O  O   . HOH F 6 .   ? -6.119  11.665  -7.382  1.000 26.938 0 371 HOH AAA O   1 ? 
HETATM 1191 O  O   . HOH F 6 .   ? -0.663  -12.995 9.370   1.000 20.759 0 372 HOH AAA O   1 ? 
HETATM 1192 O  O   . HOH F 6 .   ? 7.598   9.089   -3.167  1.000 21.576 0 373 HOH AAA O   1 ? 
HETATM 1193 O  O   . HOH F 6 .   ? -9.432  9.692   -9.242  1.000 28.780 0 374 HOH AAA O   1 ? 
HETATM 1194 O  O   . HOH F 6 .   ? 7.048   -13.663 -2.504  1.000 41.272 0 375 HOH AAA O   1 ? 
HETATM 1195 O  O   . HOH F 6 .   ? -9.835  8.102   -3.934  1.000 24.537 0 376 HOH AAA O   1 ? 
HETATM 1196 O  O   . HOH F 6 .   ? -10.656 -8.279  1.710   1.000 36.138 0 377 HOH AAA O   1 ? 
HETATM 1197 O  O   . HOH F 6 .   ? -14.706 0.355   -6.308  1.000 44.872 0 378 HOH AAA O   1 ? 
HETATM 1198 O  O   A HOH F 6 .   ? -0.214  21.846  -4.512  0.700 23.186 0 379 HOH AAA O   1 ? 
HETATM 1199 O  O   . HOH F 6 .   ? 1.354   6.668   -21.329 1.000 24.634 0 380 HOH AAA O   1 ? 
HETATM 1200 O  O   . HOH F 6 .   ? 15.681  -1.397  4.369   1.000 15.685 0 381 HOH AAA O   1 ? 
HETATM 1201 O  O   . HOH F 6 .   ? 8.172   -5.728  16.023  1.000 33.808 0 382 HOH AAA O   1 ? 
HETATM 1202 O  O   . HOH F 6 .   ? -2.907  -16.292 -4.772  1.000 44.315 0 383 HOH AAA O   1 ? 
HETATM 1203 O  O   . HOH F 6 .   ? -5.077  -0.601  -16.186 1.000 17.069 0 384 HOH AAA O   1 ? 
HETATM 1204 O  O   . HOH F 6 .   ? -12.485 3.891   12.872  1.000 26.797 0 385 HOH AAA O   1 ? 
HETATM 1205 O  O   . HOH F 6 .   ? -5.953  14.527  -3.173  1.000 26.338 0 386 HOH AAA O   1 ? 
HETATM 1206 O  O   . HOH F 6 .   ? -6.937  5.721   14.507  1.000 21.981 0 387 HOH AAA O   1 ? 
HETATM 1207 O  O   . HOH F 6 .   ? -1.620  2.768   -2.884  1.000 12.979 0 388 HOH AAA O   1 ? 
HETATM 1208 O  O   . HOH F 6 .   ? -9.354  -3.971  -16.986 1.000 42.695 0 389 HOH AAA O   1 ? 
HETATM 1209 O  O   . HOH F 6 .   ? 12.300  -8.992  14.400  1.000 41.123 0 390 HOH AAA O   1 ? 
HETATM 1210 O  O   . HOH F 6 .   ? -7.141  -10.323 12.754  1.000 35.067 0 391 HOH AAA O   1 ? 
HETATM 1211 O  O   . HOH F 6 .   ? -7.167  9.381   10.434  1.000 24.353 0 392 HOH AAA O   1 ? 
HETATM 1212 O  O   . HOH F 6 .   ? -13.510 6.787   9.424   1.000 36.354 0 393 HOH AAA O   1 ? 
HETATM 1213 O  O   . HOH F 6 .   ? 7.654   -0.050  -18.938 1.000 32.668 0 394 HOH AAA O   1 ? 
HETATM 1214 O  O   . HOH F 6 .   ? 8.753   4.963   -13.431 1.000 25.466 0 395 HOH AAA O   1 ? 
HETATM 1215 O  O   . HOH F 6 .   ? -7.321  9.361   4.499   1.000 29.258 0 396 HOH AAA O   1 ? 
HETATM 1216 O  O   . HOH F 6 .   ? 0.205   -4.115  -6.212  1.000 27.941 0 397 HOH AAA O   1 ? 
HETATM 1217 O  O   . HOH F 6 .   ? 3.046   -2.858  15.052  1.000 28.872 0 398 HOH AAA O   1 ? 
HETATM 1218 O  O   . HOH F 6 .   ? 13.023  -8.133  5.086   1.000 17.282 0 399 HOH AAA O   1 ? 
HETATM 1219 O  O   . HOH F 6 .   ? -1.352  -18.008 -3.188  1.000 39.587 0 400 HOH AAA O   1 ? 
HETATM 1220 O  O   . HOH F 6 .   ? -11.595 -1.513  -3.994  1.000 28.857 0 401 HOH AAA O   1 ? 
HETATM 1221 O  O   . HOH F 6 .   ? -6.602  6.414   -1.955  1.000 19.874 0 402 HOH AAA O   1 ? 
HETATM 1222 O  O   . HOH F 6 .   ? 1.936   -8.840  12.696  1.000 17.296 0 403 HOH AAA O   1 ? 
HETATM 1223 O  O   . HOH F 6 .   ? -13.897 -3.709  -12.571 1.000 40.630 0 404 HOH AAA O   1 ? 
HETATM 1224 O  O   . HOH F 6 .   ? -14.461 2.334   3.056   1.000 47.816 0 405 HOH AAA O   1 ? 
HETATM 1225 O  O   . HOH F 6 .   ? -5.410  -0.546  -18.889 1.000 24.713 0 406 HOH AAA O   1 ? 
HETATM 1226 O  O   . HOH F 6 .   ? 7.259   11.375  10.076  1.000 38.084 0 407 HOH AAA O   1 ? 
HETATM 1227 O  O   . HOH F 6 .   ? -12.580 -6.555  4.731   1.000 43.732 0 408 HOH AAA O   1 ? 
HETATM 1228 O  O   . HOH F 6 .   ? 1.025   -5.112  -4.028  1.000 26.143 0 409 HOH AAA O   1 ? 
HETATM 1229 O  O   . HOH F 6 .   ? -2.639  11.636  24.794  1.000 33.103 0 410 HOH AAA O   1 ? 
HETATM 1230 O  O   . HOH F 6 .   ? -8.435  -5.298  11.364  1.000 39.605 0 411 HOH AAA O   1 ? 
HETATM 1231 O  O   . HOH F 6 .   ? 5.215   -8.496  12.547  1.000 22.246 0 412 HOH AAA O   1 ? 
HETATM 1232 O  O   . HOH F 6 .   ? -12.560 -4.315  7.198   1.000 37.701 0 413 HOH AAA O   1 ? 
HETATM 1233 O  O   . HOH F 6 .   ? -9.709  8.877   5.157   1.000 35.098 0 414 HOH AAA O   1 ? 
HETATM 1234 O  O   . HOH F 6 .   ? -11.361 -10.144 -6.316  1.000 52.031 0 415 HOH AAA O   1 ? 
HETATM 1235 O  O   A HOH F 6 .   ? 10.426  2.513   -12.033 0.700 35.298 0 416 HOH AAA O   1 ? 
HETATM 1236 O  O   . HOH F 6 .   ? 7.356   -15.913 1.243   1.000 29.074 0 417 HOH AAA O   1 ? 
HETATM 1237 O  O   . HOH F 6 .   ? -11.830 -1.231  -15.880 1.000 39.820 0 418 HOH AAA O   1 ? 
HETATM 1238 O  O   . HOH F 6 .   ? -9.989  -13.383 -0.235  1.000 47.503 0 419 HOH AAA O   1 ? 
HETATM 1239 O  O   . HOH F 6 .   ? -3.422  -9.091  -15.873 1.000 45.530 0 420 HOH AAA O   1 ? 
HETATM 1240 O  O   . HOH F 6 .   ? -7.722  -2.084  -16.097 1.000 22.918 0 421 HOH AAA O   1 ? 
HETATM 1241 O  O   . HOH F 6 .   ? -0.462  8.728   15.753  1.000 34.729 0 422 HOH AAA O   1 ? 
HETATM 1242 O  O   . HOH F 6 .   ? 9.129   9.118   17.774  1.000 46.415 0 423 HOH AAA O   1 ? 
HETATM 1243 O  O   . HOH F 6 .   ? 3.211   11.342  18.021  1.000 40.079 0 424 HOH AAA O   1 ? 
HETATM 1244 O  O   . HOH F 6 .   ? -6.866  10.562  6.524   1.000 41.642 0 425 HOH AAA O   1 ? 
HETATM 1245 O  O   . HOH F 6 .   ? -4.740  -1.041  -22.172 1.000 50.993 0 426 HOH AAA O   1 ? 
HETATM 1246 O  O   . HOH F 6 .   ? -0.787  -8.812  -6.593  1.000 43.450 0 427 HOH AAA O   1 ? 
HETATM 1247 O  O   . HOH F 6 .   ? -13.079 -3.738  -3.885  1.000 56.866 0 428 HOH AAA O   1 ? 
HETATM 1248 O  O   . HOH F 6 .   ? 1.752   -11.989 -4.606  1.000 40.663 0 429 HOH AAA O   1 ? 
HETATM 1249 O  O   . HOH F 6 .   ? 14.912  -11.519 10.472  1.000 34.667 0 430 HOH AAA O   1 ? 
HETATM 1250 O  O   . HOH F 6 .   ? -8.553  14.877  -2.125  1.000 51.661 0 431 HOH AAA O   1 ? 
HETATM 1251 O  O   A HOH F 6 .   ? -6.047  -12.572 11.406  0.700 41.477 0 432 HOH AAA O   1 ? 
HETATM 1252 O  O   B HOH F 6 .   ? -7.194  -11.837 10.819  0.300 22.460 0 432 HOH AAA O   1 ? 
HETATM 1253 O  O   . HOH F 6 .   ? 10.075  10.150  13.831  1.000 39.565 0 433 HOH AAA O   1 ? 
HETATM 1254 O  O   . HOH F 6 .   ? 11.401  2.981   12.191  1.000 34.335 0 434 HOH AAA O   1 ? 
HETATM 1255 O  O   . HOH F 6 .   ? -2.019  0.654   17.338  1.000 56.145 0 435 HOH AAA O   1 ? 
HETATM 1256 O  O   . HOH F 6 .   ? 6.072   0.960   -20.779 1.000 43.131 0 436 HOH AAA O   1 ? 
HETATM 1257 O  O   . HOH F 6 .   ? -3.128  -11.554 -8.351  1.000 51.899 0 437 HOH AAA O   1 ? 
HETATM 1258 O  O   . HOH F 6 .   ? -3.893  -14.882 8.129   1.000 40.335 0 438 HOH AAA O   1 ? 
HETATM 1259 O  O   . HOH F 6 .   ? 0.215   -2.214  16.575  1.000 34.484 0 439 HOH AAA O   1 ? 
HETATM 1260 O  O   . HOH F 6 .   ? -2.882  4.749   -23.161 1.000 35.565 0 440 HOH AAA O   1 ? 
HETATM 1261 O  O   . HOH F 6 .   ? 4.519   13.929  14.884  1.000 58.999 0 441 HOH AAA O   1 ? 
HETATM 1262 O  O   . HOH F 6 .   ? 5.082   17.953  2.367   1.000 37.572 0 442 HOH AAA O   1 ? 
HETATM 1263 O  O   . HOH F 6 .   ? -12.744 7.747   -0.977  1.000 39.490 0 443 HOH AAA O   1 ? 
HETATM 1264 O  O   . HOH F 6 .   ? 11.112  -13.173 8.023   1.000 20.968 0 444 HOH AAA O   1 ? 
HETATM 1265 O  O   . HOH F 6 .   ? 9.946   5.442   -2.820  1.000 35.744 0 445 HOH AAA O   1 ? 
HETATM 1266 O  O   . HOH F 6 .   ? 9.575   12.882  1.945   1.000 42.688 0 446 HOH AAA O   1 ? 
HETATM 1267 O  O   . HOH F 6 .   ? -0.936  -11.902 -3.926  1.000 33.896 0 447 HOH AAA O   1 ? 
HETATM 1268 O  O   . HOH F 6 .   ? -17.044 -4.368  -11.896 1.000 47.580 0 448 HOH AAA O   1 ? 
HETATM 1269 O  O   . HOH F 6 .   ? 10.773  1.125   19.073  1.000 53.191 0 449 HOH AAA O   1 ? 
HETATM 1270 O  O   . HOH F 6 .   ? -6.821  -14.676 7.279   1.000 46.897 0 450 HOH AAA O   1 ? 
HETATM 1271 O  O   . HOH F 6 .   ? -6.773  13.352  -5.573  1.000 44.279 0 451 HOH AAA O   1 ? 
HETATM 1272 O  O   . HOH F 6 .   ? -11.368 -5.409  -16.119 1.000 42.805 0 452 HOH AAA O   1 ? 
HETATM 1273 O  O   . HOH F 6 .   ? -15.504 -2.842  -5.526  1.000 49.284 0 453 HOH AAA O   1 ? 
HETATM 1274 O  O   . HOH F 6 .   ? 13.504  -0.709  8.665   1.000 26.807 0 454 HOH AAA O   1 ? 
HETATM 1275 O  O   . HOH F 6 .   ? 7.039   13.692  10.364  1.000 44.580 0 455 HOH AAA O   1 ? 
HETATM 1276 O  O   . HOH F 6 .   ? 14.202  -3.408  -17.713 1.000 54.598 0 456 HOH AAA O   1 ? 
HETATM 1277 O  O   . HOH F 6 .   ? 13.736  -15.851 0.380   1.000 47.656 0 457 HOH AAA O   1 ? 
HETATM 1278 O  O   B HOH F 6 .   ? -12.668 3.076   -14.292 0.300 12.950 0 458 HOH AAA O   1 ? 
HETATM 1279 O  O   . HOH F 6 .   ? 5.882   17.337  -0.038  1.000 28.310 0 459 HOH AAA O   1 ? 
HETATM 1280 O  O   . HOH F 6 .   ? 9.046   -11.175 13.161  1.000 26.912 0 460 HOH AAA O   1 ? 
HETATM 1281 O  O   B HOH F 6 .   ? -12.730 4.662   -15.369 0.300 24.782 0 461 HOH AAA O   1 ? 
HETATM 1282 O  O   . HOH F 6 .   ? -4.979  11.588  8.013   1.000 38.577 0 462 HOH AAA O   1 ? 
HETATM 1283 O  O   . HOH F 6 .   ? 13.018  1.275   12.478  1.000 30.064 0 463 HOH AAA O   1 ? 
HETATM 1284 O  O   . HOH F 6 .   ? -10.713 -10.671 -0.991  1.000 43.361 0 464 HOH AAA O   1 ? 
HETATM 1285 O  O   . HOH F 6 .   ? -14.436 5.046   10.783  1.000 46.529 0 465 HOH AAA O   1 ? 
HETATM 1286 O  O   . HOH F 6 .   ? 10.215  8.257   9.083   1.000 39.668 0 466 HOH AAA O   1 ? 
HETATM 1287 O  O   . HOH F 6 .   ? -9.620  10.354  -6.547  1.000 38.870 0 467 HOH AAA O   1 ? 
HETATM 1288 O  O   . HOH F 6 .   ? -12.581 2.429   -3.299  1.000 31.095 0 468 HOH AAA O   1 ? 
HETATM 1289 O  O   . HOH F 6 .   ? -12.239 -6.913  0.175   1.000 43.962 0 469 HOH AAA O   1 ? 
HETATM 1290 O  O   . HOH F 6 .   ? -7.063  17.939  -6.039  1.000 45.310 0 470 HOH AAA O   1 ? 
HETATM 1291 O  O   . HOH F 6 .   ? 15.148  -2.869  11.733  1.000 32.766 0 471 HOH AAA O   1 ? 
HETATM 1292 O  O   . HOH F 6 .   ? 11.998  -13.243 5.348   1.000 26.565 0 472 HOH AAA O   1 ? 
HETATM 1293 O  O   . HOH F 6 .   ? 16.132  -7.040  11.717  1.000 31.910 0 473 HOH AAA O   1 ? 
HETATM 1294 O  O   . HOH F 6 .   ? -14.406 5.207   -8.602  1.000 50.868 0 474 HOH AAA O   1 ? 
HETATM 1295 O  O   . HOH F 6 .   ? 1.656   17.961  6.721   1.000 44.861 0 475 HOH AAA O   1 ? 
HETATM 1296 O  O   . HOH F 6 .   ? 14.244  4.461   7.541   1.000 37.071 0 476 HOH AAA O   1 ? 
HETATM 1297 O  O   . HOH F 6 .   ? -11.974 6.872   -4.855  1.000 34.923 0 477 HOH AAA O   1 ? 
HETATM 1298 O  O   . HOH F 6 .   ? 10.330  4.724   -15.593 0.500 39.874 0 478 HOH AAA O   1 ? 
# 
